data_6B28
# 
_entry.id   6B28 
# 
_audit_conform.dict_name       mmcif_pdbx.dic 
_audit_conform.dict_version    5.387 
_audit_conform.dict_location   http://mmcif.pdb.org/dictionaries/ascii/mmcif_pdbx.dic 
# 
loop_
_database_2.database_id 
_database_2.database_code 
_database_2.pdbx_database_accession 
_database_2.pdbx_DOI 
PDB   6B28         pdb_00006b28 10.2210/pdb6b28/pdb 
WWPDB D_1000230020 ?            ?                   
# 
loop_
_pdbx_audit_revision_history.ordinal 
_pdbx_audit_revision_history.data_content_type 
_pdbx_audit_revision_history.major_revision 
_pdbx_audit_revision_history.minor_revision 
_pdbx_audit_revision_history.revision_date 
1 'Structure model' 1 0 2017-10-25 
2 'Structure model' 1 1 2017-11-08 
3 'Structure model' 1 2 2017-11-22 
4 'Structure model' 1 3 2017-12-06 
5 'Structure model' 1 4 2020-01-08 
6 'Structure model' 1 5 2024-03-13 
# 
_pdbx_audit_revision_details.ordinal             1 
_pdbx_audit_revision_details.revision_ordinal    1 
_pdbx_audit_revision_details.data_content_type   'Structure model' 
_pdbx_audit_revision_details.provider            repository 
_pdbx_audit_revision_details.type                'Initial release' 
_pdbx_audit_revision_details.description         ? 
_pdbx_audit_revision_details.details             ? 
# 
loop_
_pdbx_audit_revision_group.ordinal 
_pdbx_audit_revision_group.revision_ordinal 
_pdbx_audit_revision_group.data_content_type 
_pdbx_audit_revision_group.group 
1 2 'Structure model' 'Database references'        
2 3 'Structure model' 'Database references'        
3 4 'Structure model' 'Author supporting evidence' 
4 5 'Structure model' 'Author supporting evidence' 
5 6 'Structure model' 'Data collection'            
6 6 'Structure model' 'Database references'        
# 
loop_
_pdbx_audit_revision_category.ordinal 
_pdbx_audit_revision_category.revision_ordinal 
_pdbx_audit_revision_category.data_content_type 
_pdbx_audit_revision_category.category 
1 2 'Structure model' citation           
2 3 'Structure model' citation           
3 4 'Structure model' pdbx_audit_support 
4 5 'Structure model' pdbx_audit_support 
5 6 'Structure model' chem_comp_atom     
6 6 'Structure model' chem_comp_bond     
7 6 'Structure model' database_2         
# 
loop_
_pdbx_audit_revision_item.ordinal 
_pdbx_audit_revision_item.revision_ordinal 
_pdbx_audit_revision_item.data_content_type 
_pdbx_audit_revision_item.item 
1  2 'Structure model' '_citation.country'                        
2  2 'Structure model' '_citation.journal_abbrev'                 
3  2 'Structure model' '_citation.journal_id_ASTM'                
4  2 'Structure model' '_citation.journal_id_CSD'                 
5  2 'Structure model' '_citation.journal_id_ISSN'                
6  2 'Structure model' '_citation.pdbx_database_id_DOI'           
7  2 'Structure model' '_citation.pdbx_database_id_PubMed'        
8  2 'Structure model' '_citation.title'                          
9  2 'Structure model' '_citation.year'                           
10 3 'Structure model' '_citation.journal_volume'                 
11 3 'Structure model' '_citation.page_first'                     
12 3 'Structure model' '_citation.page_last'                      
13 4 'Structure model' '_pdbx_audit_support.funding_organization' 
14 5 'Structure model' '_pdbx_audit_support.funding_organization' 
15 6 'Structure model' '_database_2.pdbx_DOI'                     
16 6 'Structure model' '_database_2.pdbx_database_accession'      
# 
_pdbx_database_status.status_code                     REL 
_pdbx_database_status.status_code_sf                  REL 
_pdbx_database_status.status_code_mr                  ? 
_pdbx_database_status.entry_id                        6B28 
_pdbx_database_status.recvd_initial_deposition_date   2017-09-19 
_pdbx_database_status.SG_entry                        N 
_pdbx_database_status.deposit_site                    RCSB 
_pdbx_database_status.process_site                    RCSB 
_pdbx_database_status.status_code_cs                  ? 
_pdbx_database_status.methods_development_category    ? 
_pdbx_database_status.pdb_format_compatible           Y 
_pdbx_database_status.status_code_nmr_data            ? 
# 
loop_
_audit_author.name 
_audit_author.pdbx_ordinal 
_audit_author.identifier_ORCID 
'Wong King Yuen, S.M.' 1 ? 
'Tung, C.C.'           2 ? 
'Van Petegem, F.'      3 ? 
# 
_citation.abstract                  ? 
_citation.abstract_id_CAS           ? 
_citation.book_id_ISBN              ? 
_citation.book_publisher            ? 
_citation.book_publisher_city       ? 
_citation.book_title                ? 
_citation.coordinate_linkage        ? 
_citation.country                   US 
_citation.database_id_Medline       ? 
_citation.details                   ? 
_citation.id                        primary 
_citation.journal_abbrev            'Proc. Natl. Acad. Sci. U.S.A.' 
_citation.journal_id_ASTM           PNASA6 
_citation.journal_id_CSD            0040 
_citation.journal_id_ISSN           1091-6490 
_citation.journal_full              ? 
_citation.journal_issue             ? 
_citation.journal_volume            114 
_citation.language                  ? 
_citation.page_first                E9520 
_citation.page_last                 E9528 
_citation.title                     'Structural insights into binding of STAC proteins to voltage-gated calcium channels.' 
_citation.year                      2017 
_citation.database_id_CSD           ? 
_citation.pdbx_database_id_DOI      10.1073/pnas.1708852114 
_citation.pdbx_database_id_PubMed   29078335 
_citation.unpublished_flag          ? 
# 
loop_
_citation_author.citation_id 
_citation_author.name 
_citation_author.ordinal 
_citation_author.identifier_ORCID 
primary 'Wong King Yuen, S.M.' 1 ? 
primary 'Campiglio, M.'        2 ? 
primary 'Tung, C.C.'           3 ? 
primary 'Flucher, B.E.'        4 ? 
primary 'Van Petegem, F.'      5 ? 
# 
loop_
_entity.id 
_entity.type 
_entity.src_method 
_entity.pdbx_description 
_entity.formula_weight 
_entity.pdbx_number_of_molecules 
_entity.pdbx_ec 
_entity.pdbx_mutation 
_entity.pdbx_fragment 
_entity.details 
1 polymer man 'SH3 and cysteine-rich domain-containing protein 2' 13456.213 1  ? ? 'residues 296-411' ? 
2 water   nat water                                               18.015    33 ? ? ?                  ? 
# 
_entity_name_com.entity_id   1 
_entity_name_com.name        '24b2/STAC2,Src homology 3 and cysteine-rich domain-containing protein 2' 
# 
_entity_poly.entity_id                      1 
_entity_poly.type                           'polypeptide(L)' 
_entity_poly.nstd_linkage                   no 
_entity_poly.nstd_monomer                   no 
_entity_poly.pdbx_seq_one_letter_code       
;SNANSYVALYKFLPQENNDLALQPGDRIMLVDDSNEDWWKGKIGDRVGFFPANFVIRVRPGENVWRCCQPFSGNKEQGYM
SLKENQICVGVGRSKDADGFIRVSSGKKRGLVPVDALTEI
;
_entity_poly.pdbx_seq_one_letter_code_can   
;SNANSYVALYKFLPQENNDLALQPGDRIMLVDDSNEDWWKGKIGDRVGFFPANFVIRVRPGENVWRCCQPFSGNKEQGYM
SLKENQICVGVGRSKDADGFIRVSSGKKRGLVPVDALTEI
;
_entity_poly.pdbx_strand_id                 A 
_entity_poly.pdbx_target_identifier         ? 
# 
_pdbx_entity_nonpoly.entity_id   2 
_pdbx_entity_nonpoly.name        water 
_pdbx_entity_nonpoly.comp_id     HOH 
# 
loop_
_entity_poly_seq.entity_id 
_entity_poly_seq.num 
_entity_poly_seq.mon_id 
_entity_poly_seq.hetero 
1 1   SER n 
1 2   ASN n 
1 3   ALA n 
1 4   ASN n 
1 5   SER n 
1 6   TYR n 
1 7   VAL n 
1 8   ALA n 
1 9   LEU n 
1 10  TYR n 
1 11  LYS n 
1 12  PHE n 
1 13  LEU n 
1 14  PRO n 
1 15  GLN n 
1 16  GLU n 
1 17  ASN n 
1 18  ASN n 
1 19  ASP n 
1 20  LEU n 
1 21  ALA n 
1 22  LEU n 
1 23  GLN n 
1 24  PRO n 
1 25  GLY n 
1 26  ASP n 
1 27  ARG n 
1 28  ILE n 
1 29  MET n 
1 30  LEU n 
1 31  VAL n 
1 32  ASP n 
1 33  ASP n 
1 34  SER n 
1 35  ASN n 
1 36  GLU n 
1 37  ASP n 
1 38  TRP n 
1 39  TRP n 
1 40  LYS n 
1 41  GLY n 
1 42  LYS n 
1 43  ILE n 
1 44  GLY n 
1 45  ASP n 
1 46  ARG n 
1 47  VAL n 
1 48  GLY n 
1 49  PHE n 
1 50  PHE n 
1 51  PRO n 
1 52  ALA n 
1 53  ASN n 
1 54  PHE n 
1 55  VAL n 
1 56  ILE n 
1 57  ARG n 
1 58  VAL n 
1 59  ARG n 
1 60  PRO n 
1 61  GLY n 
1 62  GLU n 
1 63  ASN n 
1 64  VAL n 
1 65  TRP n 
1 66  ARG n 
1 67  CYS n 
1 68  CYS n 
1 69  GLN n 
1 70  PRO n 
1 71  PHE n 
1 72  SER n 
1 73  GLY n 
1 74  ASN n 
1 75  LYS n 
1 76  GLU n 
1 77  GLN n 
1 78  GLY n 
1 79  TYR n 
1 80  MET n 
1 81  SER n 
1 82  LEU n 
1 83  LYS n 
1 84  GLU n 
1 85  ASN n 
1 86  GLN n 
1 87  ILE n 
1 88  CYS n 
1 89  VAL n 
1 90  GLY n 
1 91  VAL n 
1 92  GLY n 
1 93  ARG n 
1 94  SER n 
1 95  LYS n 
1 96  ASP n 
1 97  ALA n 
1 98  ASP n 
1 99  GLY n 
1 100 PHE n 
1 101 ILE n 
1 102 ARG n 
1 103 VAL n 
1 104 SER n 
1 105 SER n 
1 106 GLY n 
1 107 LYS n 
1 108 LYS n 
1 109 ARG n 
1 110 GLY n 
1 111 LEU n 
1 112 VAL n 
1 113 PRO n 
1 114 VAL n 
1 115 ASP n 
1 116 ALA n 
1 117 LEU n 
1 118 THR n 
1 119 GLU n 
1 120 ILE n 
# 
_entity_src_gen.entity_id                          1 
_entity_src_gen.pdbx_src_id                        1 
_entity_src_gen.pdbx_alt_source_flag               sample 
_entity_src_gen.pdbx_seq_type                      'Biological sequence' 
_entity_src_gen.pdbx_beg_seq_num                   1 
_entity_src_gen.pdbx_end_seq_num                   120 
_entity_src_gen.gene_src_common_name               Human 
_entity_src_gen.gene_src_genus                     ? 
_entity_src_gen.pdbx_gene_src_gene                 STAC2 
_entity_src_gen.gene_src_species                   ? 
_entity_src_gen.gene_src_strain                    ? 
_entity_src_gen.gene_src_tissue                    ? 
_entity_src_gen.gene_src_tissue_fraction           ? 
_entity_src_gen.gene_src_details                   ? 
_entity_src_gen.pdbx_gene_src_fragment             ? 
_entity_src_gen.pdbx_gene_src_scientific_name      'Homo sapiens' 
_entity_src_gen.pdbx_gene_src_ncbi_taxonomy_id     9606 
_entity_src_gen.pdbx_gene_src_variant              ? 
_entity_src_gen.pdbx_gene_src_cell_line            ? 
_entity_src_gen.pdbx_gene_src_atcc                 ? 
_entity_src_gen.pdbx_gene_src_organ                ? 
_entity_src_gen.pdbx_gene_src_organelle            ? 
_entity_src_gen.pdbx_gene_src_cell                 ? 
_entity_src_gen.pdbx_gene_src_cellular_location    ? 
_entity_src_gen.host_org_common_name               ? 
_entity_src_gen.pdbx_host_org_scientific_name      'Escherichia coli' 
_entity_src_gen.pdbx_host_org_ncbi_taxonomy_id     562 
_entity_src_gen.host_org_genus                     ? 
_entity_src_gen.pdbx_host_org_gene                 ? 
_entity_src_gen.pdbx_host_org_organ                ? 
_entity_src_gen.host_org_species                   ? 
_entity_src_gen.pdbx_host_org_tissue               ? 
_entity_src_gen.pdbx_host_org_tissue_fraction      ? 
_entity_src_gen.pdbx_host_org_strain               ? 
_entity_src_gen.pdbx_host_org_variant              ? 
_entity_src_gen.pdbx_host_org_cell_line            ? 
_entity_src_gen.pdbx_host_org_atcc                 ? 
_entity_src_gen.pdbx_host_org_culture_collection   ? 
_entity_src_gen.pdbx_host_org_cell                 ? 
_entity_src_gen.pdbx_host_org_organelle            ? 
_entity_src_gen.pdbx_host_org_cellular_location    ? 
_entity_src_gen.pdbx_host_org_vector_type          ? 
_entity_src_gen.pdbx_host_org_vector               ? 
_entity_src_gen.host_org_details                   ? 
_entity_src_gen.expression_system_id               ? 
_entity_src_gen.plasmid_name                       ? 
_entity_src_gen.plasmid_details                    ? 
_entity_src_gen.pdbx_description                   ? 
# 
loop_
_chem_comp.id 
_chem_comp.type 
_chem_comp.mon_nstd_flag 
_chem_comp.name 
_chem_comp.pdbx_synonyms 
_chem_comp.formula 
_chem_comp.formula_weight 
ALA 'L-peptide linking' y ALANINE         ? 'C3 H7 N O2'     89.093  
ARG 'L-peptide linking' y ARGININE        ? 'C6 H15 N4 O2 1' 175.209 
ASN 'L-peptide linking' y ASPARAGINE      ? 'C4 H8 N2 O3'    132.118 
ASP 'L-peptide linking' y 'ASPARTIC ACID' ? 'C4 H7 N O4'     133.103 
CYS 'L-peptide linking' y CYSTEINE        ? 'C3 H7 N O2 S'   121.158 
GLN 'L-peptide linking' y GLUTAMINE       ? 'C5 H10 N2 O3'   146.144 
GLU 'L-peptide linking' y 'GLUTAMIC ACID' ? 'C5 H9 N O4'     147.129 
GLY 'peptide linking'   y GLYCINE         ? 'C2 H5 N O2'     75.067  
HOH non-polymer         . WATER           ? 'H2 O'           18.015  
ILE 'L-peptide linking' y ISOLEUCINE      ? 'C6 H13 N O2'    131.173 
LEU 'L-peptide linking' y LEUCINE         ? 'C6 H13 N O2'    131.173 
LYS 'L-peptide linking' y LYSINE          ? 'C6 H15 N2 O2 1' 147.195 
MET 'L-peptide linking' y METHIONINE      ? 'C5 H11 N O2 S'  149.211 
PHE 'L-peptide linking' y PHENYLALANINE   ? 'C9 H11 N O2'    165.189 
PRO 'L-peptide linking' y PROLINE         ? 'C5 H9 N O2'     115.130 
SER 'L-peptide linking' y SERINE          ? 'C3 H7 N O3'     105.093 
THR 'L-peptide linking' y THREONINE       ? 'C4 H9 N O3'     119.119 
TRP 'L-peptide linking' y TRYPTOPHAN      ? 'C11 H12 N2 O2'  204.225 
TYR 'L-peptide linking' y TYROSINE        ? 'C9 H11 N O3'    181.189 
VAL 'L-peptide linking' y VALINE          ? 'C5 H11 N O2'    117.146 
# 
loop_
_pdbx_poly_seq_scheme.asym_id 
_pdbx_poly_seq_scheme.entity_id 
_pdbx_poly_seq_scheme.seq_id 
_pdbx_poly_seq_scheme.mon_id 
_pdbx_poly_seq_scheme.ndb_seq_num 
_pdbx_poly_seq_scheme.pdb_seq_num 
_pdbx_poly_seq_scheme.auth_seq_num 
_pdbx_poly_seq_scheme.pdb_mon_id 
_pdbx_poly_seq_scheme.auth_mon_id 
_pdbx_poly_seq_scheme.pdb_strand_id 
_pdbx_poly_seq_scheme.pdb_ins_code 
_pdbx_poly_seq_scheme.hetero 
A 1 1   SER 1   292 ?   ?   ?   A . n 
A 1 2   ASN 2   293 ?   ?   ?   A . n 
A 1 3   ALA 3   294 ?   ?   ?   A . n 
A 1 4   ASN 4   295 ?   ?   ?   A . n 
A 1 5   SER 5   296 296 SER SER A . n 
A 1 6   TYR 6   297 297 TYR TYR A . n 
A 1 7   VAL 7   298 298 VAL VAL A . n 
A 1 8   ALA 8   299 299 ALA ALA A . n 
A 1 9   LEU 9   300 300 LEU LEU A . n 
A 1 10  TYR 10  301 301 TYR TYR A . n 
A 1 11  LYS 11  302 302 LYS LYS A . n 
A 1 12  PHE 12  303 303 PHE PHE A . n 
A 1 13  LEU 13  304 304 LEU LEU A . n 
A 1 14  PRO 14  305 305 PRO PRO A . n 
A 1 15  GLN 15  306 306 GLN GLN A . n 
A 1 16  GLU 16  307 307 GLU GLU A . n 
A 1 17  ASN 17  308 308 ASN ASN A . n 
A 1 18  ASN 18  309 309 ASN ASN A . n 
A 1 19  ASP 19  310 310 ASP ASP A . n 
A 1 20  LEU 20  311 311 LEU LEU A . n 
A 1 21  ALA 21  312 312 ALA ALA A . n 
A 1 22  LEU 22  313 313 LEU LEU A . n 
A 1 23  GLN 23  314 314 GLN GLN A . n 
A 1 24  PRO 24  315 315 PRO PRO A . n 
A 1 25  GLY 25  316 316 GLY GLY A . n 
A 1 26  ASP 26  317 317 ASP ASP A . n 
A 1 27  ARG 27  318 318 ARG ARG A . n 
A 1 28  ILE 28  319 319 ILE ILE A . n 
A 1 29  MET 29  320 320 MET MET A . n 
A 1 30  LEU 30  321 321 LEU LEU A . n 
A 1 31  VAL 31  322 322 VAL VAL A . n 
A 1 32  ASP 32  323 323 ASP ASP A . n 
A 1 33  ASP 33  324 324 ASP ASP A . n 
A 1 34  SER 34  325 325 SER SER A . n 
A 1 35  ASN 35  326 326 ASN ASN A . n 
A 1 36  GLU 36  327 327 GLU GLU A . n 
A 1 37  ASP 37  328 328 ASP ASP A . n 
A 1 38  TRP 38  329 329 TRP TRP A . n 
A 1 39  TRP 39  330 330 TRP TRP A . n 
A 1 40  LYS 40  331 331 LYS LYS A . n 
A 1 41  GLY 41  332 332 GLY GLY A . n 
A 1 42  LYS 42  333 333 LYS LYS A . n 
A 1 43  ILE 43  334 334 ILE ILE A . n 
A 1 44  GLY 44  335 335 GLY GLY A . n 
A 1 45  ASP 45  336 336 ASP ASP A . n 
A 1 46  ARG 46  337 337 ARG ARG A . n 
A 1 47  VAL 47  338 338 VAL VAL A . n 
A 1 48  GLY 48  339 339 GLY GLY A . n 
A 1 49  PHE 49  340 340 PHE PHE A . n 
A 1 50  PHE 50  341 341 PHE PHE A . n 
A 1 51  PRO 51  342 342 PRO PRO A . n 
A 1 52  ALA 52  343 343 ALA ALA A . n 
A 1 53  ASN 53  344 344 ASN ASN A . n 
A 1 54  PHE 54  345 345 PHE PHE A . n 
A 1 55  VAL 55  346 346 VAL VAL A . n 
A 1 56  ILE 56  347 347 ILE ILE A . n 
A 1 57  ARG 57  348 348 ARG ARG A . n 
A 1 58  VAL 58  349 349 VAL VAL A . n 
A 1 59  ARG 59  350 350 ARG ARG A . n 
A 1 60  PRO 60  351 351 PRO PRO A . n 
A 1 61  GLY 61  352 352 GLY GLY A . n 
A 1 62  GLU 62  353 353 GLU GLU A . n 
A 1 63  ASN 63  354 354 ASN ASN A . n 
A 1 64  VAL 64  355 355 VAL VAL A . n 
A 1 65  TRP 65  356 356 TRP TRP A . n 
A 1 66  ARG 66  357 357 ARG ARG A . n 
A 1 67  CYS 67  358 358 CYS CYS A . n 
A 1 68  CYS 68  359 359 CYS CYS A . n 
A 1 69  GLN 69  360 360 GLN GLN A . n 
A 1 70  PRO 70  361 361 PRO PRO A . n 
A 1 71  PHE 71  362 362 PHE PHE A . n 
A 1 72  SER 72  363 363 SER SER A . n 
A 1 73  GLY 73  364 364 GLY GLY A . n 
A 1 74  ASN 74  365 365 ASN ASN A . n 
A 1 75  LYS 75  366 366 LYS LYS A . n 
A 1 76  GLU 76  367 367 GLU GLU A . n 
A 1 77  GLN 77  368 368 GLN GLN A . n 
A 1 78  GLY 78  369 ?   ?   ?   A . n 
A 1 79  TYR 79  370 370 TYR TYR A . n 
A 1 80  MET 80  371 371 MET MET A . n 
A 1 81  SER 81  372 372 SER SER A . n 
A 1 82  LEU 82  373 373 LEU LEU A . n 
A 1 83  LYS 83  374 374 LYS LYS A . n 
A 1 84  GLU 84  375 375 GLU GLU A . n 
A 1 85  ASN 85  376 376 ASN ASN A . n 
A 1 86  GLN 86  377 377 GLN GLN A . n 
A 1 87  ILE 87  378 378 ILE ILE A . n 
A 1 88  CYS 88  379 379 CYS CYS A . n 
A 1 89  VAL 89  380 380 VAL VAL A . n 
A 1 90  GLY 90  381 381 GLY GLY A . n 
A 1 91  VAL 91  382 ?   ?   ?   A . n 
A 1 92  GLY 92  383 ?   ?   ?   A . n 
A 1 93  ARG 93  384 ?   ?   ?   A . n 
A 1 94  SER 94  385 ?   ?   ?   A . n 
A 1 95  LYS 95  386 ?   ?   ?   A . n 
A 1 96  ASP 96  387 ?   ?   ?   A . n 
A 1 97  ALA 97  388 ?   ?   ?   A . n 
A 1 98  ASP 98  389 389 ASP ASP A . n 
A 1 99  GLY 99  390 390 GLY GLY A . n 
A 1 100 PHE 100 391 391 PHE PHE A . n 
A 1 101 ILE 101 392 392 ILE ILE A . n 
A 1 102 ARG 102 393 393 ARG ARG A . n 
A 1 103 VAL 103 394 394 VAL VAL A . n 
A 1 104 SER 104 395 395 SER SER A . n 
A 1 105 SER 105 396 396 SER SER A . n 
A 1 106 GLY 106 397 397 GLY GLY A . n 
A 1 107 LYS 107 398 398 LYS LYS A . n 
A 1 108 LYS 108 399 399 LYS LYS A . n 
A 1 109 ARG 109 400 400 ARG ARG A . n 
A 1 110 GLY 110 401 401 GLY GLY A . n 
A 1 111 LEU 111 402 402 LEU LEU A . n 
A 1 112 VAL 112 403 403 VAL VAL A . n 
A 1 113 PRO 113 404 404 PRO PRO A . n 
A 1 114 VAL 114 405 405 VAL VAL A . n 
A 1 115 ASP 115 406 406 ASP ASP A . n 
A 1 116 ALA 116 407 407 ALA ALA A . n 
A 1 117 LEU 117 408 408 LEU LEU A . n 
A 1 118 THR 118 409 409 THR THR A . n 
A 1 119 GLU 119 410 410 GLU GLU A . n 
A 1 120 ILE 120 411 411 ILE ILE A . n 
# 
loop_
_pdbx_nonpoly_scheme.asym_id 
_pdbx_nonpoly_scheme.entity_id 
_pdbx_nonpoly_scheme.mon_id 
_pdbx_nonpoly_scheme.ndb_seq_num 
_pdbx_nonpoly_scheme.pdb_seq_num 
_pdbx_nonpoly_scheme.auth_seq_num 
_pdbx_nonpoly_scheme.pdb_mon_id 
_pdbx_nonpoly_scheme.auth_mon_id 
_pdbx_nonpoly_scheme.pdb_strand_id 
_pdbx_nonpoly_scheme.pdb_ins_code 
B 2 HOH 1  501 31 HOH HOH A . 
B 2 HOH 2  502 32 HOH HOH A . 
B 2 HOH 3  503 9  HOH HOH A . 
B 2 HOH 4  504 33 HOH HOH A . 
B 2 HOH 5  505 16 HOH HOH A . 
B 2 HOH 6  506 17 HOH HOH A . 
B 2 HOH 7  507 25 HOH HOH A . 
B 2 HOH 8  508 6  HOH HOH A . 
B 2 HOH 9  509 21 HOH HOH A . 
B 2 HOH 10 510 8  HOH HOH A . 
B 2 HOH 11 511 4  HOH HOH A . 
B 2 HOH 12 512 5  HOH HOH A . 
B 2 HOH 13 513 18 HOH HOH A . 
B 2 HOH 14 514 11 HOH HOH A . 
B 2 HOH 15 515 37 HOH HOH A . 
B 2 HOH 16 516 28 HOH HOH A . 
B 2 HOH 17 517 7  HOH HOH A . 
B 2 HOH 18 518 1  HOH HOH A . 
B 2 HOH 19 519 27 HOH HOH A . 
B 2 HOH 20 520 30 HOH HOH A . 
B 2 HOH 21 521 29 HOH HOH A . 
B 2 HOH 22 522 14 HOH HOH A . 
B 2 HOH 23 523 24 HOH HOH A . 
B 2 HOH 24 524 2  HOH HOH A . 
B 2 HOH 25 525 13 HOH HOH A . 
B 2 HOH 26 526 3  HOH HOH A . 
B 2 HOH 27 527 15 HOH HOH A . 
B 2 HOH 28 528 19 HOH HOH A . 
B 2 HOH 29 529 23 HOH HOH A . 
B 2 HOH 30 530 22 HOH HOH A . 
B 2 HOH 31 531 26 HOH HOH A . 
B 2 HOH 32 532 20 HOH HOH A . 
B 2 HOH 33 533 36 HOH HOH A . 
# 
loop_
_pdbx_unobs_or_zero_occ_atoms.id 
_pdbx_unobs_or_zero_occ_atoms.PDB_model_num 
_pdbx_unobs_or_zero_occ_atoms.polymer_flag 
_pdbx_unobs_or_zero_occ_atoms.occupancy_flag 
_pdbx_unobs_or_zero_occ_atoms.auth_asym_id 
_pdbx_unobs_or_zero_occ_atoms.auth_comp_id 
_pdbx_unobs_or_zero_occ_atoms.auth_seq_id 
_pdbx_unobs_or_zero_occ_atoms.PDB_ins_code 
_pdbx_unobs_or_zero_occ_atoms.auth_atom_id 
_pdbx_unobs_or_zero_occ_atoms.label_alt_id 
_pdbx_unobs_or_zero_occ_atoms.label_asym_id 
_pdbx_unobs_or_zero_occ_atoms.label_comp_id 
_pdbx_unobs_or_zero_occ_atoms.label_seq_id 
_pdbx_unobs_or_zero_occ_atoms.label_atom_id 
1  1 Y 1 A SER 296 ? OG  ? A SER 5   OG  
2  1 Y 1 A GLU 307 ? CG  ? A GLU 16  CG  
3  1 Y 1 A GLU 307 ? CD  ? A GLU 16  CD  
4  1 Y 1 A GLU 307 ? OE1 ? A GLU 16  OE1 
5  1 Y 1 A GLU 307 ? OE2 ? A GLU 16  OE2 
6  1 Y 1 A ARG 348 ? CG  ? A ARG 57  CG  
7  1 Y 1 A ARG 348 ? CD  ? A ARG 57  CD  
8  1 Y 1 A ARG 348 ? NE  ? A ARG 57  NE  
9  1 Y 1 A ARG 348 ? CZ  ? A ARG 57  CZ  
10 1 Y 1 A ARG 348 ? NH1 ? A ARG 57  NH1 
11 1 Y 1 A ARG 348 ? NH2 ? A ARG 57  NH2 
12 1 Y 1 A ARG 350 ? CG  ? A ARG 59  CG  
13 1 Y 1 A ARG 350 ? CD  ? A ARG 59  CD  
14 1 Y 1 A ARG 350 ? NE  ? A ARG 59  NE  
15 1 Y 1 A ARG 350 ? CZ  ? A ARG 59  CZ  
16 1 Y 1 A ARG 350 ? NH1 ? A ARG 59  NH1 
17 1 Y 1 A ARG 350 ? NH2 ? A ARG 59  NH2 
18 1 Y 1 A ASN 365 ? CG  ? A ASN 74  CG  
19 1 Y 1 A ASN 365 ? OD1 ? A ASN 74  OD1 
20 1 Y 1 A ASN 365 ? ND2 ? A ASN 74  ND2 
21 1 Y 1 A LYS 366 ? CG  ? A LYS 75  CG  
22 1 Y 1 A LYS 366 ? CD  ? A LYS 75  CD  
23 1 Y 1 A LYS 366 ? CE  ? A LYS 75  CE  
24 1 Y 1 A LYS 366 ? NZ  ? A LYS 75  NZ  
25 1 Y 1 A GLU 367 ? CG  ? A GLU 76  CG  
26 1 Y 1 A GLU 367 ? CD  ? A GLU 76  CD  
27 1 Y 1 A GLU 367 ? OE1 ? A GLU 76  OE1 
28 1 Y 1 A GLU 367 ? OE2 ? A GLU 76  OE2 
29 1 Y 1 A LYS 374 ? CG  ? A LYS 83  CG  
30 1 Y 1 A LYS 374 ? CD  ? A LYS 83  CD  
31 1 Y 1 A LYS 374 ? CE  ? A LYS 83  CE  
32 1 Y 1 A LYS 374 ? NZ  ? A LYS 83  NZ  
33 1 Y 1 A ARG 393 ? CG  ? A ARG 102 CG  
34 1 Y 1 A ARG 393 ? CD  ? A ARG 102 CD  
35 1 Y 1 A ARG 393 ? NE  ? A ARG 102 NE  
36 1 Y 1 A ARG 393 ? CZ  ? A ARG 102 CZ  
37 1 Y 1 A ARG 393 ? NH1 ? A ARG 102 NH1 
38 1 Y 1 A ARG 393 ? NH2 ? A ARG 102 NH2 
39 1 Y 1 A LYS 398 ? CG  ? A LYS 107 CG  
40 1 Y 1 A LYS 398 ? CD  ? A LYS 107 CD  
41 1 Y 1 A LYS 398 ? CE  ? A LYS 107 CE  
42 1 Y 1 A LYS 398 ? NZ  ? A LYS 107 NZ  
43 1 Y 1 A LYS 399 ? CG  ? A LYS 108 CG  
44 1 Y 1 A LYS 399 ? CD  ? A LYS 108 CD  
45 1 Y 1 A LYS 399 ? CE  ? A LYS 108 CE  
46 1 Y 1 A LYS 399 ? NZ  ? A LYS 108 NZ  
47 1 Y 1 A ARG 400 ? CG  ? A ARG 109 CG  
48 1 Y 1 A ARG 400 ? CD  ? A ARG 109 CD  
49 1 Y 1 A ARG 400 ? NE  ? A ARG 109 NE  
50 1 Y 1 A ARG 400 ? CZ  ? A ARG 109 CZ  
51 1 Y 1 A ARG 400 ? NH1 ? A ARG 109 NH1 
52 1 Y 1 A ARG 400 ? NH2 ? A ARG 109 NH2 
# 
loop_
_software.citation_id 
_software.classification 
_software.compiler_name 
_software.compiler_version 
_software.contact_author 
_software.contact_author_email 
_software.date 
_software.description 
_software.dependencies 
_software.hardware 
_software.language 
_software.location 
_software.mods 
_software.name 
_software.os 
_software.os_version 
_software.type 
_software.version 
_software.pdbx_ordinal 
? refinement        ? ? ? ? ? ? ? ? ? ? ? REFMAC      ? ? ? 5.8.0158 1 
? 'data scaling'    ? ? ? ? ? ? ? ? ? ? ? SCALEPACK   ? ? ? .        2 
? 'data extraction' ? ? ? ? ? ? ? ? ? ? ? PDB_EXTRACT ? ? ? 3.22     3 
? 'data reduction'  ? ? ? ? ? ? ? ? ? ? ? HKL-2000    ? ? ? .        4 
? phasing           ? ? ? ? ? ? ? ? ? ? ? PHASER      ? ? ? .        5 
# 
_cell.angle_alpha                  90.000 
_cell.angle_alpha_esd              ? 
_cell.angle_beta                   90.000 
_cell.angle_beta_esd               ? 
_cell.angle_gamma                  90.000 
_cell.angle_gamma_esd              ? 
_cell.entry_id                     6B28 
_cell.details                      ? 
_cell.formula_units_Z              ? 
_cell.length_a                     35.383 
_cell.length_a_esd                 ? 
_cell.length_b                     49.707 
_cell.length_b_esd                 ? 
_cell.length_c                     89.667 
_cell.length_c_esd                 ? 
_cell.volume                       ? 
_cell.volume_esd                   ? 
_cell.Z_PDB                        4 
_cell.reciprocal_angle_alpha       ? 
_cell.reciprocal_angle_beta        ? 
_cell.reciprocal_angle_gamma       ? 
_cell.reciprocal_angle_alpha_esd   ? 
_cell.reciprocal_angle_beta_esd    ? 
_cell.reciprocal_angle_gamma_esd   ? 
_cell.reciprocal_length_a          ? 
_cell.reciprocal_length_b          ? 
_cell.reciprocal_length_c          ? 
_cell.reciprocal_length_a_esd      ? 
_cell.reciprocal_length_b_esd      ? 
_cell.reciprocal_length_c_esd      ? 
_cell.pdbx_unique_axis             ? 
# 
_symmetry.entry_id                         6B28 
_symmetry.cell_setting                     ? 
_symmetry.Int_Tables_number                19 
_symmetry.space_group_name_Hall            ? 
_symmetry.space_group_name_H-M             'P 21 21 21' 
_symmetry.pdbx_full_space_group_name_H-M   ? 
# 
_exptl.absorpt_coefficient_mu     ? 
_exptl.absorpt_correction_T_max   ? 
_exptl.absorpt_correction_T_min   ? 
_exptl.absorpt_correction_type    ? 
_exptl.absorpt_process_details    ? 
_exptl.entry_id                   6B28 
_exptl.crystals_number            1 
_exptl.details                    ? 
_exptl.method                     'X-RAY DIFFRACTION' 
_exptl.method_details             ? 
# 
_exptl_crystal.colour                      ? 
_exptl_crystal.density_diffrn              ? 
_exptl_crystal.density_Matthews            3.07 
_exptl_crystal.density_method              ? 
_exptl_crystal.density_percent_sol         59.94 
_exptl_crystal.description                 ? 
_exptl_crystal.F_000                       ? 
_exptl_crystal.id                          1 
_exptl_crystal.preparation                 ? 
_exptl_crystal.size_max                    ? 
_exptl_crystal.size_mid                    ? 
_exptl_crystal.size_min                    ? 
_exptl_crystal.size_rad                    ? 
_exptl_crystal.colour_lustre               ? 
_exptl_crystal.colour_modifier             ? 
_exptl_crystal.colour_primary              ? 
_exptl_crystal.density_meas                ? 
_exptl_crystal.density_meas_esd            ? 
_exptl_crystal.density_meas_gt             ? 
_exptl_crystal.density_meas_lt             ? 
_exptl_crystal.density_meas_temp           ? 
_exptl_crystal.density_meas_temp_esd       ? 
_exptl_crystal.density_meas_temp_gt        ? 
_exptl_crystal.density_meas_temp_lt        ? 
_exptl_crystal.pdbx_crystal_image_url      ? 
_exptl_crystal.pdbx_crystal_image_format   ? 
_exptl_crystal.pdbx_mosaicity              ? 
_exptl_crystal.pdbx_mosaicity_esd          ? 
# 
_exptl_crystal_grow.apparatus       ? 
_exptl_crystal_grow.atmosphere      ? 
_exptl_crystal_grow.crystal_id      1 
_exptl_crystal_grow.details         ? 
_exptl_crystal_grow.method          'VAPOR DIFFUSION' 
_exptl_crystal_grow.method_ref      ? 
_exptl_crystal_grow.pH              6.4 
_exptl_crystal_grow.pressure        ? 
_exptl_crystal_grow.pressure_esd    ? 
_exptl_crystal_grow.seeding         ? 
_exptl_crystal_grow.seeding_ref     ? 
_exptl_crystal_grow.temp            277.15 
_exptl_crystal_grow.temp_details    ? 
_exptl_crystal_grow.temp_esd        ? 
_exptl_crystal_grow.time            ? 
_exptl_crystal_grow.pdbx_details    '0.1M Bis-Tris, 0.2M lithium sulfate, 35% PEG3350' 
_exptl_crystal_grow.pdbx_pH_range   ? 
# 
_diffrn.ambient_environment    ? 
_diffrn.ambient_temp           200 
_diffrn.ambient_temp_details   ? 
_diffrn.ambient_temp_esd       ? 
_diffrn.crystal_id             1 
_diffrn.crystal_support        ? 
_diffrn.crystal_treatment      ? 
_diffrn.details                ? 
_diffrn.id                     1 
_diffrn.ambient_pressure       ? 
_diffrn.ambient_pressure_esd   ? 
_diffrn.ambient_pressure_gt    ? 
_diffrn.ambient_pressure_lt    ? 
_diffrn.ambient_temp_gt        ? 
_diffrn.ambient_temp_lt        ? 
# 
_diffrn_detector.details                      ? 
_diffrn_detector.detector                     'IMAGE PLATE' 
_diffrn_detector.diffrn_id                    1 
_diffrn_detector.type                         'MAR scanner 345 mm plate' 
_diffrn_detector.area_resol_mean              ? 
_diffrn_detector.dtime                        ? 
_diffrn_detector.pdbx_frames_total            ? 
_diffrn_detector.pdbx_collection_time_total   ? 
_diffrn_detector.pdbx_collection_date         2017-08-28 
# 
_diffrn_radiation.collimation                      ? 
_diffrn_radiation.diffrn_id                        1 
_diffrn_radiation.filter_edge                      ? 
_diffrn_radiation.inhomogeneity                    ? 
_diffrn_radiation.monochromator                    ? 
_diffrn_radiation.polarisn_norm                    ? 
_diffrn_radiation.polarisn_ratio                   ? 
_diffrn_radiation.probe                            ? 
_diffrn_radiation.type                             ? 
_diffrn_radiation.xray_symbol                      ? 
_diffrn_radiation.wavelength_id                    1 
_diffrn_radiation.pdbx_monochromatic_or_laue_m_l   M 
_diffrn_radiation.pdbx_wavelength_list             ? 
_diffrn_radiation.pdbx_wavelength                  ? 
_diffrn_radiation.pdbx_diffrn_protocol             'SINGLE WAVELENGTH' 
_diffrn_radiation.pdbx_analyzer                    ? 
_diffrn_radiation.pdbx_scattering_type             x-ray 
# 
_diffrn_radiation_wavelength.id           1 
_diffrn_radiation_wavelength.wavelength   1.54179 
_diffrn_radiation_wavelength.wt           1.0 
# 
_diffrn_source.current                     ? 
_diffrn_source.details                     ? 
_diffrn_source.diffrn_id                   1 
_diffrn_source.power                       ? 
_diffrn_source.size                        ? 
_diffrn_source.source                      'ROTATING ANODE' 
_diffrn_source.target                      ? 
_diffrn_source.type                        'RIGAKU MICROMAX-007 HF' 
_diffrn_source.voltage                     ? 
_diffrn_source.take-off_angle              ? 
_diffrn_source.pdbx_wavelength_list        1.54179 
_diffrn_source.pdbx_wavelength             ? 
_diffrn_source.pdbx_synchrotron_beamline   ? 
_diffrn_source.pdbx_synchrotron_site       ? 
# 
_reflns.B_iso_Wilson_estimate            ? 
_reflns.entry_id                         6B28 
_reflns.data_reduction_details           ? 
_reflns.data_reduction_method            ? 
_reflns.d_resolution_high                2.550 
_reflns.d_resolution_low                 44.8300 
_reflns.details                          ? 
_reflns.limit_h_max                      ? 
_reflns.limit_h_min                      ? 
_reflns.limit_k_max                      ? 
_reflns.limit_k_min                      ? 
_reflns.limit_l_max                      ? 
_reflns.limit_l_min                      ? 
_reflns.number_all                       ? 
_reflns.number_obs                       5536 
_reflns.observed_criterion               ? 
_reflns.observed_criterion_F_max         ? 
_reflns.observed_criterion_F_min         ? 
_reflns.observed_criterion_I_max         ? 
_reflns.observed_criterion_I_min         ? 
_reflns.observed_criterion_sigma_F       ? 
_reflns.observed_criterion_sigma_I       ? 
_reflns.percent_possible_obs             99.300 
_reflns.R_free_details                   ? 
_reflns.Rmerge_F_all                     ? 
_reflns.Rmerge_F_obs                     ? 
_reflns.Friedel_coverage                 ? 
_reflns.number_gt                        ? 
_reflns.threshold_expression             ? 
_reflns.pdbx_redundancy                  3.400 
_reflns.pdbx_Rmerge_I_obs                0.135 
_reflns.pdbx_Rmerge_I_all                ? 
_reflns.pdbx_Rsym_value                  ? 
_reflns.pdbx_netI_over_av_sigmaI         ? 
_reflns.pdbx_netI_over_sigmaI            6.500 
_reflns.pdbx_res_netI_over_av_sigmaI_2   ? 
_reflns.pdbx_res_netI_over_sigmaI_2      ? 
_reflns.pdbx_chi_squared                 1.036 
_reflns.pdbx_scaling_rejects             ? 
_reflns.pdbx_d_res_high_opt              ? 
_reflns.pdbx_d_res_low_opt               ? 
_reflns.pdbx_d_res_opt_method            ? 
_reflns.phase_calculation_details        ? 
_reflns.pdbx_Rrim_I_all                  0.158 
_reflns.pdbx_Rpim_I_all                  0.082 
_reflns.pdbx_d_opt                       ? 
_reflns.pdbx_number_measured_all         ? 
_reflns.pdbx_diffrn_id                   1 
_reflns.pdbx_ordinal                     1 
_reflns.pdbx_CC_half                     ? 
_reflns.pdbx_R_split                     ? 
# 
loop_
_reflns_shell.d_res_high 
_reflns_shell.d_res_low 
_reflns_shell.meanI_over_sigI_all 
_reflns_shell.meanI_over_sigI_obs 
_reflns_shell.number_measured_all 
_reflns_shell.number_measured_obs 
_reflns_shell.number_possible 
_reflns_shell.number_unique_all 
_reflns_shell.number_unique_obs 
_reflns_shell.percent_possible_all 
_reflns_shell.percent_possible_obs 
_reflns_shell.Rmerge_F_all 
_reflns_shell.Rmerge_F_obs 
_reflns_shell.Rmerge_I_all 
_reflns_shell.Rmerge_I_obs 
_reflns_shell.meanI_over_sigI_gt 
_reflns_shell.meanI_over_uI_all 
_reflns_shell.meanI_over_uI_gt 
_reflns_shell.number_measured_gt 
_reflns_shell.number_unique_gt 
_reflns_shell.percent_possible_gt 
_reflns_shell.Rmerge_F_gt 
_reflns_shell.Rmerge_I_gt 
_reflns_shell.pdbx_redundancy 
_reflns_shell.pdbx_Rsym_value 
_reflns_shell.pdbx_chi_squared 
_reflns_shell.pdbx_netI_over_sigmaI_all 
_reflns_shell.pdbx_netI_over_sigmaI_obs 
_reflns_shell.pdbx_Rrim_I_all 
_reflns_shell.pdbx_Rpim_I_all 
_reflns_shell.pdbx_rejects 
_reflns_shell.pdbx_ordinal 
_reflns_shell.pdbx_diffrn_id 
_reflns_shell.pdbx_CC_half 
_reflns_shell.pdbx_R_split 
2.550 2.630  ? ? ? ? ? ? 432 98.600  ? ? ? ? 0.769 ? ? ? ? ? ? ? ? 3.100 ? 0.848 ? ? 0.915 0.489 ? 1  1 0.707 ? 
2.630 2.710  ? ? ? ? ? ? 457 99.300  ? ? ? ? 0.626 ? ? ? ? ? ? ? ? 3.300 ? 1.106 ? ? 0.738 0.386 ? 2  1 0.751 ? 
2.710 2.810  ? ? ? ? ? ? 442 99.800  ? ? ? ? 0.557 ? ? ? ? ? ? ? ? 3.400 ? 0.943 ? ? 0.654 0.338 ? 3  1 0.772 ? 
2.810 2.920  ? ? ? ? ? ? 462 100.000 ? ? ? ? 0.453 ? ? ? ? ? ? ? ? 3.500 ? 0.940 ? ? 0.528 0.266 ? 4  1 0.845 ? 
2.920 3.050  ? ? ? ? ? ? 439 100.000 ? ? ? ? 0.367 ? ? ? ? ? ? ? ? 3.500 ? 1.025 ? ? 0.429 0.218 ? 5  1 0.879 ? 
3.050 3.210  ? ? ? ? ? ? 479 100.000 ? ? ? ? 0.252 ? ? ? ? ? ? ? ? 3.500 ? 1.033 ? ? 0.295 0.149 ? 6  1 0.946 ? 
3.210 3.410  ? ? ? ? ? ? 440 99.500  ? ? ? ? 0.191 ? ? ? ? ? ? ? ? 3.500 ? 0.994 ? ? 0.223 0.113 ? 7  1 0.968 ? 
3.410 3.680  ? ? ? ? ? ? 451 99.100  ? ? ? ? 0.150 ? ? ? ? ? ? ? ? 3.500 ? 1.378 ? ? 0.175 0.089 ? 8  1 0.968 ? 
3.680 4.050  ? ? ? ? ? ? 468 98.700  ? ? ? ? 0.101 ? ? ? ? ? ? ? ? 3.400 ? 1.190 ? ? 0.119 0.062 ? 9  1 0.987 ? 
4.050 4.630  ? ? ? ? ? ? 473 99.800  ? ? ? ? 0.057 ? ? ? ? ? ? ? ? 3.400 ? 0.895 ? ? 0.068 0.036 ? 10 1 0.995 ? 
4.630 5.830  ? ? ? ? ? ? 477 99.400  ? ? ? ? 0.062 ? ? ? ? ? ? ? ? 3.300 ? 0.981 ? ? 0.073 0.038 ? 11 1 0.995 ? 
5.830 35.000 ? ? ? ? ? ? 516 97.500  ? ? ? ? 0.046 ? ? ? ? ? ? ? ? 3.200 ? 1.068 ? ? 0.055 0.030 ? 12 1 0.996 ? 
# 
_refine.aniso_B[1][1]                            -1.6800 
_refine.aniso_B[1][2]                            0.0000 
_refine.aniso_B[1][3]                            -0.0000 
_refine.aniso_B[2][2]                            2.2700 
_refine.aniso_B[2][3]                            0.0000 
_refine.aniso_B[3][3]                            -0.5900 
_refine.B_iso_max                                97.280 
_refine.B_iso_mean                               37.0600 
_refine.B_iso_min                                21.960 
_refine.correlation_coeff_Fo_to_Fc               0.9260 
_refine.correlation_coeff_Fo_to_Fc_free          0.9140 
_refine.details                                  
'HYDROGENS HAVE BEEN ADDED IN THE RIDING POSITIONS U VALUES      : REFINED INDIVIDUALLY' 
_refine.diff_density_max                         ? 
_refine.diff_density_max_esd                     ? 
_refine.diff_density_min                         ? 
_refine.diff_density_min_esd                     ? 
_refine.diff_density_rms                         ? 
_refine.diff_density_rms_esd                     ? 
_refine.entry_id                                 6B28 
_refine.pdbx_refine_id                           'X-RAY DIFFRACTION' 
_refine.ls_abs_structure_details                 ? 
_refine.ls_abs_structure_Flack                   ? 
_refine.ls_abs_structure_Flack_esd               ? 
_refine.ls_abs_structure_Rogers                  ? 
_refine.ls_abs_structure_Rogers_esd              ? 
_refine.ls_d_res_high                            2.5500 
_refine.ls_d_res_low                             44.8300 
_refine.ls_extinction_coef                       ? 
_refine.ls_extinction_coef_esd                   ? 
_refine.ls_extinction_expression                 ? 
_refine.ls_extinction_method                     ? 
_refine.ls_goodness_of_fit_all                   ? 
_refine.ls_goodness_of_fit_all_esd               ? 
_refine.ls_goodness_of_fit_obs                   ? 
_refine.ls_goodness_of_fit_obs_esd               ? 
_refine.ls_hydrogen_treatment                    ? 
_refine.ls_matrix_type                           ? 
_refine.ls_number_constraints                    ? 
_refine.ls_number_parameters                     ? 
_refine.ls_number_reflns_all                     ? 
_refine.ls_number_reflns_obs                     5222 
_refine.ls_number_reflns_R_free                  284 
_refine.ls_number_reflns_R_work                  ? 
_refine.ls_number_restraints                     ? 
_refine.ls_percent_reflns_obs                    99.3000 
_refine.ls_percent_reflns_R_free                 5.2000 
_refine.ls_R_factor_all                          ? 
_refine.ls_R_factor_obs                          0.2233 
_refine.ls_R_factor_R_free                       0.2517 
_refine.ls_R_factor_R_free_error                 ? 
_refine.ls_R_factor_R_free_error_details         ? 
_refine.ls_R_factor_R_work                       0.2217 
_refine.ls_R_Fsqd_factor_obs                     ? 
_refine.ls_R_I_factor_obs                        ? 
_refine.ls_redundancy_reflns_all                 ? 
_refine.ls_redundancy_reflns_obs                 ? 
_refine.ls_restrained_S_all                      ? 
_refine.ls_restrained_S_obs                      ? 
_refine.ls_shift_over_esd_max                    ? 
_refine.ls_shift_over_esd_mean                   ? 
_refine.ls_structure_factor_coef                 ? 
_refine.ls_weighting_details                     ? 
_refine.ls_weighting_scheme                      ? 
_refine.ls_wR_factor_all                         ? 
_refine.ls_wR_factor_obs                         ? 
_refine.ls_wR_factor_R_free                      ? 
_refine.ls_wR_factor_R_work                      ? 
_refine.occupancy_max                            ? 
_refine.occupancy_min                            ? 
_refine.solvent_model_details                    ? 
_refine.solvent_model_param_bsol                 ? 
_refine.solvent_model_param_ksol                 ? 
_refine.ls_R_factor_gt                           ? 
_refine.ls_goodness_of_fit_gt                    ? 
_refine.ls_goodness_of_fit_ref                   ? 
_refine.ls_shift_over_su_max                     ? 
_refine.ls_shift_over_su_max_lt                  ? 
_refine.ls_shift_over_su_mean                    ? 
_refine.ls_shift_over_su_mean_lt                 ? 
_refine.pdbx_ls_sigma_I                          ? 
_refine.pdbx_ls_sigma_F                          0.000 
_refine.pdbx_ls_sigma_Fsqd                       ? 
_refine.pdbx_data_cutoff_high_absF               ? 
_refine.pdbx_data_cutoff_high_rms_absF           ? 
_refine.pdbx_data_cutoff_low_absF                ? 
_refine.pdbx_isotropic_thermal_model             ? 
_refine.pdbx_ls_cross_valid_method               THROUGHOUT 
_refine.pdbx_method_to_determine_struct          'MOLECULAR REPLACEMENT' 
_refine.pdbx_starting_model                      ? 
_refine.pdbx_stereochemistry_target_values       ? 
_refine.pdbx_R_Free_selection_details            RANDOM 
_refine.pdbx_stereochem_target_val_spec_case     ? 
_refine.pdbx_overall_ESU_R                       0.3930 
_refine.pdbx_overall_ESU_R_Free                  0.2640 
_refine.pdbx_solvent_vdw_probe_radii             1.2000 
_refine.pdbx_solvent_ion_probe_radii             0.8000 
_refine.pdbx_solvent_shrinkage_radii             0.8000 
_refine.pdbx_real_space_R                        ? 
_refine.pdbx_density_correlation                 ? 
_refine.pdbx_pd_number_of_powder_patterns        ? 
_refine.pdbx_pd_number_of_points                 ? 
_refine.pdbx_pd_meas_number_of_points            ? 
_refine.pdbx_pd_proc_ls_prof_R_factor            ? 
_refine.pdbx_pd_proc_ls_prof_wR_factor           ? 
_refine.pdbx_pd_Marquardt_correlation_coeff      ? 
_refine.pdbx_pd_Fsqrd_R_factor                   ? 
_refine.pdbx_pd_ls_matrix_band_width             ? 
_refine.pdbx_overall_phase_error                 ? 
_refine.pdbx_overall_SU_R_free_Cruickshank_DPI   ? 
_refine.pdbx_overall_SU_R_free_Blow_DPI          ? 
_refine.pdbx_overall_SU_R_Blow_DPI               ? 
_refine.pdbx_TLS_residual_ADP_flag               ? 
_refine.pdbx_diffrn_id                           1 
_refine.overall_SU_B                             10.9510 
_refine.overall_SU_ML                            0.2240 
_refine.overall_SU_R_Cruickshank_DPI             ? 
_refine.overall_SU_R_free                        ? 
_refine.overall_FOM_free_R_set                   ? 
_refine.overall_FOM_work_R_set                   ? 
_refine.pdbx_average_fsc_overall                 ? 
_refine.pdbx_average_fsc_work                    ? 
_refine.pdbx_average_fsc_free                    ? 
# 
_refine_hist.cycle_id                         final 
_refine_hist.pdbx_refine_id                   'X-RAY DIFFRACTION' 
_refine_hist.d_res_high                       2.5500 
_refine_hist.d_res_low                        44.8300 
_refine_hist.pdbx_number_atoms_ligand         0 
_refine_hist.number_atoms_solvent             33 
_refine_hist.number_atoms_total               845 
_refine_hist.pdbx_number_residues_total       108 
_refine_hist.pdbx_B_iso_mean_solvent          36.02 
_refine_hist.pdbx_number_atoms_protein        812 
_refine_hist.pdbx_number_atoms_nucleic_acid   0 
# 
loop_
_refine_ls_restr.pdbx_refine_id 
_refine_ls_restr.criterion 
_refine_ls_restr.dev_ideal 
_refine_ls_restr.dev_ideal_target 
_refine_ls_restr.number 
_refine_ls_restr.rejects 
_refine_ls_restr.type 
_refine_ls_restr.weight 
_refine_ls_restr.pdbx_restraint_function 
'X-RAY DIFFRACTION' ? 0.012  0.020  836  ? r_bond_refined_d       ? ? 
'X-RAY DIFFRACTION' ? 0.004  0.020  729  ? r_bond_other_d         ? ? 
'X-RAY DIFFRACTION' ? 1.535  1.944  1139 ? r_angle_refined_deg    ? ? 
'X-RAY DIFFRACTION' ? 0.961  3.000  1683 ? r_angle_other_deg      ? ? 
'X-RAY DIFFRACTION' ? 6.797  5.000  107  ? r_dihedral_angle_1_deg ? ? 
'X-RAY DIFFRACTION' ? 39.627 25.385 39   ? r_dihedral_angle_2_deg ? ? 
'X-RAY DIFFRACTION' ? 15.047 15.000 119  ? r_dihedral_angle_3_deg ? ? 
'X-RAY DIFFRACTION' ? 25.760 15.000 3    ? r_dihedral_angle_4_deg ? ? 
'X-RAY DIFFRACTION' ? 0.075  0.200  124  ? r_chiral_restr         ? ? 
'X-RAY DIFFRACTION' ? 0.006  0.021  955  ? r_gen_planes_refined   ? ? 
'X-RAY DIFFRACTION' ? 0.001  0.020  172  ? r_gen_planes_other     ? ? 
# 
_refine_ls_shell.pdbx_refine_id                   'X-RAY DIFFRACTION' 
_refine_ls_shell.d_res_high                       2.5470 
_refine_ls_shell.d_res_low                        2.6130 
_refine_ls_shell.number_reflns_all                388 
_refine_ls_shell.number_reflns_obs                ? 
_refine_ls_shell.number_reflns_R_free             20 
_refine_ls_shell.number_reflns_R_work             368 
_refine_ls_shell.percent_reflns_obs               98.4800 
_refine_ls_shell.percent_reflns_R_free            ? 
_refine_ls_shell.R_factor_all                     ? 
_refine_ls_shell.R_factor_obs                     ? 
_refine_ls_shell.R_factor_R_free                  0.3370 
_refine_ls_shell.R_factor_R_free_error            0.0000 
_refine_ls_shell.R_factor_R_work                  0.3510 
_refine_ls_shell.redundancy_reflns_all            ? 
_refine_ls_shell.redundancy_reflns_obs            ? 
_refine_ls_shell.wR_factor_all                    ? 
_refine_ls_shell.wR_factor_obs                    ? 
_refine_ls_shell.wR_factor_R_free                 ? 
_refine_ls_shell.wR_factor_R_work                 ? 
_refine_ls_shell.pdbx_total_number_of_bins_used   20 
_refine_ls_shell.pdbx_phase_error                 ? 
_refine_ls_shell.pdbx_fsc_work                    ? 
_refine_ls_shell.pdbx_fsc_free                    ? 
# 
_struct.entry_id                     6B28 
_struct.title                        'Crystal structure of human STAC2 Tandem SH3 Domains Q347I (296-411)' 
_struct.pdbx_model_details           ? 
_struct.pdbx_formula_weight          ? 
_struct.pdbx_formula_weight_method   ? 
_struct.pdbx_model_type_details      ? 
_struct.pdbx_CASP_flag               N 
# 
_struct_keywords.entry_id        6B28 
_struct_keywords.text            'excitation-contraction coupling, ion channel adaptor protein, PROTEIN BINDING' 
_struct_keywords.pdbx_keywords   'PROTEIN BINDING' 
# 
loop_
_struct_asym.id 
_struct_asym.pdbx_blank_PDB_chainid_flag 
_struct_asym.pdbx_modified 
_struct_asym.entity_id 
_struct_asym.details 
A N N 1 ? 
B N N 2 ? 
# 
_struct_ref.id                         1 
_struct_ref.db_name                    UNP 
_struct_ref.db_code                    STAC2_HUMAN 
_struct_ref.pdbx_db_accession          Q6ZMT1 
_struct_ref.pdbx_db_isoform            Q6ZMT1-2 
_struct_ref.entity_id                  1 
_struct_ref.pdbx_seq_one_letter_code   
;SYVALYKFLPQENNDLALQPGDRIMLVDDSNEDWWKGKIGDRVGFFPANFVQRVRPGENVWRCCQPFSGNKEQGYMSLKE
NQICVGVGRSKDADGFIRVSSGKKRGLVPVDALTEI
;
_struct_ref.pdbx_align_begin           154 
# 
_struct_ref_seq.align_id                      1 
_struct_ref_seq.ref_id                        1 
_struct_ref_seq.pdbx_PDB_id_code              6B28 
_struct_ref_seq.pdbx_strand_id                A 
_struct_ref_seq.seq_align_beg                 5 
_struct_ref_seq.pdbx_seq_align_beg_ins_code   ? 
_struct_ref_seq.seq_align_end                 120 
_struct_ref_seq.pdbx_seq_align_end_ins_code   ? 
_struct_ref_seq.pdbx_db_accession             Q6ZMT1 
_struct_ref_seq.db_align_beg                  154 
_struct_ref_seq.pdbx_db_align_beg_ins_code    ? 
_struct_ref_seq.db_align_end                  269 
_struct_ref_seq.pdbx_db_align_end_ins_code    ? 
_struct_ref_seq.pdbx_auth_seq_align_beg       296 
_struct_ref_seq.pdbx_auth_seq_align_end       411 
# 
loop_
_struct_ref_seq_dif.align_id 
_struct_ref_seq_dif.pdbx_pdb_id_code 
_struct_ref_seq_dif.mon_id 
_struct_ref_seq_dif.pdbx_pdb_strand_id 
_struct_ref_seq_dif.seq_num 
_struct_ref_seq_dif.pdbx_pdb_ins_code 
_struct_ref_seq_dif.pdbx_seq_db_name 
_struct_ref_seq_dif.pdbx_seq_db_accession_code 
_struct_ref_seq_dif.db_mon_id 
_struct_ref_seq_dif.pdbx_seq_db_seq_num 
_struct_ref_seq_dif.details 
_struct_ref_seq_dif.pdbx_auth_seq_num 
_struct_ref_seq_dif.pdbx_ordinal 
1 6B28 SER A 1  ? UNP Q6ZMT1 ?   ?   'expression tag'      292 1 
1 6B28 ASN A 2  ? UNP Q6ZMT1 ?   ?   'expression tag'      293 2 
1 6B28 ALA A 3  ? UNP Q6ZMT1 ?   ?   'expression tag'      294 3 
1 6B28 ASN A 4  ? UNP Q6ZMT1 ?   ?   'expression tag'      295 4 
1 6B28 ILE A 56 ? UNP Q6ZMT1 GLN 205 'engineered mutation' 347 5 
# 
_pdbx_struct_assembly.id                   1 
_pdbx_struct_assembly.details              author_and_software_defined_assembly 
_pdbx_struct_assembly.method_details       PISA 
_pdbx_struct_assembly.oligomeric_details   monomeric 
_pdbx_struct_assembly.oligomeric_count     1 
# 
_pdbx_struct_assembly_gen.assembly_id       1 
_pdbx_struct_assembly_gen.oper_expression   1 
_pdbx_struct_assembly_gen.asym_id_list      A,B 
# 
_pdbx_struct_assembly_auth_evidence.id                     1 
_pdbx_struct_assembly_auth_evidence.assembly_id            1 
_pdbx_struct_assembly_auth_evidence.experimental_support   'gel filtration' 
_pdbx_struct_assembly_auth_evidence.details                ? 
# 
_pdbx_struct_oper_list.id                   1 
_pdbx_struct_oper_list.type                 'identity operation' 
_pdbx_struct_oper_list.name                 1_555 
_pdbx_struct_oper_list.symmetry_operation   x,y,z 
_pdbx_struct_oper_list.matrix[1][1]         1.0000000000 
_pdbx_struct_oper_list.matrix[1][2]         0.0000000000 
_pdbx_struct_oper_list.matrix[1][3]         0.0000000000 
_pdbx_struct_oper_list.vector[1]            0.0000000000 
_pdbx_struct_oper_list.matrix[2][1]         0.0000000000 
_pdbx_struct_oper_list.matrix[2][2]         1.0000000000 
_pdbx_struct_oper_list.matrix[2][3]         0.0000000000 
_pdbx_struct_oper_list.vector[2]            0.0000000000 
_pdbx_struct_oper_list.matrix[3][1]         0.0000000000 
_pdbx_struct_oper_list.matrix[3][2]         0.0000000000 
_pdbx_struct_oper_list.matrix[3][3]         1.0000000000 
_pdbx_struct_oper_list.vector[3]            0.0000000000 
# 
loop_
_struct_sheet.id 
_struct_sheet.type 
_struct_sheet.number_strands 
_struct_sheet.details 
AA1 ? 5 ? 
AA2 ? 3 ? 
AA3 ? 2 ? 
# 
loop_
_struct_sheet_order.sheet_id 
_struct_sheet_order.range_id_1 
_struct_sheet_order.range_id_2 
_struct_sheet_order.offset 
_struct_sheet_order.sense 
AA1 1 2 ? anti-parallel 
AA1 2 3 ? anti-parallel 
AA1 3 4 ? anti-parallel 
AA1 4 5 ? anti-parallel 
AA2 1 2 ? anti-parallel 
AA2 2 3 ? anti-parallel 
AA3 1 2 ? anti-parallel 
# 
loop_
_struct_sheet_range.sheet_id 
_struct_sheet_range.id 
_struct_sheet_range.beg_label_comp_id 
_struct_sheet_range.beg_label_asym_id 
_struct_sheet_range.beg_label_seq_id 
_struct_sheet_range.pdbx_beg_PDB_ins_code 
_struct_sheet_range.end_label_comp_id 
_struct_sheet_range.end_label_asym_id 
_struct_sheet_range.end_label_seq_id 
_struct_sheet_range.pdbx_end_PDB_ins_code 
_struct_sheet_range.beg_auth_comp_id 
_struct_sheet_range.beg_auth_asym_id 
_struct_sheet_range.beg_auth_seq_id 
_struct_sheet_range.end_auth_comp_id 
_struct_sheet_range.end_auth_asym_id 
_struct_sheet_range.end_auth_seq_id 
AA1 1 ARG A 46  ? PRO A 51  ? ARG A 337 PRO A 342 
AA1 2 TRP A 38  ? ILE A 43  ? TRP A 329 ILE A 334 
AA1 3 ARG A 27  ? ASP A 32  ? ARG A 318 ASP A 323 
AA1 4 TYR A 6   ? ALA A 8   ? TYR A 297 ALA A 299 
AA1 5 VAL A 55  ? ARG A 57  ? VAL A 346 ARG A 348 
AA2 1 ILE A 87  ? VAL A 89  ? ILE A 378 VAL A 380 
AA2 2 VAL A 64  ? CYS A 67  ? VAL A 355 CYS A 358 
AA2 3 LEU A 117 ? ILE A 120 ? LEU A 408 ILE A 411 
AA3 1 PHE A 100 ? SER A 104 ? PHE A 391 SER A 395 
AA3 2 ARG A 109 ? PRO A 113 ? ARG A 400 PRO A 404 
# 
loop_
_pdbx_struct_sheet_hbond.sheet_id 
_pdbx_struct_sheet_hbond.range_id_1 
_pdbx_struct_sheet_hbond.range_id_2 
_pdbx_struct_sheet_hbond.range_1_label_atom_id 
_pdbx_struct_sheet_hbond.range_1_label_comp_id 
_pdbx_struct_sheet_hbond.range_1_label_asym_id 
_pdbx_struct_sheet_hbond.range_1_label_seq_id 
_pdbx_struct_sheet_hbond.range_1_PDB_ins_code 
_pdbx_struct_sheet_hbond.range_1_auth_atom_id 
_pdbx_struct_sheet_hbond.range_1_auth_comp_id 
_pdbx_struct_sheet_hbond.range_1_auth_asym_id 
_pdbx_struct_sheet_hbond.range_1_auth_seq_id 
_pdbx_struct_sheet_hbond.range_2_label_atom_id 
_pdbx_struct_sheet_hbond.range_2_label_comp_id 
_pdbx_struct_sheet_hbond.range_2_label_asym_id 
_pdbx_struct_sheet_hbond.range_2_label_seq_id 
_pdbx_struct_sheet_hbond.range_2_PDB_ins_code 
_pdbx_struct_sheet_hbond.range_2_auth_atom_id 
_pdbx_struct_sheet_hbond.range_2_auth_comp_id 
_pdbx_struct_sheet_hbond.range_2_auth_asym_id 
_pdbx_struct_sheet_hbond.range_2_auth_seq_id 
AA1 1 2 O ARG A 46  ? O ARG A 337 N ILE A 43  ? N ILE A 334 
AA1 2 3 O LYS A 40  ? O LYS A 331 N VAL A 31  ? N VAL A 322 
AA1 3 4 O ILE A 28  ? O ILE A 319 N TYR A 6   ? N TYR A 297 
AA1 4 5 N VAL A 7   ? N VAL A 298 O ILE A 56  ? O ILE A 347 
AA2 1 2 O CYS A 88  ? O CYS A 379 N TRP A 65  ? N TRP A 356 
AA2 2 3 N ARG A 66  ? N ARG A 357 O THR A 118 ? O THR A 409 
AA3 1 2 N VAL A 103 ? N VAL A 394 O GLY A 110 ? O GLY A 401 
# 
_pdbx_validate_torsion.id              1 
_pdbx_validate_torsion.PDB_model_num   1 
_pdbx_validate_torsion.auth_comp_id    GLU 
_pdbx_validate_torsion.auth_asym_id    A 
_pdbx_validate_torsion.auth_seq_id     353 
_pdbx_validate_torsion.PDB_ins_code    ? 
_pdbx_validate_torsion.label_alt_id    ? 
_pdbx_validate_torsion.phi             -33.99 
_pdbx_validate_torsion.psi             134.57 
# 
loop_
_pdbx_unobs_or_zero_occ_residues.id 
_pdbx_unobs_or_zero_occ_residues.PDB_model_num 
_pdbx_unobs_or_zero_occ_residues.polymer_flag 
_pdbx_unobs_or_zero_occ_residues.occupancy_flag 
_pdbx_unobs_or_zero_occ_residues.auth_asym_id 
_pdbx_unobs_or_zero_occ_residues.auth_comp_id 
_pdbx_unobs_or_zero_occ_residues.auth_seq_id 
_pdbx_unobs_or_zero_occ_residues.PDB_ins_code 
_pdbx_unobs_or_zero_occ_residues.label_asym_id 
_pdbx_unobs_or_zero_occ_residues.label_comp_id 
_pdbx_unobs_or_zero_occ_residues.label_seq_id 
1  1 Y 1 A SER 292 ? A SER 1  
2  1 Y 1 A ASN 293 ? A ASN 2  
3  1 Y 1 A ALA 294 ? A ALA 3  
4  1 Y 1 A ASN 295 ? A ASN 4  
5  1 Y 1 A GLY 369 ? A GLY 78 
6  1 Y 1 A VAL 382 ? A VAL 91 
7  1 Y 1 A GLY 383 ? A GLY 92 
8  1 Y 1 A ARG 384 ? A ARG 93 
9  1 Y 1 A SER 385 ? A SER 94 
10 1 Y 1 A LYS 386 ? A LYS 95 
11 1 Y 1 A ASP 387 ? A ASP 96 
12 1 Y 1 A ALA 388 ? A ALA 97 
# 
loop_
_chem_comp_atom.comp_id 
_chem_comp_atom.atom_id 
_chem_comp_atom.type_symbol 
_chem_comp_atom.pdbx_aromatic_flag 
_chem_comp_atom.pdbx_stereo_config 
_chem_comp_atom.pdbx_ordinal 
ALA N    N N N 1   
ALA CA   C N S 2   
ALA C    C N N 3   
ALA O    O N N 4   
ALA CB   C N N 5   
ALA OXT  O N N 6   
ALA H    H N N 7   
ALA H2   H N N 8   
ALA HA   H N N 9   
ALA HB1  H N N 10  
ALA HB2  H N N 11  
ALA HB3  H N N 12  
ALA HXT  H N N 13  
ARG N    N N N 14  
ARG CA   C N S 15  
ARG C    C N N 16  
ARG O    O N N 17  
ARG CB   C N N 18  
ARG CG   C N N 19  
ARG CD   C N N 20  
ARG NE   N N N 21  
ARG CZ   C N N 22  
ARG NH1  N N N 23  
ARG NH2  N N N 24  
ARG OXT  O N N 25  
ARG H    H N N 26  
ARG H2   H N N 27  
ARG HA   H N N 28  
ARG HB2  H N N 29  
ARG HB3  H N N 30  
ARG HG2  H N N 31  
ARG HG3  H N N 32  
ARG HD2  H N N 33  
ARG HD3  H N N 34  
ARG HE   H N N 35  
ARG HH11 H N N 36  
ARG HH12 H N N 37  
ARG HH21 H N N 38  
ARG HH22 H N N 39  
ARG HXT  H N N 40  
ASN N    N N N 41  
ASN CA   C N S 42  
ASN C    C N N 43  
ASN O    O N N 44  
ASN CB   C N N 45  
ASN CG   C N N 46  
ASN OD1  O N N 47  
ASN ND2  N N N 48  
ASN OXT  O N N 49  
ASN H    H N N 50  
ASN H2   H N N 51  
ASN HA   H N N 52  
ASN HB2  H N N 53  
ASN HB3  H N N 54  
ASN HD21 H N N 55  
ASN HD22 H N N 56  
ASN HXT  H N N 57  
ASP N    N N N 58  
ASP CA   C N S 59  
ASP C    C N N 60  
ASP O    O N N 61  
ASP CB   C N N 62  
ASP CG   C N N 63  
ASP OD1  O N N 64  
ASP OD2  O N N 65  
ASP OXT  O N N 66  
ASP H    H N N 67  
ASP H2   H N N 68  
ASP HA   H N N 69  
ASP HB2  H N N 70  
ASP HB3  H N N 71  
ASP HD2  H N N 72  
ASP HXT  H N N 73  
CYS N    N N N 74  
CYS CA   C N R 75  
CYS C    C N N 76  
CYS O    O N N 77  
CYS CB   C N N 78  
CYS SG   S N N 79  
CYS OXT  O N N 80  
CYS H    H N N 81  
CYS H2   H N N 82  
CYS HA   H N N 83  
CYS HB2  H N N 84  
CYS HB3  H N N 85  
CYS HG   H N N 86  
CYS HXT  H N N 87  
GLN N    N N N 88  
GLN CA   C N S 89  
GLN C    C N N 90  
GLN O    O N N 91  
GLN CB   C N N 92  
GLN CG   C N N 93  
GLN CD   C N N 94  
GLN OE1  O N N 95  
GLN NE2  N N N 96  
GLN OXT  O N N 97  
GLN H    H N N 98  
GLN H2   H N N 99  
GLN HA   H N N 100 
GLN HB2  H N N 101 
GLN HB3  H N N 102 
GLN HG2  H N N 103 
GLN HG3  H N N 104 
GLN HE21 H N N 105 
GLN HE22 H N N 106 
GLN HXT  H N N 107 
GLU N    N N N 108 
GLU CA   C N S 109 
GLU C    C N N 110 
GLU O    O N N 111 
GLU CB   C N N 112 
GLU CG   C N N 113 
GLU CD   C N N 114 
GLU OE1  O N N 115 
GLU OE2  O N N 116 
GLU OXT  O N N 117 
GLU H    H N N 118 
GLU H2   H N N 119 
GLU HA   H N N 120 
GLU HB2  H N N 121 
GLU HB3  H N N 122 
GLU HG2  H N N 123 
GLU HG3  H N N 124 
GLU HE2  H N N 125 
GLU HXT  H N N 126 
GLY N    N N N 127 
GLY CA   C N N 128 
GLY C    C N N 129 
GLY O    O N N 130 
GLY OXT  O N N 131 
GLY H    H N N 132 
GLY H2   H N N 133 
GLY HA2  H N N 134 
GLY HA3  H N N 135 
GLY HXT  H N N 136 
HOH O    O N N 137 
HOH H1   H N N 138 
HOH H2   H N N 139 
ILE N    N N N 140 
ILE CA   C N S 141 
ILE C    C N N 142 
ILE O    O N N 143 
ILE CB   C N S 144 
ILE CG1  C N N 145 
ILE CG2  C N N 146 
ILE CD1  C N N 147 
ILE OXT  O N N 148 
ILE H    H N N 149 
ILE H2   H N N 150 
ILE HA   H N N 151 
ILE HB   H N N 152 
ILE HG12 H N N 153 
ILE HG13 H N N 154 
ILE HG21 H N N 155 
ILE HG22 H N N 156 
ILE HG23 H N N 157 
ILE HD11 H N N 158 
ILE HD12 H N N 159 
ILE HD13 H N N 160 
ILE HXT  H N N 161 
LEU N    N N N 162 
LEU CA   C N S 163 
LEU C    C N N 164 
LEU O    O N N 165 
LEU CB   C N N 166 
LEU CG   C N N 167 
LEU CD1  C N N 168 
LEU CD2  C N N 169 
LEU OXT  O N N 170 
LEU H    H N N 171 
LEU H2   H N N 172 
LEU HA   H N N 173 
LEU HB2  H N N 174 
LEU HB3  H N N 175 
LEU HG   H N N 176 
LEU HD11 H N N 177 
LEU HD12 H N N 178 
LEU HD13 H N N 179 
LEU HD21 H N N 180 
LEU HD22 H N N 181 
LEU HD23 H N N 182 
LEU HXT  H N N 183 
LYS N    N N N 184 
LYS CA   C N S 185 
LYS C    C N N 186 
LYS O    O N N 187 
LYS CB   C N N 188 
LYS CG   C N N 189 
LYS CD   C N N 190 
LYS CE   C N N 191 
LYS NZ   N N N 192 
LYS OXT  O N N 193 
LYS H    H N N 194 
LYS H2   H N N 195 
LYS HA   H N N 196 
LYS HB2  H N N 197 
LYS HB3  H N N 198 
LYS HG2  H N N 199 
LYS HG3  H N N 200 
LYS HD2  H N N 201 
LYS HD3  H N N 202 
LYS HE2  H N N 203 
LYS HE3  H N N 204 
LYS HZ1  H N N 205 
LYS HZ2  H N N 206 
LYS HZ3  H N N 207 
LYS HXT  H N N 208 
MET N    N N N 209 
MET CA   C N S 210 
MET C    C N N 211 
MET O    O N N 212 
MET CB   C N N 213 
MET CG   C N N 214 
MET SD   S N N 215 
MET CE   C N N 216 
MET OXT  O N N 217 
MET H    H N N 218 
MET H2   H N N 219 
MET HA   H N N 220 
MET HB2  H N N 221 
MET HB3  H N N 222 
MET HG2  H N N 223 
MET HG3  H N N 224 
MET HE1  H N N 225 
MET HE2  H N N 226 
MET HE3  H N N 227 
MET HXT  H N N 228 
PHE N    N N N 229 
PHE CA   C N S 230 
PHE C    C N N 231 
PHE O    O N N 232 
PHE CB   C N N 233 
PHE CG   C Y N 234 
PHE CD1  C Y N 235 
PHE CD2  C Y N 236 
PHE CE1  C Y N 237 
PHE CE2  C Y N 238 
PHE CZ   C Y N 239 
PHE OXT  O N N 240 
PHE H    H N N 241 
PHE H2   H N N 242 
PHE HA   H N N 243 
PHE HB2  H N N 244 
PHE HB3  H N N 245 
PHE HD1  H N N 246 
PHE HD2  H N N 247 
PHE HE1  H N N 248 
PHE HE2  H N N 249 
PHE HZ   H N N 250 
PHE HXT  H N N 251 
PRO N    N N N 252 
PRO CA   C N S 253 
PRO C    C N N 254 
PRO O    O N N 255 
PRO CB   C N N 256 
PRO CG   C N N 257 
PRO CD   C N N 258 
PRO OXT  O N N 259 
PRO H    H N N 260 
PRO HA   H N N 261 
PRO HB2  H N N 262 
PRO HB3  H N N 263 
PRO HG2  H N N 264 
PRO HG3  H N N 265 
PRO HD2  H N N 266 
PRO HD3  H N N 267 
PRO HXT  H N N 268 
SER N    N N N 269 
SER CA   C N S 270 
SER C    C N N 271 
SER O    O N N 272 
SER CB   C N N 273 
SER OG   O N N 274 
SER OXT  O N N 275 
SER H    H N N 276 
SER H2   H N N 277 
SER HA   H N N 278 
SER HB2  H N N 279 
SER HB3  H N N 280 
SER HG   H N N 281 
SER HXT  H N N 282 
THR N    N N N 283 
THR CA   C N S 284 
THR C    C N N 285 
THR O    O N N 286 
THR CB   C N R 287 
THR OG1  O N N 288 
THR CG2  C N N 289 
THR OXT  O N N 290 
THR H    H N N 291 
THR H2   H N N 292 
THR HA   H N N 293 
THR HB   H N N 294 
THR HG1  H N N 295 
THR HG21 H N N 296 
THR HG22 H N N 297 
THR HG23 H N N 298 
THR HXT  H N N 299 
TRP N    N N N 300 
TRP CA   C N S 301 
TRP C    C N N 302 
TRP O    O N N 303 
TRP CB   C N N 304 
TRP CG   C Y N 305 
TRP CD1  C Y N 306 
TRP CD2  C Y N 307 
TRP NE1  N Y N 308 
TRP CE2  C Y N 309 
TRP CE3  C Y N 310 
TRP CZ2  C Y N 311 
TRP CZ3  C Y N 312 
TRP CH2  C Y N 313 
TRP OXT  O N N 314 
TRP H    H N N 315 
TRP H2   H N N 316 
TRP HA   H N N 317 
TRP HB2  H N N 318 
TRP HB3  H N N 319 
TRP HD1  H N N 320 
TRP HE1  H N N 321 
TRP HE3  H N N 322 
TRP HZ2  H N N 323 
TRP HZ3  H N N 324 
TRP HH2  H N N 325 
TRP HXT  H N N 326 
TYR N    N N N 327 
TYR CA   C N S 328 
TYR C    C N N 329 
TYR O    O N N 330 
TYR CB   C N N 331 
TYR CG   C Y N 332 
TYR CD1  C Y N 333 
TYR CD2  C Y N 334 
TYR CE1  C Y N 335 
TYR CE2  C Y N 336 
TYR CZ   C Y N 337 
TYR OH   O N N 338 
TYR OXT  O N N 339 
TYR H    H N N 340 
TYR H2   H N N 341 
TYR HA   H N N 342 
TYR HB2  H N N 343 
TYR HB3  H N N 344 
TYR HD1  H N N 345 
TYR HD2  H N N 346 
TYR HE1  H N N 347 
TYR HE2  H N N 348 
TYR HH   H N N 349 
TYR HXT  H N N 350 
VAL N    N N N 351 
VAL CA   C N S 352 
VAL C    C N N 353 
VAL O    O N N 354 
VAL CB   C N N 355 
VAL CG1  C N N 356 
VAL CG2  C N N 357 
VAL OXT  O N N 358 
VAL H    H N N 359 
VAL H2   H N N 360 
VAL HA   H N N 361 
VAL HB   H N N 362 
VAL HG11 H N N 363 
VAL HG12 H N N 364 
VAL HG13 H N N 365 
VAL HG21 H N N 366 
VAL HG22 H N N 367 
VAL HG23 H N N 368 
VAL HXT  H N N 369 
# 
loop_
_chem_comp_bond.comp_id 
_chem_comp_bond.atom_id_1 
_chem_comp_bond.atom_id_2 
_chem_comp_bond.value_order 
_chem_comp_bond.pdbx_aromatic_flag 
_chem_comp_bond.pdbx_stereo_config 
_chem_comp_bond.pdbx_ordinal 
ALA N   CA   sing N N 1   
ALA N   H    sing N N 2   
ALA N   H2   sing N N 3   
ALA CA  C    sing N N 4   
ALA CA  CB   sing N N 5   
ALA CA  HA   sing N N 6   
ALA C   O    doub N N 7   
ALA C   OXT  sing N N 8   
ALA CB  HB1  sing N N 9   
ALA CB  HB2  sing N N 10  
ALA CB  HB3  sing N N 11  
ALA OXT HXT  sing N N 12  
ARG N   CA   sing N N 13  
ARG N   H    sing N N 14  
ARG N   H2   sing N N 15  
ARG CA  C    sing N N 16  
ARG CA  CB   sing N N 17  
ARG CA  HA   sing N N 18  
ARG C   O    doub N N 19  
ARG C   OXT  sing N N 20  
ARG CB  CG   sing N N 21  
ARG CB  HB2  sing N N 22  
ARG CB  HB3  sing N N 23  
ARG CG  CD   sing N N 24  
ARG CG  HG2  sing N N 25  
ARG CG  HG3  sing N N 26  
ARG CD  NE   sing N N 27  
ARG CD  HD2  sing N N 28  
ARG CD  HD3  sing N N 29  
ARG NE  CZ   sing N N 30  
ARG NE  HE   sing N N 31  
ARG CZ  NH1  sing N N 32  
ARG CZ  NH2  doub N N 33  
ARG NH1 HH11 sing N N 34  
ARG NH1 HH12 sing N N 35  
ARG NH2 HH21 sing N N 36  
ARG NH2 HH22 sing N N 37  
ARG OXT HXT  sing N N 38  
ASN N   CA   sing N N 39  
ASN N   H    sing N N 40  
ASN N   H2   sing N N 41  
ASN CA  C    sing N N 42  
ASN CA  CB   sing N N 43  
ASN CA  HA   sing N N 44  
ASN C   O    doub N N 45  
ASN C   OXT  sing N N 46  
ASN CB  CG   sing N N 47  
ASN CB  HB2  sing N N 48  
ASN CB  HB3  sing N N 49  
ASN CG  OD1  doub N N 50  
ASN CG  ND2  sing N N 51  
ASN ND2 HD21 sing N N 52  
ASN ND2 HD22 sing N N 53  
ASN OXT HXT  sing N N 54  
ASP N   CA   sing N N 55  
ASP N   H    sing N N 56  
ASP N   H2   sing N N 57  
ASP CA  C    sing N N 58  
ASP CA  CB   sing N N 59  
ASP CA  HA   sing N N 60  
ASP C   O    doub N N 61  
ASP C   OXT  sing N N 62  
ASP CB  CG   sing N N 63  
ASP CB  HB2  sing N N 64  
ASP CB  HB3  sing N N 65  
ASP CG  OD1  doub N N 66  
ASP CG  OD2  sing N N 67  
ASP OD2 HD2  sing N N 68  
ASP OXT HXT  sing N N 69  
CYS N   CA   sing N N 70  
CYS N   H    sing N N 71  
CYS N   H2   sing N N 72  
CYS CA  C    sing N N 73  
CYS CA  CB   sing N N 74  
CYS CA  HA   sing N N 75  
CYS C   O    doub N N 76  
CYS C   OXT  sing N N 77  
CYS CB  SG   sing N N 78  
CYS CB  HB2  sing N N 79  
CYS CB  HB3  sing N N 80  
CYS SG  HG   sing N N 81  
CYS OXT HXT  sing N N 82  
GLN N   CA   sing N N 83  
GLN N   H    sing N N 84  
GLN N   H2   sing N N 85  
GLN CA  C    sing N N 86  
GLN CA  CB   sing N N 87  
GLN CA  HA   sing N N 88  
GLN C   O    doub N N 89  
GLN C   OXT  sing N N 90  
GLN CB  CG   sing N N 91  
GLN CB  HB2  sing N N 92  
GLN CB  HB3  sing N N 93  
GLN CG  CD   sing N N 94  
GLN CG  HG2  sing N N 95  
GLN CG  HG3  sing N N 96  
GLN CD  OE1  doub N N 97  
GLN CD  NE2  sing N N 98  
GLN NE2 HE21 sing N N 99  
GLN NE2 HE22 sing N N 100 
GLN OXT HXT  sing N N 101 
GLU N   CA   sing N N 102 
GLU N   H    sing N N 103 
GLU N   H2   sing N N 104 
GLU CA  C    sing N N 105 
GLU CA  CB   sing N N 106 
GLU CA  HA   sing N N 107 
GLU C   O    doub N N 108 
GLU C   OXT  sing N N 109 
GLU CB  CG   sing N N 110 
GLU CB  HB2  sing N N 111 
GLU CB  HB3  sing N N 112 
GLU CG  CD   sing N N 113 
GLU CG  HG2  sing N N 114 
GLU CG  HG3  sing N N 115 
GLU CD  OE1  doub N N 116 
GLU CD  OE2  sing N N 117 
GLU OE2 HE2  sing N N 118 
GLU OXT HXT  sing N N 119 
GLY N   CA   sing N N 120 
GLY N   H    sing N N 121 
GLY N   H2   sing N N 122 
GLY CA  C    sing N N 123 
GLY CA  HA2  sing N N 124 
GLY CA  HA3  sing N N 125 
GLY C   O    doub N N 126 
GLY C   OXT  sing N N 127 
GLY OXT HXT  sing N N 128 
HOH O   H1   sing N N 129 
HOH O   H2   sing N N 130 
ILE N   CA   sing N N 131 
ILE N   H    sing N N 132 
ILE N   H2   sing N N 133 
ILE CA  C    sing N N 134 
ILE CA  CB   sing N N 135 
ILE CA  HA   sing N N 136 
ILE C   O    doub N N 137 
ILE C   OXT  sing N N 138 
ILE CB  CG1  sing N N 139 
ILE CB  CG2  sing N N 140 
ILE CB  HB   sing N N 141 
ILE CG1 CD1  sing N N 142 
ILE CG1 HG12 sing N N 143 
ILE CG1 HG13 sing N N 144 
ILE CG2 HG21 sing N N 145 
ILE CG2 HG22 sing N N 146 
ILE CG2 HG23 sing N N 147 
ILE CD1 HD11 sing N N 148 
ILE CD1 HD12 sing N N 149 
ILE CD1 HD13 sing N N 150 
ILE OXT HXT  sing N N 151 
LEU N   CA   sing N N 152 
LEU N   H    sing N N 153 
LEU N   H2   sing N N 154 
LEU CA  C    sing N N 155 
LEU CA  CB   sing N N 156 
LEU CA  HA   sing N N 157 
LEU C   O    doub N N 158 
LEU C   OXT  sing N N 159 
LEU CB  CG   sing N N 160 
LEU CB  HB2  sing N N 161 
LEU CB  HB3  sing N N 162 
LEU CG  CD1  sing N N 163 
LEU CG  CD2  sing N N 164 
LEU CG  HG   sing N N 165 
LEU CD1 HD11 sing N N 166 
LEU CD1 HD12 sing N N 167 
LEU CD1 HD13 sing N N 168 
LEU CD2 HD21 sing N N 169 
LEU CD2 HD22 sing N N 170 
LEU CD2 HD23 sing N N 171 
LEU OXT HXT  sing N N 172 
LYS N   CA   sing N N 173 
LYS N   H    sing N N 174 
LYS N   H2   sing N N 175 
LYS CA  C    sing N N 176 
LYS CA  CB   sing N N 177 
LYS CA  HA   sing N N 178 
LYS C   O    doub N N 179 
LYS C   OXT  sing N N 180 
LYS CB  CG   sing N N 181 
LYS CB  HB2  sing N N 182 
LYS CB  HB3  sing N N 183 
LYS CG  CD   sing N N 184 
LYS CG  HG2  sing N N 185 
LYS CG  HG3  sing N N 186 
LYS CD  CE   sing N N 187 
LYS CD  HD2  sing N N 188 
LYS CD  HD3  sing N N 189 
LYS CE  NZ   sing N N 190 
LYS CE  HE2  sing N N 191 
LYS CE  HE3  sing N N 192 
LYS NZ  HZ1  sing N N 193 
LYS NZ  HZ2  sing N N 194 
LYS NZ  HZ3  sing N N 195 
LYS OXT HXT  sing N N 196 
MET N   CA   sing N N 197 
MET N   H    sing N N 198 
MET N   H2   sing N N 199 
MET CA  C    sing N N 200 
MET CA  CB   sing N N 201 
MET CA  HA   sing N N 202 
MET C   O    doub N N 203 
MET C   OXT  sing N N 204 
MET CB  CG   sing N N 205 
MET CB  HB2  sing N N 206 
MET CB  HB3  sing N N 207 
MET CG  SD   sing N N 208 
MET CG  HG2  sing N N 209 
MET CG  HG3  sing N N 210 
MET SD  CE   sing N N 211 
MET CE  HE1  sing N N 212 
MET CE  HE2  sing N N 213 
MET CE  HE3  sing N N 214 
MET OXT HXT  sing N N 215 
PHE N   CA   sing N N 216 
PHE N   H    sing N N 217 
PHE N   H2   sing N N 218 
PHE CA  C    sing N N 219 
PHE CA  CB   sing N N 220 
PHE CA  HA   sing N N 221 
PHE C   O    doub N N 222 
PHE C   OXT  sing N N 223 
PHE CB  CG   sing N N 224 
PHE CB  HB2  sing N N 225 
PHE CB  HB3  sing N N 226 
PHE CG  CD1  doub Y N 227 
PHE CG  CD2  sing Y N 228 
PHE CD1 CE1  sing Y N 229 
PHE CD1 HD1  sing N N 230 
PHE CD2 CE2  doub Y N 231 
PHE CD2 HD2  sing N N 232 
PHE CE1 CZ   doub Y N 233 
PHE CE1 HE1  sing N N 234 
PHE CE2 CZ   sing Y N 235 
PHE CE2 HE2  sing N N 236 
PHE CZ  HZ   sing N N 237 
PHE OXT HXT  sing N N 238 
PRO N   CA   sing N N 239 
PRO N   CD   sing N N 240 
PRO N   H    sing N N 241 
PRO CA  C    sing N N 242 
PRO CA  CB   sing N N 243 
PRO CA  HA   sing N N 244 
PRO C   O    doub N N 245 
PRO C   OXT  sing N N 246 
PRO CB  CG   sing N N 247 
PRO CB  HB2  sing N N 248 
PRO CB  HB3  sing N N 249 
PRO CG  CD   sing N N 250 
PRO CG  HG2  sing N N 251 
PRO CG  HG3  sing N N 252 
PRO CD  HD2  sing N N 253 
PRO CD  HD3  sing N N 254 
PRO OXT HXT  sing N N 255 
SER N   CA   sing N N 256 
SER N   H    sing N N 257 
SER N   H2   sing N N 258 
SER CA  C    sing N N 259 
SER CA  CB   sing N N 260 
SER CA  HA   sing N N 261 
SER C   O    doub N N 262 
SER C   OXT  sing N N 263 
SER CB  OG   sing N N 264 
SER CB  HB2  sing N N 265 
SER CB  HB3  sing N N 266 
SER OG  HG   sing N N 267 
SER OXT HXT  sing N N 268 
THR N   CA   sing N N 269 
THR N   H    sing N N 270 
THR N   H2   sing N N 271 
THR CA  C    sing N N 272 
THR CA  CB   sing N N 273 
THR CA  HA   sing N N 274 
THR C   O    doub N N 275 
THR C   OXT  sing N N 276 
THR CB  OG1  sing N N 277 
THR CB  CG2  sing N N 278 
THR CB  HB   sing N N 279 
THR OG1 HG1  sing N N 280 
THR CG2 HG21 sing N N 281 
THR CG2 HG22 sing N N 282 
THR CG2 HG23 sing N N 283 
THR OXT HXT  sing N N 284 
TRP N   CA   sing N N 285 
TRP N   H    sing N N 286 
TRP N   H2   sing N N 287 
TRP CA  C    sing N N 288 
TRP CA  CB   sing N N 289 
TRP CA  HA   sing N N 290 
TRP C   O    doub N N 291 
TRP C   OXT  sing N N 292 
TRP CB  CG   sing N N 293 
TRP CB  HB2  sing N N 294 
TRP CB  HB3  sing N N 295 
TRP CG  CD1  doub Y N 296 
TRP CG  CD2  sing Y N 297 
TRP CD1 NE1  sing Y N 298 
TRP CD1 HD1  sing N N 299 
TRP CD2 CE2  doub Y N 300 
TRP CD2 CE3  sing Y N 301 
TRP NE1 CE2  sing Y N 302 
TRP NE1 HE1  sing N N 303 
TRP CE2 CZ2  sing Y N 304 
TRP CE3 CZ3  doub Y N 305 
TRP CE3 HE3  sing N N 306 
TRP CZ2 CH2  doub Y N 307 
TRP CZ2 HZ2  sing N N 308 
TRP CZ3 CH2  sing Y N 309 
TRP CZ3 HZ3  sing N N 310 
TRP CH2 HH2  sing N N 311 
TRP OXT HXT  sing N N 312 
TYR N   CA   sing N N 313 
TYR N   H    sing N N 314 
TYR N   H2   sing N N 315 
TYR CA  C    sing N N 316 
TYR CA  CB   sing N N 317 
TYR CA  HA   sing N N 318 
TYR C   O    doub N N 319 
TYR C   OXT  sing N N 320 
TYR CB  CG   sing N N 321 
TYR CB  HB2  sing N N 322 
TYR CB  HB3  sing N N 323 
TYR CG  CD1  doub Y N 324 
TYR CG  CD2  sing Y N 325 
TYR CD1 CE1  sing Y N 326 
TYR CD1 HD1  sing N N 327 
TYR CD2 CE2  doub Y N 328 
TYR CD2 HD2  sing N N 329 
TYR CE1 CZ   doub Y N 330 
TYR CE1 HE1  sing N N 331 
TYR CE2 CZ   sing Y N 332 
TYR CE2 HE2  sing N N 333 
TYR CZ  OH   sing N N 334 
TYR OH  HH   sing N N 335 
TYR OXT HXT  sing N N 336 
VAL N   CA   sing N N 337 
VAL N   H    sing N N 338 
VAL N   H2   sing N N 339 
VAL CA  C    sing N N 340 
VAL CA  CB   sing N N 341 
VAL CA  HA   sing N N 342 
VAL C   O    doub N N 343 
VAL C   OXT  sing N N 344 
VAL CB  CG1  sing N N 345 
VAL CB  CG2  sing N N 346 
VAL CB  HB   sing N N 347 
VAL CG1 HG11 sing N N 348 
VAL CG1 HG12 sing N N 349 
VAL CG1 HG13 sing N N 350 
VAL CG2 HG21 sing N N 351 
VAL CG2 HG22 sing N N 352 
VAL CG2 HG23 sing N N 353 
VAL OXT HXT  sing N N 354 
# 
_pdbx_audit_support.funding_organization   'Canadian Institutes of Health Research (CIHR)' 
_pdbx_audit_support.country                Canada 
_pdbx_audit_support.grant_number           MOP-119608 
_pdbx_audit_support.ordinal                1 
# 
_atom_sites.entry_id                    6B28 
_atom_sites.fract_transf_matrix[1][1]   0.00574937 
_atom_sites.fract_transf_matrix[1][2]   0.01492518 
_atom_sites.fract_transf_matrix[1][3]   0.02330074 
_atom_sites.fract_transf_matrix[2][1]   0.00145072 
_atom_sites.fract_transf_matrix[2][2]   0.01673203 
_atom_sites.fract_transf_matrix[2][3]   -0.01107558 
_atom_sites.fract_transf_matrix[3][1]   -0.01088915 
_atom_sites.fract_transf_matrix[3][2]   0.00191198 
_atom_sites.fract_transf_matrix[3][3]   0.00146215 
_atom_sites.fract_transf_vector[1]      -0.061410 
_atom_sites.fract_transf_vector[2]      0.144790 
_atom_sites.fract_transf_vector[3]      -0.163066 
# 
loop_
_atom_type.symbol 
C 
N 
O 
S 
# 
loop_
_atom_site.group_PDB 
_atom_site.id 
_atom_site.type_symbol 
_atom_site.label_atom_id 
_atom_site.label_alt_id 
_atom_site.label_comp_id 
_atom_site.label_asym_id 
_atom_site.label_entity_id 
_atom_site.label_seq_id 
_atom_site.pdbx_PDB_ins_code 
_atom_site.Cartn_x 
_atom_site.Cartn_y 
_atom_site.Cartn_z 
_atom_site.occupancy 
_atom_site.B_iso_or_equiv 
_atom_site.pdbx_formal_charge 
_atom_site.auth_seq_id 
_atom_site.auth_comp_id 
_atom_site.auth_asym_id 
_atom_site.auth_atom_id 
_atom_site.pdbx_PDB_model_num 
ATOM   1   N N   . SER A 1 5   ? -8.578  -5.091  -5.830  1.00 51.09 ? 296 SER A N   1 
ATOM   2   C CA  . SER A 1 5   ? -8.368  -4.373  -4.519  1.00 49.59 ? 296 SER A CA  1 
ATOM   3   C C   . SER A 1 5   ? -7.250  -3.329  -4.608  1.00 42.42 ? 296 SER A C   1 
ATOM   4   O O   . SER A 1 5   ? -6.261  -3.594  -5.260  1.00 43.24 ? 296 SER A O   1 
ATOM   5   C CB  . SER A 1 5   ? -8.046  -5.403  -3.414  1.00 50.66 ? 296 SER A CB  1 
ATOM   6   N N   . TYR A 1 6   ? -7.409  -2.155  -3.984  1.00 38.82 ? 297 TYR A N   1 
ATOM   7   C CA  . TYR A 1 6   ? -6.279  -1.191  -3.786  1.00 36.66 ? 297 TYR A CA  1 
ATOM   8   C C   . TYR A 1 6   ? -6.036  -0.962  -2.294  1.00 32.92 ? 297 TYR A C   1 
ATOM   9   O O   . TYR A 1 6   ? -6.945  -1.126  -1.499  1.00 30.44 ? 297 TYR A O   1 
ATOM   10  C CB  . TYR A 1 6   ? -6.504  0.158   -4.488  1.00 38.35 ? 297 TYR A CB  1 
ATOM   11  C CG  . TYR A 1 6   ? -6.860  0.033   -5.947  1.00 41.03 ? 297 TYR A CG  1 
ATOM   12  C CD1 . TYR A 1 6   ? -8.156  -0.321  -6.321  1.00 46.96 ? 297 TYR A CD1 1 
ATOM   13  C CD2 . TYR A 1 6   ? -5.916  0.250   -6.956  1.00 40.38 ? 297 TYR A CD2 1 
ATOM   14  C CE1 . TYR A 1 6   ? -8.515  -0.456  -7.657  1.00 49.41 ? 297 TYR A CE1 1 
ATOM   15  C CE2 . TYR A 1 6   ? -6.260  0.119   -8.300  1.00 43.19 ? 297 TYR A CE2 1 
ATOM   16  C CZ  . TYR A 1 6   ? -7.569  -0.240  -8.655  1.00 48.58 ? 297 TYR A CZ  1 
ATOM   17  O OH  . TYR A 1 6   ? -8.001  -0.393  -9.983  1.00 48.96 ? 297 TYR A OH  1 
ATOM   18  N N   . VAL A 1 7   ? -4.803  -0.595  -1.927  1.00 31.41 ? 298 VAL A N   1 
ATOM   19  C CA  . VAL A 1 7   ? -4.407  -0.425  -0.513  1.00 29.44 ? 298 VAL A CA  1 
ATOM   20  C C   . VAL A 1 7   ? -3.562  0.830   -0.317  1.00 26.35 ? 298 VAL A C   1 
ATOM   21  O O   . VAL A 1 7   ? -2.692  1.120   -1.117  1.00 23.70 ? 298 VAL A O   1 
ATOM   22  C CB  . VAL A 1 7   ? -3.669  -1.675  0.052   1.00 29.69 ? 298 VAL A CB  1 
ATOM   23  C CG1 . VAL A 1 7   ? -2.395  -1.941  -0.721  1.00 31.99 ? 298 VAL A CG1 1 
ATOM   24  C CG2 . VAL A 1 7   ? -3.312  -1.533  1.531   1.00 28.84 ? 298 VAL A CG2 1 
ATOM   25  N N   . ALA A 1 8   ? -3.836  1.542   0.771   1.00 25.71 ? 299 ALA A N   1 
ATOM   26  C CA  . ALA A 1 8   ? -3.159  2.774   1.076   1.00 26.67 ? 299 ALA A CA  1 
ATOM   27  C C   . ALA A 1 8   ? -1.790  2.461   1.658   1.00 28.67 ? 299 ALA A C   1 
ATOM   28  O O   . ALA A 1 8   ? -1.660  1.703   2.642   1.00 28.20 ? 299 ALA A O   1 
ATOM   29  C CB  . ALA A 1 8   ? -3.961  3.600   2.050   1.00 26.79 ? 299 ALA A CB  1 
ATOM   30  N N   . LEU A 1 9   ? -0.785  3.034   1.002   1.00 28.78 ? 300 LEU A N   1 
ATOM   31  C CA  . LEU A 1 9   ? 0.595   2.974   1.424   1.00 29.47 ? 300 LEU A CA  1 
ATOM   32  C C   . LEU A 1 9   ? 0.895   3.980   2.488   1.00 30.34 ? 300 LEU A C   1 
ATOM   33  O O   . LEU A 1 9   ? 1.844   3.794   3.243   1.00 33.92 ? 300 LEU A O   1 
ATOM   34  C CB  . LEU A 1 9   ? 1.528   3.246   0.238   1.00 28.87 ? 300 LEU A CB  1 
ATOM   35  C CG  . LEU A 1 9   ? 1.454   2.239   -0.913  1.00 28.74 ? 300 LEU A CG  1 
ATOM   36  C CD1 . LEU A 1 9   ? 2.406   2.658   -2.008  1.00 29.00 ? 300 LEU A CD1 1 
ATOM   37  C CD2 . LEU A 1 9   ? 1.812   0.844   -0.432  1.00 29.64 ? 300 LEU A CD2 1 
ATOM   38  N N   . TYR A 1 10  ? 0.127   5.061   2.523   1.00 31.88 ? 301 TYR A N   1 
ATOM   39  C CA  . TYR A 1 10  ? 0.409   6.174   3.422   1.00 33.88 ? 301 TYR A CA  1 
ATOM   40  C C   . TYR A 1 10  ? -0.831  6.719   4.055   1.00 33.03 ? 301 TYR A C   1 
ATOM   41  O O   . TYR A 1 10  ? -1.925  6.609   3.524   1.00 34.61 ? 301 TYR A O   1 
ATOM   42  C CB  . TYR A 1 10  ? 1.079   7.335   2.691   1.00 33.54 ? 301 TYR A CB  1 
ATOM   43  C CG  . TYR A 1 10  ? 2.249   6.915   1.884   1.00 35.08 ? 301 TYR A CG  1 
ATOM   44  C CD1 . TYR A 1 10  ? 3.452   6.518   2.506   1.00 37.96 ? 301 TYR A CD1 1 
ATOM   45  C CD2 . TYR A 1 10  ? 2.169   6.875   0.508   1.00 34.99 ? 301 TYR A CD2 1 
ATOM   46  C CE1 . TYR A 1 10  ? 4.542   6.110   1.760   1.00 36.60 ? 301 TYR A CE1 1 
ATOM   47  C CE2 . TYR A 1 10  ? 3.240   6.476   -0.247  1.00 36.93 ? 301 TYR A CE2 1 
ATOM   48  C CZ  . TYR A 1 10  ? 4.418   6.089   0.380   1.00 38.93 ? 301 TYR A CZ  1 
ATOM   49  O OH  . TYR A 1 10  ? 5.463   5.696   -0.406  1.00 42.42 ? 301 TYR A OH  1 
ATOM   50  N N   . LYS A 1 11  ? -0.612  7.349   5.191   1.00 32.80 ? 302 LYS A N   1 
ATOM   51  C CA  . LYS A 1 11  ? -1.602  8.145   5.812   1.00 33.79 ? 302 LYS A CA  1 
ATOM   52  C C   . LYS A 1 11  ? -1.827  9.362   4.927   1.00 33.46 ? 302 LYS A C   1 
ATOM   53  O O   . LYS A 1 11  ? -0.891  9.908   4.340   1.00 36.51 ? 302 LYS A O   1 
ATOM   54  C CB  . LYS A 1 11  ? -1.113  8.573   7.167   1.00 36.58 ? 302 LYS A CB  1 
ATOM   55  C CG  . LYS A 1 11  ? -2.142  9.313   7.986   1.00 40.47 ? 302 LYS A CG  1 
ATOM   56  C CD  . LYS A 1 11  ? -1.453  9.940   9.181   0.83 43.57 ? 302 LYS A CD  1 
ATOM   57  C CE  . LYS A 1 11  ? -2.432  10.114  10.319  1.00 48.01 ? 302 LYS A CE  1 
ATOM   58  N NZ  . LYS A 1 11  ? -2.034  11.279  11.152  1.00 51.54 ? 302 LYS A NZ  1 
ATOM   59  N N   . PHE A 1 12  ? -3.083  9.762   4.821   1.00 31.51 ? 303 PHE A N   1 
ATOM   60  C CA  . PHE A 1 12  ? -3.467  10.954  4.087   1.00 28.42 ? 303 PHE A CA  1 
ATOM   61  C C   . PHE A 1 12  ? -4.626  11.586  4.827   1.00 27.94 ? 303 PHE A C   1 
ATOM   62  O O   . PHE A 1 12  ? -5.717  11.036  4.851   1.00 26.74 ? 303 PHE A O   1 
ATOM   63  C CB  . PHE A 1 12  ? -3.866  10.600  2.663   1.00 26.39 ? 303 PHE A CB  1 
ATOM   64  C CG  . PHE A 1 12  ? -4.410  11.760  1.881   1.00 24.85 ? 303 PHE A CG  1 
ATOM   65  C CD1 . PHE A 1 12  ? -3.618  12.863  1.618   1.00 23.72 ? 303 PHE A CD1 1 
ATOM   66  C CD2 . PHE A 1 12  ? -5.715  11.749  1.405   1.00 24.37 ? 303 PHE A CD2 1 
ATOM   67  C CE1 . PHE A 1 12  ? -4.116  13.954  0.897   1.00 23.65 ? 303 PHE A CE1 1 
ATOM   68  C CE2 . PHE A 1 12  ? -6.215  12.826  0.679   1.00 25.07 ? 303 PHE A CE2 1 
ATOM   69  C CZ  . PHE A 1 12  ? -5.409  13.935  0.416   1.00 23.72 ? 303 PHE A CZ  1 
ATOM   70  N N   . LEU A 1 13  ? -4.374  12.725  5.451   1.00 28.85 ? 304 LEU A N   1 
ATOM   71  C CA  . LEU A 1 13  ? -5.429  13.462  6.111   1.00 30.15 ? 304 LEU A CA  1 
ATOM   72  C C   . LEU A 1 13  ? -6.050  14.390  5.103   1.00 29.78 ? 304 LEU A C   1 
ATOM   73  O O   . LEU A 1 13  ? -5.345  14.942  4.286   1.00 31.58 ? 304 LEU A O   1 
ATOM   74  C CB  . LEU A 1 13  ? -4.873  14.265  7.269   1.00 31.19 ? 304 LEU A CB  1 
ATOM   75  C CG  . LEU A 1 13  ? -4.353  13.409  8.441   1.00 32.75 ? 304 LEU A CG  1 
ATOM   76  C CD1 . LEU A 1 13  ? -3.544  14.282  9.415   1.00 33.47 ? 304 LEU A CD1 1 
ATOM   77  C CD2 . LEU A 1 13  ? -5.499  12.686  9.147   1.00 30.73 ? 304 LEU A CD2 1 
ATOM   78  N N   . PRO A 1 14  ? -7.368  14.584  5.167   1.00 30.12 ? 305 PRO A N   1 
ATOM   79  C CA  . PRO A 1 14  ? -8.040  15.507  4.243   1.00 31.88 ? 305 PRO A CA  1 
ATOM   80  C C   . PRO A 1 14  ? -7.648  16.984  4.408   1.00 31.60 ? 305 PRO A C   1 
ATOM   81  O O   . PRO A 1 14  ? -7.477  17.452  5.514   1.00 31.21 ? 305 PRO A O   1 
ATOM   82  C CB  . PRO A 1 14  ? -9.521  15.298  4.548   1.00 29.74 ? 305 PRO A CB  1 
ATOM   83  C CG  . PRO A 1 14  ? -9.537  14.804  5.926   1.00 29.79 ? 305 PRO A CG  1 
ATOM   84  C CD  . PRO A 1 14  ? -8.319  13.966  6.091   1.00 29.52 ? 305 PRO A CD  1 
ATOM   85  N N   . GLN A 1 15  ? -7.489  17.669  3.283   1.00 33.26 ? 306 GLN A N   1 
ATOM   86  C CA  . GLN A 1 15  ? -7.156  19.080  3.242   1.00 36.65 ? 306 GLN A CA  1 
ATOM   87  C C   . GLN A 1 15  ? -8.344  19.885  2.691   1.00 37.75 ? 306 GLN A C   1 
ATOM   88  O O   . GLN A 1 15  ? -8.642  20.947  3.206   1.00 38.32 ? 306 GLN A O   1 
ATOM   89  C CB  . GLN A 1 15  ? -5.868  19.290  2.419   1.00 40.28 ? 306 GLN A CB  1 
ATOM   90  C CG  . GLN A 1 15  ? -4.650  18.417  2.850   1.00 45.10 ? 306 GLN A CG  1 
ATOM   91  C CD  . GLN A 1 15  ? -3.980  18.832  4.192   1.00 47.03 ? 306 GLN A CD  1 
ATOM   92  O OE1 . GLN A 1 15  ? -3.807  20.026  4.478   1.00 53.24 ? 306 GLN A OE1 1 
ATOM   93  N NE2 . GLN A 1 15  ? -3.588  17.843  5.005   1.00 40.88 ? 306 GLN A NE2 1 
ATOM   94  N N   . GLU A 1 16  ? -9.021  19.381  1.656   1.00 40.88 ? 307 GLU A N   1 
ATOM   95  C CA  . GLU A 1 16  ? -10.264 19.977  1.118   1.00 41.20 ? 307 GLU A CA  1 
ATOM   96  C C   . GLU A 1 16  ? -11.479 19.153  1.580   1.00 43.65 ? 307 GLU A C   1 
ATOM   97  O O   . GLU A 1 16  ? -11.333 18.074  2.150   1.00 44.98 ? 307 GLU A O   1 
ATOM   98  C CB  . GLU A 1 16  ? -10.211 20.059  -0.419  1.00 38.61 ? 307 GLU A CB  1 
ATOM   99  N N   . ASN A 1 17  ? -12.676 19.654  1.304   1.00 45.89 ? 308 ASN A N   1 
ATOM   100 C CA  A ASN A 1 17  ? -13.871 19.030  1.866   0.54 45.42 ? 308 ASN A CA  1 
ATOM   101 C CA  B ASN A 1 17  ? -13.928 19.066  1.798   0.46 46.86 ? 308 ASN A CA  1 
ATOM   102 C C   . ASN A 1 17  ? -14.118 17.633  1.295   1.00 46.21 ? 308 ASN A C   1 
ATOM   103 O O   . ASN A 1 17  ? -14.523 16.740  2.032   1.00 47.91 ? 308 ASN A O   1 
ATOM   104 C CB  A ASN A 1 17  ? -15.095 19.938  1.709   0.54 45.31 ? 308 ASN A CB  1 
ATOM   105 C CB  B ASN A 1 17  ? -15.107 19.954  1.352   0.46 48.55 ? 308 ASN A CB  1 
ATOM   106 C CG  A ASN A 1 17  ? -14.982 21.203  2.541   0.54 44.57 ? 308 ASN A CG  1 
ATOM   107 C CG  B ASN A 1 17  ? -16.462 19.437  1.816   0.46 49.64 ? 308 ASN A CG  1 
ATOM   108 O OD1 A ASN A 1 17  ? -15.403 21.240  3.701   0.54 42.43 ? 308 ASN A OD1 1 
ATOM   109 O OD1 B ASN A 1 17  ? -16.553 18.623  2.734   0.46 50.48 ? 308 ASN A OD1 1 
ATOM   110 N ND2 A ASN A 1 17  ? -14.364 22.233  1.964   0.54 44.51 ? 308 ASN A ND2 1 
ATOM   111 N ND2 B ASN A 1 17  ? -17.526 19.921  1.179   0.46 51.15 ? 308 ASN A ND2 1 
ATOM   112 N N   . ASN A 1 18  ? -13.835 17.429  0.021   1.00 44.61 ? 309 ASN A N   1 
ATOM   113 C CA  . ASN A 1 18  ? -14.130 16.144  -0.631  1.00 44.95 ? 309 ASN A CA  1 
ATOM   114 C C   . ASN A 1 18  ? -13.000 15.085  -0.596  1.00 39.99 ? 309 ASN A C   1 
ATOM   115 O O   . ASN A 1 18  ? -13.089 14.043  -1.254  1.00 35.32 ? 309 ASN A O   1 
ATOM   116 C CB  . ASN A 1 18  ? -14.595 16.401  -2.068  1.00 50.45 ? 309 ASN A CB  1 
ATOM   117 C CG  . ASN A 1 18  ? -13.505 17.028  -2.961  1.00 59.70 ? 309 ASN A CG  1 
ATOM   118 O OD1 . ASN A 1 18  ? -13.788 17.356  -4.126  1.00 69.22 ? 309 ASN A OD1 1 
ATOM   119 N ND2 . ASN A 1 18  ? -12.263 17.190  -2.436  1.00 50.86 ? 309 ASN A ND2 1 
ATOM   120 N N   . ASP A 1 19  ? -11.943 15.362  0.160   1.00 35.97 ? 310 ASP A N   1 
ATOM   121 C CA  . ASP A 1 19  ? -10.892 14.374  0.391   1.00 33.04 ? 310 ASP A CA  1 
ATOM   122 C C   . ASP A 1 19  ? -11.372 13.200  1.254   1.00 30.64 ? 310 ASP A C   1 
ATOM   123 O O   . ASP A 1 19  ? -12.188 13.386  2.174   1.00 28.02 ? 310 ASP A O   1 
ATOM   124 C CB  . ASP A 1 19  ? -9.679  15.032  1.054   1.00 32.71 ? 310 ASP A CB  1 
ATOM   125 C CG  . ASP A 1 19  ? -8.895  15.906  0.101   1.00 33.63 ? 310 ASP A CG  1 
ATOM   126 O OD1 . ASP A 1 19  ? -9.294  16.115  -1.058  1.00 34.76 ? 310 ASP A OD1 1 
ATOM   127 O OD2 . ASP A 1 19  ? -7.842  16.393  0.515   1.00 38.03 ? 310 ASP A OD2 1 
ATOM   128 N N   . LEU A 1 20  ? -10.856 12.003  0.936   1.00 27.48 ? 311 LEU A N   1 
ATOM   129 C CA  . LEU A 1 20  ? -11.069 10.800  1.743   1.00 27.43 ? 311 LEU A CA  1 
ATOM   130 C C   . LEU A 1 20  ? -9.803  10.487  2.538   1.00 26.02 ? 311 LEU A C   1 
ATOM   131 O O   . LEU A 1 20  ? -8.762  10.287  1.952   1.00 27.02 ? 311 LEU A O   1 
ATOM   132 C CB  . LEU A 1 20  ? -11.434 9.594   0.847   1.00 28.38 ? 311 LEU A CB  1 
ATOM   133 C CG  . LEU A 1 20  ? -11.309 8.143   1.375   1.00 26.89 ? 311 LEU A CG  1 
ATOM   134 C CD1 . LEU A 1 20  ? -12.557 7.748   2.142   1.00 27.20 ? 311 LEU A CD1 1 
ATOM   135 C CD2 . LEU A 1 20  ? -11.055 7.169   0.244   1.00 26.24 ? 311 LEU A CD2 1 
ATOM   136 N N   . ALA A 1 21  ? -9.935  10.395  3.861   1.00 26.07 ? 312 ALA A N   1 
ATOM   137 C CA  . ALA A 1 21  ? -8.825  10.095  4.798   1.00 25.40 ? 312 ALA A CA  1 
ATOM   138 C C   . ALA A 1 21  ? -8.302  8.677   4.642   1.00 24.70 ? 312 ALA A C   1 
ATOM   139 O O   . ALA A 1 21  ? -9.075  7.725   4.653   1.00 26.16 ? 312 ALA A O   1 
ATOM   140 C CB  . ALA A 1 21  ? -9.275  10.312  6.249   1.00 23.79 ? 312 ALA A CB  1 
ATOM   141 N N   . LEU A 1 22  ? -6.997  8.528   4.476   1.00 24.82 ? 313 LEU A N   1 
ATOM   142 C CA  . LEU A 1 22  ? -6.392  7.178   4.438   1.00 25.57 ? 313 LEU A CA  1 
ATOM   143 C C   . LEU A 1 22  ? -5.586  6.949   5.679   1.00 24.86 ? 313 LEU A C   1 
ATOM   144 O O   . LEU A 1 22  ? -5.041  7.882   6.238   1.00 22.82 ? 313 LEU A O   1 
ATOM   145 C CB  . LEU A 1 22  ? -5.487  6.994   3.212   1.00 24.06 ? 313 LEU A CB  1 
ATOM   146 C CG  . LEU A 1 22  ? -6.082  7.438   1.880   1.00 24.07 ? 313 LEU A CG  1 
ATOM   147 C CD1 . LEU A 1 22  ? -5.019  7.276   0.801   1.00 24.81 ? 313 LEU A CD1 1 
ATOM   148 C CD2 . LEU A 1 22  ? -7.375  6.718   1.509   1.00 23.41 ? 313 LEU A CD2 1 
ATOM   149 N N   . GLN A 1 23  ? -5.568  5.707   6.126   1.00 28.03 ? 314 GLN A N   1 
ATOM   150 C CA  . GLN A 1 23  ? -4.542  5.190   7.034   1.00 31.31 ? 314 GLN A CA  1 
ATOM   151 C C   . GLN A 1 23  ? -3.789  4.097   6.264   1.00 31.46 ? 314 GLN A C   1 
ATOM   152 O O   . GLN A 1 23  ? -4.387  3.415   5.430   1.00 29.33 ? 314 GLN A O   1 
ATOM   153 C CB  . GLN A 1 23  ? -5.169  4.621   8.321   1.00 33.39 ? 314 GLN A CB  1 
ATOM   154 C CG  . GLN A 1 23  ? -5.706  5.661   9.319   1.00 35.74 ? 314 GLN A CG  1 
ATOM   155 C CD  . GLN A 1 23  ? -4.612  6.538   9.985   1.00 41.21 ? 314 GLN A CD  1 
ATOM   156 O OE1 . GLN A 1 23  ? -3.447  6.131   10.095  1.00 43.17 ? 314 GLN A OE1 1 
ATOM   157 N NE2 . GLN A 1 23  ? -4.991  7.761   10.428  1.00 42.89 ? 314 GLN A NE2 1 
ATOM   158 N N   . PRO A 1 24  ? -2.472  3.932   6.511   1.00 34.67 ? 315 PRO A N   1 
ATOM   159 C CA  . PRO A 1 24  ? -1.755  2.802   5.876   1.00 35.11 ? 315 PRO A CA  1 
ATOM   160 C C   . PRO A 1 24  ? -2.414  1.445   6.146   1.00 34.39 ? 315 PRO A C   1 
ATOM   161 O O   . PRO A 1 24  ? -2.898  1.191   7.255   1.00 33.09 ? 315 PRO A O   1 
ATOM   162 C CB  . PRO A 1 24  ? -0.350  2.866   6.484   1.00 35.26 ? 315 PRO A CB  1 
ATOM   163 C CG  . PRO A 1 24  ? -0.483  3.743   7.673   1.00 35.54 ? 315 PRO A CG  1 
ATOM   164 C CD  . PRO A 1 24  ? -1.554  4.733   7.332   1.00 35.53 ? 315 PRO A CD  1 
ATOM   165 N N   . GLY A 1 25  ? -2.489  0.622   5.105   1.00 34.57 ? 316 GLY A N   1 
ATOM   166 C CA  . GLY A 1 25  ? -3.212  -0.639  5.170   1.00 34.01 ? 316 GLY A CA  1 
ATOM   167 C C   . GLY A 1 25  ? -4.690  -0.571  4.845   1.00 33.65 ? 316 GLY A C   1 
ATOM   168 O O   . GLY A 1 25  ? -5.327  -1.616  4.752   1.00 35.57 ? 316 GLY A O   1 
ATOM   169 N N   . ASP A 1 26  ? -5.261  0.621   4.663   1.00 33.29 ? 317 ASP A N   1 
ATOM   170 C CA  . ASP A 1 26  ? -6.687  0.711   4.327   1.00 32.51 ? 317 ASP A CA  1 
ATOM   171 C C   . ASP A 1 26  ? -6.912  0.052   2.965   1.00 32.85 ? 317 ASP A C   1 
ATOM   172 O O   . ASP A 1 26  ? -6.096  0.218   2.070   1.00 27.87 ? 317 ASP A O   1 
ATOM   173 C CB  . ASP A 1 26  ? -7.177  2.158   4.240   1.00 32.25 ? 317 ASP A CB  1 
ATOM   174 C CG  . ASP A 1 26  ? -7.448  2.803   5.589   1.00 31.45 ? 317 ASP A CG  1 
ATOM   175 O OD1 . ASP A 1 26  ? -7.390  2.151   6.646   1.00 32.57 ? 317 ASP A OD1 1 
ATOM   176 O OD2 . ASP A 1 26  ? -7.696  4.028   5.573   1.00 31.43 ? 317 ASP A OD2 1 
ATOM   177 N N   . ARG A 1 27  ? -8.011  -0.705  2.842   1.00 34.37 ? 318 ARG A N   1 
ATOM   178 C CA  . ARG A 1 27  ? -8.444  -1.277  1.566   1.00 33.94 ? 318 ARG A CA  1 
ATOM   179 C C   . ARG A 1 27  ? -9.484  -0.332  0.975   1.00 30.70 ? 318 ARG A C   1 
ATOM   180 O O   . ARG A 1 27  ? -10.429 0.051   1.657   1.00 33.34 ? 318 ARG A O   1 
ATOM   181 C CB  . ARG A 1 27  ? -9.097  -2.644  1.738   1.00 37.58 ? 318 ARG A CB  1 
ATOM   182 C CG  . ARG A 1 27  ? -8.394  -3.625  2.639   1.00 40.22 ? 318 ARG A CG  1 
ATOM   183 C CD  . ARG A 1 27  ? -7.142  -4.164  2.027   1.00 42.65 ? 318 ARG A CD  1 
ATOM   184 N NE  . ARG A 1 27  ? -6.800  -5.398  2.717   1.00 47.13 ? 318 ARG A NE  1 
ATOM   185 C CZ  . ARG A 1 27  ? -6.179  -5.479  3.896   1.00 54.81 ? 318 ARG A CZ  1 
ATOM   186 N NH1 . ARG A 1 27  ? -5.785  -4.390  4.573   1.00 55.01 ? 318 ARG A NH1 1 
ATOM   187 N NH2 . ARG A 1 27  ? -5.928  -6.685  4.408   1.00 61.10 ? 318 ARG A NH2 1 
ATOM   188 N N   . ILE A 1 28  ? -9.324  0.012   -0.293  1.00 26.81 ? 319 ILE A N   1 
ATOM   189 C CA  . ILE A 1 28  ? -10.079 1.085   -0.904  1.00 26.94 ? 319 ILE A CA  1 
ATOM   190 C C   . ILE A 1 28  ? -10.794 0.554   -2.124  1.00 26.29 ? 319 ILE A C   1 
ATOM   191 O O   . ILE A 1 28  ? -10.155 0.001   -3.001  1.00 28.03 ? 319 ILE A O   1 
ATOM   192 C CB  . ILE A 1 28  ? -9.156  2.262   -1.324  1.00 25.71 ? 319 ILE A CB  1 
ATOM   193 C CG1 . ILE A 1 28  ? -8.268  2.672   -0.138  1.00 24.81 ? 319 ILE A CG1 1 
ATOM   194 C CG2 . ILE A 1 28  ? -10.006 3.440   -1.827  1.00 25.23 ? 319 ILE A CG2 1 
ATOM   195 C CD1 . ILE A 1 28  ? -7.153  3.612   -0.501  1.00 24.62 ? 319 ILE A CD1 1 
ATOM   196 N N   . MET A 1 29  ? -12.106 0.736   -2.181  1.00 26.35 ? 320 MET A N   1 
ATOM   197 C CA  . MET A 1 29  ? -12.878 0.400   -3.373  1.00 27.91 ? 320 MET A CA  1 
ATOM   198 C C   . MET A 1 29  ? -12.972 1.636   -4.273  1.00 26.01 ? 320 MET A C   1 
ATOM   199 O O   . MET A 1 29  ? -13.399 2.710   -3.850  1.00 23.10 ? 320 MET A O   1 
ATOM   200 C CB  . MET A 1 29  ? -14.268 -0.113  -3.010  1.00 30.03 ? 320 MET A CB  1 
ATOM   201 C CG  . MET A 1 29  ? -14.233 -1.451  -2.292  1.00 32.77 ? 320 MET A CG  1 
ATOM   202 S SD  . MET A 1 29  ? -15.749 -1.856  -1.388  1.00 39.49 ? 320 MET A SD  1 
ATOM   203 C CE  . MET A 1 29  ? -15.990 -0.436  -0.308  1.00 38.34 ? 320 MET A CE  1 
ATOM   204 N N   . LEU A 1 30  ? -12.560 1.453   -5.519  1.00 25.46 ? 321 LEU A N   1 
ATOM   205 C CA  . LEU A 1 30  ? -12.490 2.518   -6.507  1.00 24.99 ? 321 LEU A CA  1 
ATOM   206 C C   . LEU A 1 30  ? -13.857 2.992   -6.984  1.00 23.60 ? 321 LEU A C   1 
ATOM   207 O O   . LEU A 1 30  ? -14.725 2.180   -7.254  1.00 22.39 ? 321 LEU A O   1 
ATOM   208 C CB  . LEU A 1 30  ? -11.679 1.991   -7.689  1.00 26.84 ? 321 LEU A CB  1 
ATOM   209 C CG  . LEU A 1 30  ? -11.150 2.920   -8.772  1.00 27.81 ? 321 LEU A CG  1 
ATOM   210 C CD1 . LEU A 1 30  ? -10.369 4.069   -8.159  1.00 28.76 ? 321 LEU A CD1 1 
ATOM   211 C CD2 . LEU A 1 30  ? -10.265 2.120   -9.721  1.00 28.27 ? 321 LEU A CD2 1 
ATOM   212 N N   . VAL A 1 31  ? -14.022 4.309   -7.091  1.00 24.37 ? 322 VAL A N   1 
ATOM   213 C CA  . VAL A 1 31  ? -15.268 4.960   -7.546  1.00 25.24 ? 322 VAL A CA  1 
ATOM   214 C C   . VAL A 1 31  ? -15.105 5.785   -8.863  1.00 26.13 ? 322 VAL A C   1 
ATOM   215 O O   . VAL A 1 31  ? -16.001 5.808   -9.719  1.00 25.96 ? 322 VAL A O   1 
ATOM   216 C CB  . VAL A 1 31  ? -15.847 5.824   -6.408  1.00 25.56 ? 322 VAL A CB  1 
ATOM   217 C CG1 . VAL A 1 31  ? -17.149 6.488   -6.812  1.00 25.91 ? 322 VAL A CG1 1 
ATOM   218 C CG2 . VAL A 1 31  ? -16.107 4.963   -5.192  1.00 27.06 ? 322 VAL A CG2 1 
ATOM   219 N N   . ASP A 1 32  ? -13.988 6.475   -9.024  1.00 27.66 ? 323 ASP A N   1 
ATOM   220 C CA  . ASP A 1 32  ? -13.700 7.146   -10.272 1.00 31.39 ? 323 ASP A CA  1 
ATOM   221 C C   . ASP A 1 32  ? -12.212 7.393   -10.394 1.00 31.46 ? 323 ASP A C   1 
ATOM   222 O O   . ASP A 1 32  ? -11.577 7.770   -9.418  1.00 33.07 ? 323 ASP A O   1 
ATOM   223 C CB  . ASP A 1 32  ? -14.462 8.472   -10.355 1.00 34.41 ? 323 ASP A CB  1 
ATOM   224 C CG  . ASP A 1 32  ? -14.327 9.126   -11.700 1.00 37.60 ? 323 ASP A CG  1 
ATOM   225 O OD1 . ASP A 1 32  ? -14.620 8.491   -12.746 1.00 43.83 ? 323 ASP A OD1 1 
ATOM   226 O OD2 . ASP A 1 32  ? -13.897 10.280  -11.712 1.00 44.89 ? 323 ASP A OD2 1 
ATOM   227 N N   . ASP A 1 33  ? -11.666 7.167   -11.583 1.00 32.30 ? 324 ASP A N   1 
ATOM   228 C CA  . ASP A 1 33  ? -10.232 7.390   -11.852 1.00 33.98 ? 324 ASP A CA  1 
ATOM   229 C C   . ASP A 1 33  ? -10.009 8.180   -13.133 1.00 35.48 ? 324 ASP A C   1 
ATOM   230 O O   . ASP A 1 33  ? -8.999  8.006   -13.799 1.00 38.60 ? 324 ASP A O   1 
ATOM   231 C CB  . ASP A 1 33  ? -9.462  6.054   -11.903 1.00 32.45 ? 324 ASP A CB  1 
ATOM   232 C CG  . ASP A 1 33  ? -10.040 5.074   -12.884 1.00 32.02 ? 324 ASP A CG  1 
ATOM   233 O OD1 . ASP A 1 33  ? -11.085 5.374   -13.495 1.00 31.72 ? 324 ASP A OD1 1 
ATOM   234 O OD2 . ASP A 1 33  ? -9.455  3.977   -13.023 1.00 32.47 ? 324 ASP A OD2 1 
ATOM   235 N N   . SER A 1 34  ? -10.948 9.055   -13.474 1.00 36.33 ? 325 SER A N   1 
ATOM   236 C CA  . SER A 1 34  ? -10.850 9.798   -14.708 1.00 36.75 ? 325 SER A CA  1 
ATOM   237 C C   . SER A 1 34  ? -9.710  10.820  -14.605 1.00 39.76 ? 325 SER A C   1 
ATOM   238 O O   . SER A 1 34  ? -9.081  11.111  -15.596 1.00 43.44 ? 325 SER A O   1 
ATOM   239 C CB  . SER A 1 34  ? -12.177 10.452  -15.044 1.00 34.51 ? 325 SER A CB  1 
ATOM   240 O OG  . SER A 1 34  ? -12.599 11.264  -13.985 1.00 34.65 ? 325 SER A OG  1 
ATOM   241 N N   . ASN A 1 35  ? -9.434  11.336  -13.408 1.00 40.89 ? 326 ASN A N   1 
ATOM   242 C CA  . ASN A 1 35  ? -8.234  12.139  -13.151 1.00 41.85 ? 326 ASN A CA  1 
ATOM   243 C C   . ASN A 1 35  ? -7.093  11.165  -12.826 1.00 43.86 ? 326 ASN A C   1 
ATOM   244 O O   . ASN A 1 35  ? -7.237  10.290  -11.993 1.00 45.24 ? 326 ASN A O   1 
ATOM   245 C CB  . ASN A 1 35  ? -8.528  13.114  -12.009 1.00 42.57 ? 326 ASN A CB  1 
ATOM   246 C CG  . ASN A 1 35  ? -7.363  14.033  -11.666 1.00 43.54 ? 326 ASN A CG  1 
ATOM   247 O OD1 . ASN A 1 35  ? -6.210  13.619  -11.583 1.00 44.53 ? 326 ASN A OD1 1 
ATOM   248 N ND2 . ASN A 1 35  ? -7.687  15.282  -11.369 1.00 44.68 ? 326 ASN A ND2 1 
ATOM   249 N N   . GLU A 1 36  ? -5.960  11.316  -13.501 1.00 47.21 ? 327 GLU A N   1 
ATOM   250 C CA  . GLU A 1 36  ? -4.845  10.378  -13.344 1.00 47.10 ? 327 GLU A CA  1 
ATOM   251 C C   . GLU A 1 36  ? -4.065  10.558  -12.026 1.00 41.77 ? 327 GLU A C   1 
ATOM   252 O O   . GLU A 1 36  ? -3.404  9.633   -11.585 1.00 40.01 ? 327 GLU A O   1 
ATOM   253 C CB  . GLU A 1 36  ? -3.904  10.386  -14.577 1.00 51.64 ? 327 GLU A CB  1 
ATOM   254 C CG  . GLU A 1 36  ? -3.296  11.744  -14.951 1.00 57.66 ? 327 GLU A CG  1 
ATOM   255 C CD  . GLU A 1 36  ? -1.894  11.649  -15.580 1.00 61.76 ? 327 GLU A CD  1 
ATOM   256 O OE1 . GLU A 1 36  ? -1.015  12.440  -15.175 1.00 64.67 ? 327 GLU A OE1 1 
ATOM   257 O OE2 . GLU A 1 36  ? -1.656  10.788  -16.462 1.00 61.66 ? 327 GLU A OE2 1 
ATOM   258 N N   . ASP A 1 37  ? -4.155  11.731  -11.407 1.00 38.48 ? 328 ASP A N   1 
ATOM   259 C CA  . ASP A 1 37  ? -3.449  12.021  -10.150 1.00 36.92 ? 328 ASP A CA  1 
ATOM   260 C C   . ASP A 1 37  ? -4.298  11.840  -8.903  1.00 34.03 ? 328 ASP A C   1 
ATOM   261 O O   . ASP A 1 37  ? -3.763  11.534  -7.842  1.00 32.45 ? 328 ASP A O   1 
ATOM   262 C CB  . ASP A 1 37  ? -3.006  13.481  -10.106 1.00 38.94 ? 328 ASP A CB  1 
ATOM   263 C CG  . ASP A 1 37  ? -2.218  13.895  -11.292 1.00 40.85 ? 328 ASP A CG  1 
ATOM   264 O OD1 . ASP A 1 37  ? -1.339  13.116  -11.740 1.00 40.33 ? 328 ASP A OD1 1 
ATOM   265 O OD2 . ASP A 1 37  ? -2.487  15.032  -11.766 1.00 43.38 ? 328 ASP A OD2 1 
ATOM   266 N N   . TRP A 1 38  ? -5.590  12.151  -9.008  1.00 32.38 ? 329 TRP A N   1 
ATOM   267 C CA  . TRP A 1 38  ? -6.517  12.132  -7.867  1.00 33.14 ? 329 TRP A CA  1 
ATOM   268 C C   . TRP A 1 38  ? -7.750  11.254  -8.150  1.00 33.26 ? 329 TRP A C   1 
ATOM   269 O O   . TRP A 1 38  ? -8.558  11.533  -9.042  1.00 36.97 ? 329 TRP A O   1 
ATOM   270 C CB  . TRP A 1 38  ? -6.959  13.547  -7.480  1.00 32.61 ? 329 TRP A CB  1 
ATOM   271 C CG  . TRP A 1 38  ? -5.829  14.380  -6.985  1.00 33.10 ? 329 TRP A CG  1 
ATOM   272 C CD1 . TRP A 1 38  ? -4.953  15.117  -7.741  1.00 32.67 ? 329 TRP A CD1 1 
ATOM   273 C CD2 . TRP A 1 38  ? -5.416  14.543  -5.625  1.00 33.21 ? 329 TRP A CD2 1 
ATOM   274 N NE1 . TRP A 1 38  ? -4.019  15.721  -6.936  1.00 31.97 ? 329 TRP A NE1 1 
ATOM   275 C CE2 . TRP A 1 38  ? -4.284  15.402  -5.632  1.00 31.62 ? 329 TRP A CE2 1 
ATOM   276 C CE3 . TRP A 1 38  ? -5.898  14.064  -4.397  1.00 32.11 ? 329 TRP A CE3 1 
ATOM   277 C CZ2 . TRP A 1 38  ? -3.637  15.792  -4.468  1.00 31.04 ? 329 TRP A CZ2 1 
ATOM   278 C CZ3 . TRP A 1 38  ? -5.238  14.438  -3.236  1.00 31.68 ? 329 TRP A CZ3 1 
ATOM   279 C CH2 . TRP A 1 38  ? -4.122  15.298  -3.280  1.00 31.66 ? 329 TRP A CH2 1 
ATOM   280 N N   . TRP A 1 39  ? -7.871  10.192  -7.367  1.00 29.74 ? 330 TRP A N   1 
ATOM   281 C CA  . TRP A 1 39  ? -8.869  9.174   -7.561  1.00 27.13 ? 330 TRP A CA  1 
ATOM   282 C C   . TRP A 1 39  ? -9.900  9.289   -6.479  1.00 26.67 ? 330 TRP A C   1 
ATOM   283 O O   . TRP A 1 39  ? -9.606  9.735   -5.377  1.00 26.14 ? 330 TRP A O   1 
ATOM   284 C CB  . TRP A 1 39  ? -8.208  7.808   -7.470  1.00 26.48 ? 330 TRP A CB  1 
ATOM   285 C CG  . TRP A 1 39  ? -7.449  7.402   -8.689  1.00 25.17 ? 330 TRP A CG  1 
ATOM   286 C CD1 . TRP A 1 39  ? -7.248  8.134   -9.821  1.00 24.31 ? 330 TRP A CD1 1 
ATOM   287 C CD2 . TRP A 1 39  ? -6.786  6.166   -8.887  1.00 23.67 ? 330 TRP A CD2 1 
ATOM   288 N NE1 . TRP A 1 39  ? -6.524  7.419   -10.715 1.00 23.19 ? 330 TRP A NE1 1 
ATOM   289 C CE2 . TRP A 1 39  ? -6.218  6.202   -10.164 1.00 22.99 ? 330 TRP A CE2 1 
ATOM   290 C CE3 . TRP A 1 39  ? -6.635  5.011   -8.105  1.00 26.10 ? 330 TRP A CE3 1 
ATOM   291 C CZ2 . TRP A 1 39  ? -5.487  5.136   -10.691 1.00 23.37 ? 330 TRP A CZ2 1 
ATOM   292 C CZ3 . TRP A 1 39  ? -5.908  3.923   -8.636  1.00 26.47 ? 330 TRP A CZ3 1 
ATOM   293 C CH2 . TRP A 1 39  ? -5.338  4.013   -9.926  1.00 25.47 ? 330 TRP A CH2 1 
ATOM   294 N N   . LYS A 1 40  ? -11.111 8.866   -6.819  1.00 27.99 ? 331 LYS A N   1 
ATOM   295 C CA  . LYS A 1 40  ? -12.221 8.842   -5.908  1.00 27.64 ? 331 LYS A CA  1 
ATOM   296 C C   . LYS A 1 40  ? -12.438 7.395   -5.523  1.00 26.11 ? 331 LYS A C   1 
ATOM   297 O O   . LYS A 1 40  ? -12.427 6.502   -6.374  1.00 25.39 ? 331 LYS A O   1 
ATOM   298 C CB  . LYS A 1 40  ? -13.430 9.428   -6.576  1.00 30.31 ? 331 LYS A CB  1 
ATOM   299 C CG  . LYS A 1 40  ? -14.492 9.867   -5.588  1.00 34.49 ? 331 LYS A CG  1 
ATOM   300 C CD  . LYS A 1 40  ? -15.431 10.873  -6.231  1.00 37.16 ? 331 LYS A CD  1 
ATOM   301 C CE  . LYS A 1 40  ? -16.788 10.828  -5.566  1.00 40.17 ? 331 LYS A CE  1 
ATOM   302 N NZ  . LYS A 1 40  ? -17.686 11.853  -6.154  1.00 42.05 ? 331 LYS A NZ  1 
ATOM   303 N N   . GLY A 1 41  ? -12.562 7.165   -4.228  1.00 24.73 ? 332 GLY A N   1 
ATOM   304 C CA  . GLY A 1 41  ? -12.616 5.822   -3.671  1.00 23.67 ? 332 GLY A CA  1 
ATOM   305 C C   . GLY A 1 41  ? -13.463 5.841   -2.421  1.00 23.49 ? 332 GLY A C   1 
ATOM   306 O O   . GLY A 1 41  ? -13.898 6.917   -1.944  1.00 22.36 ? 332 GLY A O   1 
ATOM   307 N N   . LYS A 1 42  ? -13.715 4.649   -1.906  1.00 23.58 ? 333 LYS A N   1 
ATOM   308 C CA  . LYS A 1 42  ? -14.632 4.456   -0.785  1.00 24.23 ? 333 LYS A CA  1 
ATOM   309 C C   . LYS A 1 42  ? -13.984 3.578   0.286   1.00 22.98 ? 333 LYS A C   1 
ATOM   310 O O   . LYS A 1 42  ? -13.325 2.592   -0.026  1.00 22.68 ? 333 LYS A O   1 
ATOM   311 C CB  . LYS A 1 42  ? -15.943 3.839   -1.297  1.00 24.59 ? 333 LYS A CB  1 
ATOM   312 C CG  . LYS A 1 42  ? -17.014 3.609   -0.235  1.00 25.68 ? 333 LYS A CG  1 
ATOM   313 C CD  . LYS A 1 42  ? -18.235 2.953   -0.857  1.00 26.55 ? 333 LYS A CD  1 
ATOM   314 C CE  . LYS A 1 42  ? -19.284 2.554   0.170   1.00 26.99 ? 333 LYS A CE  1 
ATOM   315 N NZ  . LYS A 1 42  ? -19.050 1.183   0.711   1.00 26.64 ? 333 LYS A NZ  1 
ATOM   316 N N   . ILE A 1 43  ? -14.136 3.981   1.537   1.00 23.07 ? 334 ILE A N   1 
ATOM   317 C CA  . ILE A 1 43  ? -13.712 3.192   2.678   1.00 24.06 ? 334 ILE A CA  1 
ATOM   318 C C   . ILE A 1 43  ? -14.831 3.273   3.698   1.00 26.52 ? 334 ILE A C   1 
ATOM   319 O O   . ILE A 1 43  ? -15.211 4.369   4.116   1.00 26.10 ? 334 ILE A O   1 
ATOM   320 C CB  . ILE A 1 43  ? -12.433 3.716   3.341   1.00 23.06 ? 334 ILE A CB  1 
ATOM   321 C CG1 . ILE A 1 43  ? -11.258 3.733   2.353   1.00 22.76 ? 334 ILE A CG1 1 
ATOM   322 C CG2 . ILE A 1 43  ? -12.120 2.842   4.554   1.00 23.57 ? 334 ILE A CG2 1 
ATOM   323 C CD1 . ILE A 1 43  ? -10.000 4.405   2.862   1.00 22.38 ? 334 ILE A CD1 1 
ATOM   324 N N   . GLY A 1 44  ? -15.325 2.109   4.122   1.00 28.81 ? 335 GLY A N   1 
ATOM   325 C CA  . GLY A 1 44  ? -16.549 2.034   4.890   1.00 28.05 ? 335 GLY A CA  1 
ATOM   326 C C   . GLY A 1 44  ? -17.602 2.785   4.106   1.00 28.79 ? 335 GLY A C   1 
ATOM   327 O O   . GLY A 1 44  ? -17.737 2.593   2.912   1.00 27.53 ? 335 GLY A O   1 
ATOM   328 N N   . ASP A 1 45  ? -18.300 3.686   4.789   1.00 31.12 ? 336 ASP A N   1 
ATOM   329 C CA  . ASP A 1 45  ? -19.346 4.511   4.188   1.00 31.50 ? 336 ASP A CA  1 
ATOM   330 C C   . ASP A 1 45  ? -18.836 5.888   3.780   1.00 29.43 ? 336 ASP A C   1 
ATOM   331 O O   . ASP A 1 45  ? -19.651 6.762   3.453   1.00 29.03 ? 336 ASP A O   1 
ATOM   332 C CB  . ASP A 1 45  ? -20.507 4.676   5.179   1.00 35.36 ? 336 ASP A CB  1 
ATOM   333 C CG  . ASP A 1 45  ? -20.128 5.503   6.375   1.00 38.26 ? 336 ASP A CG  1 
ATOM   334 O OD1 . ASP A 1 45  ? -19.071 5.224   6.967   1.00 42.96 ? 336 ASP A OD1 1 
ATOM   335 O OD2 . ASP A 1 45  ? -20.872 6.432   6.710   1.00 41.86 ? 336 ASP A OD2 1 
ATOM   336 N N   . ARG A 1 46  ? -17.507 6.062   3.784   1.00 26.29 ? 337 ARG A N   1 
ATOM   337 C CA  . ARG A 1 46  ? -16.855 7.308   3.429   1.00 25.77 ? 337 ARG A CA  1 
ATOM   338 C C   . ARG A 1 46  ? -16.360 7.263   1.961   1.00 26.57 ? 337 ARG A C   1 
ATOM   339 O O   . ARG A 1 46  ? -15.731 6.302   1.538   1.00 24.97 ? 337 ARG A O   1 
ATOM   340 C CB  . ARG A 1 46  ? -15.693 7.605   4.397   1.00 24.98 ? 337 ARG A CB  1 
ATOM   341 C CG  . ARG A 1 46  ? -16.097 7.818   5.875   1.00 24.98 ? 337 ARG A CG  1 
ATOM   342 C CD  . ARG A 1 46  ? -15.035 7.402   6.899   1.00 24.18 ? 337 ARG A CD  1 
ATOM   343 N NE  . ARG A 1 46  ? -13.758 7.854   6.396   1.00 24.08 ? 337 ARG A NE  1 
ATOM   344 C CZ  . ARG A 1 46  ? -12.643 7.151   6.257   1.00 22.56 ? 337 ARG A CZ  1 
ATOM   345 N NH1 . ARG A 1 46  ? -11.609 7.751   5.669   1.00 22.11 ? 337 ARG A NH1 1 
ATOM   346 N NH2 . ARG A 1 46  ? -12.516 5.915   6.709   1.00 22.68 ? 337 ARG A NH2 1 
ATOM   347 N N   . VAL A 1 47  ? -16.657 8.322   1.204   1.00 26.75 ? 338 VAL A N   1 
ATOM   348 C CA  . VAL A 1 47  ? -16.307 8.434   -0.212  1.00 26.66 ? 338 VAL A CA  1 
ATOM   349 C C   . VAL A 1 47  ? -15.516 9.736   -0.379  1.00 26.30 ? 338 VAL A C   1 
ATOM   350 O O   . VAL A 1 47  ? -15.836 10.713  0.245   1.00 29.09 ? 338 VAL A O   1 
ATOM   351 C CB  . VAL A 1 47  ? -17.573 8.436   -1.117  1.00 25.68 ? 338 VAL A CB  1 
ATOM   352 C CG1 . VAL A 1 47  ? -17.209 8.226   -2.573  1.00 25.14 ? 338 VAL A CG1 1 
ATOM   353 C CG2 . VAL A 1 47  ? -18.551 7.340   -0.707  1.00 26.46 ? 338 VAL A CG2 1 
ATOM   354 N N   . GLY A 1 48  ? -14.478 9.748   -1.204  1.00 25.98 ? 339 GLY A N   1 
ATOM   355 C CA  . GLY A 1 48  ? -13.694 10.972  -1.424  1.00 25.06 ? 339 GLY A CA  1 
ATOM   356 C C   . GLY A 1 48  ? -12.436 10.780  -2.263  1.00 24.95 ? 339 GLY A C   1 
ATOM   357 O O   . GLY A 1 48  ? -12.108 9.675   -2.682  1.00 23.29 ? 339 GLY A O   1 
ATOM   358 N N   . PHE A 1 49  ? -11.725 11.883  -2.466  1.00 26.27 ? 340 PHE A N   1 
ATOM   359 C CA  . PHE A 1 49  ? -10.486 11.931  -3.253  1.00 25.44 ? 340 PHE A CA  1 
ATOM   360 C C   . PHE A 1 49  ? -9.185  11.706  -2.459  1.00 25.46 ? 340 PHE A C   1 
ATOM   361 O O   . PHE A 1 49  ? -9.045  12.057  -1.263  1.00 23.26 ? 340 PHE A O   1 
ATOM   362 C CB  . PHE A 1 49  ? -10.392 13.267  -3.973  1.00 26.19 ? 340 PHE A CB  1 
ATOM   363 C CG  . PHE A 1 49  ? -11.402 13.435  -5.052  1.00 26.33 ? 340 PHE A CG  1 
ATOM   364 C CD1 . PHE A 1 49  ? -11.143 12.962  -6.334  1.00 26.82 ? 340 PHE A CD1 1 
ATOM   365 C CD2 . PHE A 1 49  ? -12.615 14.059  -4.793  1.00 27.52 ? 340 PHE A CD2 1 
ATOM   366 C CE1 . PHE A 1 49  ? -12.082 13.102  -7.347  1.00 27.34 ? 340 PHE A CE1 1 
ATOM   367 C CE2 . PHE A 1 49  ? -13.564 14.204  -5.805  1.00 28.33 ? 340 PHE A CE2 1 
ATOM   368 C CZ  . PHE A 1 49  ? -13.288 13.726  -7.086  1.00 27.42 ? 340 PHE A CZ  1 
ATOM   369 N N   . PHE A 1 50  ? -8.213  11.124  -3.150  1.00 25.57 ? 341 PHE A N   1 
ATOM   370 C CA  . PHE A 1 50  ? -6.911  10.856  -2.538  1.00 25.58 ? 341 PHE A CA  1 
ATOM   371 C C   . PHE A 1 50  ? -5.905  10.680  -3.653  1.00 25.74 ? 341 PHE A C   1 
ATOM   372 O O   . PHE A 1 50  ? -6.293  10.478  -4.805  1.00 26.93 ? 341 PHE A O   1 
ATOM   373 C CB  . PHE A 1 50  ? -6.987  9.596   -1.688  1.00 25.82 ? 341 PHE A CB  1 
ATOM   374 C CG  . PHE A 1 50  ? -7.373  8.392   -2.471  1.00 24.58 ? 341 PHE A CG  1 
ATOM   375 C CD1 . PHE A 1 50  ? -8.699  8.116   -2.708  1.00 24.29 ? 341 PHE A CD1 1 
ATOM   376 C CD2 . PHE A 1 50  ? -6.407  7.580   -3.032  1.00 25.48 ? 341 PHE A CD2 1 
ATOM   377 C CE1 . PHE A 1 50  ? -9.074  7.017   -3.450  1.00 24.02 ? 341 PHE A CE1 1 
ATOM   378 C CE2 . PHE A 1 50  ? -6.769  6.481   -3.800  1.00 25.74 ? 341 PHE A CE2 1 
ATOM   379 C CZ  . PHE A 1 50  ? -8.109  6.191   -3.997  1.00 24.37 ? 341 PHE A CZ  1 
ATOM   380 N N   . PRO A 1 51  ? -4.614  10.733  -3.331  1.00 25.30 ? 342 PRO A N   1 
ATOM   381 C CA  . PRO A 1 51  ? -3.667  10.678  -4.425  1.00 25.30 ? 342 PRO A CA  1 
ATOM   382 C C   . PRO A 1 51  ? -3.528  9.264   -4.954  1.00 26.05 ? 342 PRO A C   1 
ATOM   383 O O   . PRO A 1 51  ? -3.336  8.333   -4.182  1.00 27.82 ? 342 PRO A O   1 
ATOM   384 C CB  . PRO A 1 51  ? -2.364  11.144  -3.784  1.00 25.39 ? 342 PRO A CB  1 
ATOM   385 C CG  . PRO A 1 51  ? -2.735  11.661  -2.425  1.00 25.61 ? 342 PRO A CG  1 
ATOM   386 C CD  . PRO A 1 51  ? -3.943  10.898  -2.038  1.00 25.64 ? 342 PRO A CD  1 
ATOM   387 N N   . ALA A 1 52  ? -3.614  9.118   -6.266  1.00 26.17 ? 343 ALA A N   1 
ATOM   388 C CA  . ALA A 1 52  ? -3.413  7.841   -6.941  1.00 26.48 ? 343 ALA A CA  1 
ATOM   389 C C   . ALA A 1 52  ? -2.098  7.164   -6.576  1.00 27.36 ? 343 ALA A C   1 
ATOM   390 O O   . ALA A 1 52  ? -2.050  5.953   -6.457  1.00 26.91 ? 343 ALA A O   1 
ATOM   391 C CB  . ALA A 1 52  ? -3.507  8.026   -8.448  1.00 25.29 ? 343 ALA A CB  1 
ATOM   392 N N   . ASN A 1 53  ? -1.040  7.949   -6.386  1.00 30.82 ? 344 ASN A N   1 
ATOM   393 C CA  . ASN A 1 53  ? 0.289   7.409   -6.078  1.00 33.73 ? 344 ASN A CA  1 
ATOM   394 C C   . ASN A 1 53  ? 0.415   6.957   -4.627  1.00 34.49 ? 344 ASN A C   1 
ATOM   395 O O   . ASN A 1 53  ? 1.419   6.362   -4.252  1.00 38.90 ? 344 ASN A O   1 
ATOM   396 C CB  . ASN A 1 53  ? 1.381   8.441   -6.401  1.00 36.93 ? 344 ASN A CB  1 
ATOM   397 C CG  . ASN A 1 53  ? 1.531   8.707   -7.893  1.00 36.44 ? 344 ASN A CG  1 
ATOM   398 O OD1 . ASN A 1 53  ? 2.140   7.910   -8.610  1.00 37.01 ? 344 ASN A OD1 1 
ATOM   399 N ND2 . ASN A 1 53  ? 0.990   9.839   -8.362  1.00 33.43 ? 344 ASN A ND2 1 
ATOM   400 N N   . PHE A 1 54  ? -0.599  7.228   -3.810  1.00 33.82 ? 345 PHE A N   1 
ATOM   401 C CA  . PHE A 1 54  ? -0.662  6.707   -2.431  1.00 31.52 ? 345 PHE A CA  1 
ATOM   402 C C   . PHE A 1 54  ? -1.141  5.262   -2.265  1.00 29.92 ? 345 PHE A C   1 
ATOM   403 O O   . PHE A 1 54  ? -1.118  4.743   -1.149  1.00 27.80 ? 345 PHE A O   1 
ATOM   404 C CB  . PHE A 1 54  ? -1.539  7.646   -1.593  1.00 30.44 ? 345 PHE A CB  1 
ATOM   405 C CG  . PHE A 1 54  ? -0.811  8.840   -1.084  1.00 29.69 ? 345 PHE A CG  1 
ATOM   406 C CD1 . PHE A 1 54  ? 0.235   9.419   -1.811  1.00 29.08 ? 345 PHE A CD1 1 
ATOM   407 C CD2 . PHE A 1 54  ? -1.151  9.375   0.148   1.00 31.02 ? 345 PHE A CD2 1 
ATOM   408 C CE1 . PHE A 1 54  ? 0.914   10.503  -1.325  1.00 29.24 ? 345 PHE A CE1 1 
ATOM   409 C CE2 . PHE A 1 54  ? -0.474  10.473  0.640   1.00 32.20 ? 345 PHE A CE2 1 
ATOM   410 C CZ  . PHE A 1 54  ? 0.560   11.036  -0.105  1.00 31.60 ? 345 PHE A CZ  1 
ATOM   411 N N   . VAL A 1 55  ? -1.600  4.636   -3.347  1.00 30.14 ? 346 VAL A N   1 
ATOM   412 C CA  . VAL A 1 55  ? -2.151  3.292   -3.291  1.00 31.35 ? 346 VAL A CA  1 
ATOM   413 C C   . VAL A 1 55  ? -1.437  2.322   -4.248  1.00 33.46 ? 346 VAL A C   1 
ATOM   414 O O   . VAL A 1 55  ? -0.892  2.726   -5.291  1.00 32.96 ? 346 VAL A O   1 
ATOM   415 C CB  . VAL A 1 55  ? -3.681  3.283   -3.537  1.00 30.95 ? 346 VAL A CB  1 
ATOM   416 C CG1 . VAL A 1 55  ? -4.365  4.269   -2.614  1.00 31.63 ? 346 VAL A CG1 1 
ATOM   417 C CG2 . VAL A 1 55  ? -4.052  3.596   -4.977  1.00 29.72 ? 346 VAL A CG2 1 
ATOM   418 N N   . ILE A 1 56  ? -1.472  1.043   -3.887  1.00 33.82 ? 347 ILE A N   1 
ATOM   419 C CA  . ILE A 1 56  ? -0.877  -0.016  -4.699  1.00 37.40 ? 347 ILE A CA  1 
ATOM   420 C C   . ILE A 1 56  ? -1.982  -1.070  -4.963  1.00 37.34 ? 347 ILE A C   1 
ATOM   421 O O   . ILE A 1 56  ? -2.817  -1.324  -4.086  1.00 33.37 ? 347 ILE A O   1 
ATOM   422 C CB  . ILE A 1 56  ? 0.397   -0.585  -4.016  1.00 38.81 ? 347 ILE A CB  1 
ATOM   423 C CG1 . ILE A 1 56  ? 1.041   -1.669  -4.864  1.00 43.35 ? 347 ILE A CG1 1 
ATOM   424 C CG2 . ILE A 1 56  ? 0.091   -1.186  -2.655  1.00 38.83 ? 347 ILE A CG2 1 
ATOM   425 C CD1 . ILE A 1 56  ? 2.209   -2.373  -4.187  1.00 45.40 ? 347 ILE A CD1 1 
ATOM   426 N N   . ARG A 1 57  ? -2.009  -1.655  -6.168  1.00 38.68 ? 348 ARG A N   1 
ATOM   427 C CA  . ARG A 1 57  ? -3.019  -2.698  -6.494  1.00 40.41 ? 348 ARG A CA  1 
ATOM   428 C C   . ARG A 1 57  ? -2.686  -3.996  -5.758  1.00 42.07 ? 348 ARG A C   1 
ATOM   429 O O   . ARG A 1 57  ? -1.503  -4.325  -5.563  1.00 43.30 ? 348 ARG A O   1 
ATOM   430 C CB  . ARG A 1 57  ? -3.140  -2.954  -8.013  1.00 40.42 ? 348 ARG A CB  1 
ATOM   431 N N   . VAL A 1 58  ? -3.731  -4.703  -5.328  1.00 42.46 ? 349 VAL A N   1 
ATOM   432 C CA  . VAL A 1 58  ? -3.614  -5.972  -4.612  1.00 43.76 ? 349 VAL A CA  1 
ATOM   433 C C   . VAL A 1 58  ? -4.268  -7.071  -5.453  1.00 45.30 ? 349 VAL A C   1 
ATOM   434 O O   . VAL A 1 58  ? -5.499  -7.161  -5.489  1.00 46.61 ? 349 VAL A O   1 
ATOM   435 C CB  . VAL A 1 58  ? -4.327  -5.913  -3.242  1.00 44.52 ? 349 VAL A CB  1 
ATOM   436 C CG1 . VAL A 1 58  ? -3.988  -7.145  -2.411  0.69 46.71 ? 349 VAL A CG1 1 
ATOM   437 C CG2 . VAL A 1 58  ? -3.971  -4.640  -2.495  0.76 44.80 ? 349 VAL A CG2 1 
ATOM   438 N N   . ARG A 1 59  ? -3.458  -7.913  -6.107  1.00 46.32 ? 350 ARG A N   1 
ATOM   439 C CA  . ARG A 1 59  ? -3.987  -9.066  -6.858  1.00 47.73 ? 350 ARG A CA  1 
ATOM   440 C C   . ARG A 1 59  ? -4.826  -10.006 -5.925  1.00 53.79 ? 350 ARG A C   1 
ATOM   441 O O   . ARG A 1 59  ? -4.759  -9.892  -4.689  1.00 54.18 ? 350 ARG A O   1 
ATOM   442 C CB  . ARG A 1 59  ? -2.872  -9.805  -7.621  1.00 42.26 ? 350 ARG A CB  1 
ATOM   443 N N   . PRO A 1 60  ? -5.674  -10.885 -6.507  1.00 62.37 ? 351 PRO A N   1 
ATOM   444 C CA  . PRO A 1 60  ? -6.676  -11.646 -5.711  1.00 63.23 ? 351 PRO A CA  1 
ATOM   445 C C   . PRO A 1 60  ? -6.191  -12.502 -4.520  1.00 63.34 ? 351 PRO A C   1 
ATOM   446 O O   . PRO A 1 60  ? -6.820  -12.460 -3.454  1.00 64.25 ? 351 PRO A O   1 
ATOM   447 C CB  . PRO A 1 60  ? -7.342  -12.527 -6.767  1.00 63.76 ? 351 PRO A CB  1 
ATOM   448 C CG  . PRO A 1 60  ? -7.290  -11.686 -7.997  1.00 63.86 ? 351 PRO A CG  1 
ATOM   449 C CD  . PRO A 1 60  ? -5.952  -11.002 -7.955  1.00 62.24 ? 351 PRO A CD  1 
ATOM   450 N N   . GLY A 1 61  ? -5.121  -13.278 -4.691  1.00 59.85 ? 352 GLY A N   1 
ATOM   451 C CA  . GLY A 1 61  ? -4.571  -14.076 -3.581  1.00 62.18 ? 352 GLY A CA  1 
ATOM   452 C C   . GLY A 1 61  ? -3.908  -13.207 -2.517  1.00 65.07 ? 352 GLY A C   1 
ATOM   453 O O   . GLY A 1 61  ? -4.196  -13.334 -1.328  1.00 69.26 ? 352 GLY A O   1 
ATOM   454 N N   . GLU A 1 62  ? -3.051  -12.301 -2.994  1.00 65.59 ? 353 GLU A N   1 
ATOM   455 C CA  . GLU A 1 62  ? -2.165  -11.414 -2.203  1.00 63.09 ? 353 GLU A CA  1 
ATOM   456 C C   . GLU A 1 62  ? -2.662  -10.906 -0.858  1.00 56.88 ? 353 GLU A C   1 
ATOM   457 O O   . GLU A 1 62  ? -3.774  -10.411 -0.755  1.00 57.41 ? 353 GLU A O   1 
ATOM   458 C CB  . GLU A 1 62  ? -1.804  -10.149 -3.005  1.00 71.45 ? 353 GLU A CB  1 
ATOM   459 C CG  . GLU A 1 62  ? -1.354  -10.307 -4.458  1.00 81.42 ? 353 GLU A CG  1 
ATOM   460 C CD  . GLU A 1 62  ? -0.067  -11.095 -4.644  1.00 88.99 ? 353 GLU A CD  1 
ATOM   461 O OE1 . GLU A 1 62  ? 0.058   -12.249 -4.155  1.00 87.99 ? 353 GLU A OE1 1 
ATOM   462 O OE2 . GLU A 1 62  ? 0.827   -10.549 -5.327  1.00 97.28 ? 353 GLU A OE2 1 
ATOM   463 N N   . ASN A 1 63  ? -1.789  -10.976 0.145   1.00 55.82 ? 354 ASN A N   1 
ATOM   464 C CA  . ASN A 1 63  ? -2.008  -10.349 1.449   1.00 52.74 ? 354 ASN A CA  1 
ATOM   465 C C   . ASN A 1 63  ? -1.262  -9.030  1.533   1.00 48.56 ? 354 ASN A C   1 
ATOM   466 O O   . ASN A 1 63  ? -0.448  -8.703  0.650   1.00 46.06 ? 354 ASN A O   1 
ATOM   467 C CB  . ASN A 1 63  ? -1.516  -11.267 2.561   1.00 56.25 ? 354 ASN A CB  1 
ATOM   468 C CG  . ASN A 1 63  ? -2.217  -12.608 2.551   1.00 59.90 ? 354 ASN A CG  1 
ATOM   469 O OD1 . ASN A 1 63  ? -1.681  -13.591 2.035   1.00 63.05 ? 354 ASN A OD1 1 
ATOM   470 N ND2 . ASN A 1 63  ? -3.433  -12.651 3.098   1.00 57.10 ? 354 ASN A ND2 1 
ATOM   471 N N   . VAL A 1 64  ? -1.542  -8.294  2.613   1.00 42.69 ? 355 VAL A N   1 
ATOM   472 C CA  . VAL A 1 64  ? -0.935  -6.996  2.890   1.00 39.10 ? 355 VAL A CA  1 
ATOM   473 C C   . VAL A 1 64  ? -0.120  -7.066  4.170   1.00 39.31 ? 355 VAL A C   1 
ATOM   474 O O   . VAL A 1 64  ? -0.518  -7.722  5.144   1.00 38.48 ? 355 VAL A O   1 
ATOM   475 C CB  . VAL A 1 64  ? -2.006  -5.909  3.045   1.00 37.68 ? 355 VAL A CB  1 
ATOM   476 C CG1 . VAL A 1 64  ? -1.381  -4.529  3.145   1.00 36.98 ? 355 VAL A CG1 1 
ATOM   477 C CG2 . VAL A 1 64  ? -2.965  -5.971  1.877   1.00 37.62 ? 355 VAL A CG2 1 
ATOM   478 N N   . TRP A 1 65  ? 1.007   -6.355  4.158   1.00 38.89 ? 356 TRP A N   1 
ATOM   479 C CA  . TRP A 1 65  ? 2.008   -6.457  5.202   1.00 39.80 ? 356 TRP A CA  1 
ATOM   480 C C   . TRP A 1 65  ? 2.520   -5.088  5.581   1.00 38.69 ? 356 TRP A C   1 
ATOM   481 O O   . TRP A 1 65  ? 2.665   -4.240  4.732   1.00 40.19 ? 356 TRP A O   1 
ATOM   482 C CB  . TRP A 1 65  ? 3.202   -7.309  4.715   1.00 40.18 ? 356 TRP A CB  1 
ATOM   483 C CG  . TRP A 1 65  ? 2.822   -8.652  4.118   1.00 41.28 ? 356 TRP A CG  1 
ATOM   484 C CD1 . TRP A 1 65  ? 2.511   -8.921  2.802   1.00 41.20 ? 356 TRP A CD1 1 
ATOM   485 C CD2 . TRP A 1 65  ? 2.709   -9.896  4.814   1.00 40.76 ? 356 TRP A CD2 1 
ATOM   486 N NE1 . TRP A 1 65  ? 2.210   -10.257 2.650   1.00 40.69 ? 356 TRP A NE1 1 
ATOM   487 C CE2 . TRP A 1 65  ? 2.325   -10.876 3.868   1.00 40.49 ? 356 TRP A CE2 1 
ATOM   488 C CE3 . TRP A 1 65  ? 2.896   -10.280 6.147   1.00 41.28 ? 356 TRP A CE3 1 
ATOM   489 C CZ2 . TRP A 1 65  ? 2.118   -12.210 4.220   1.00 40.78 ? 356 TRP A CZ2 1 
ATOM   490 C CZ3 . TRP A 1 65  ? 2.693   -11.615 6.494   1.00 40.37 ? 356 TRP A CZ3 1 
ATOM   491 C CH2 . TRP A 1 65  ? 2.310   -12.560 5.536   1.00 40.40 ? 356 TRP A CH2 1 
ATOM   492 N N   . ARG A 1 66  ? 2.811   -4.890  6.857   1.00 41.03 ? 357 ARG A N   1 
ATOM   493 C CA  . ARG A 1 66  ? 3.574   -3.741  7.325   1.00 42.25 ? 357 ARG A CA  1 
ATOM   494 C C   . ARG A 1 66  ? 4.941   -4.267  7.733   1.00 41.37 ? 357 ARG A C   1 
ATOM   495 O O   . ARG A 1 66  ? 5.034   -5.286  8.410   1.00 37.33 ? 357 ARG A O   1 
ATOM   496 C CB  . ARG A 1 66  ? 2.902   -3.101  8.545   1.00 44.11 ? 357 ARG A CB  1 
ATOM   497 C CG  . ARG A 1 66  ? 3.367   -1.672  8.829   1.00 46.71 ? 357 ARG A CG  1 
ATOM   498 C CD  . ARG A 1 66  ? 3.346   -1.286  10.307  1.00 48.06 ? 357 ARG A CD  1 
ATOM   499 N NE  . ARG A 1 66  ? 2.185   -1.840  11.004  1.00 51.35 ? 357 ARG A NE  1 
ATOM   500 C CZ  . ARG A 1 66  ? 2.200   -2.827  11.909  1.00 55.99 ? 357 ARG A CZ  1 
ATOM   501 N NH1 . ARG A 1 66  ? 3.339   -3.415  12.307  1.00 56.47 ? 357 ARG A NH1 1 
ATOM   502 N NH2 . ARG A 1 66  ? 1.043   -3.233  12.435  1.00 57.83 ? 357 ARG A NH2 1 
ATOM   503 N N   . CYS A 1 67  ? 5.998   -3.574  7.325   1.00 43.63 ? 358 CYS A N   1 
ATOM   504 C CA  . CYS A 1 67  ? 7.355   -3.960  7.697   1.00 43.39 ? 358 CYS A CA  1 
ATOM   505 C C   . CYS A 1 67  ? 7.580   -3.609  9.157   1.00 45.46 ? 358 CYS A C   1 
ATOM   506 O O   . CYS A 1 67  ? 7.567   -2.427  9.513   1.00 47.43 ? 358 CYS A O   1 
ATOM   507 C CB  . CYS A 1 67  ? 8.386   -3.244  6.825   1.00 42.46 ? 358 CYS A CB  1 
ATOM   508 S SG  . CYS A 1 67  ? 10.090  -3.553  7.354   1.00 39.15 ? 358 CYS A SG  1 
ATOM   509 N N   . CYS A 1 68  ? 7.764   -4.632  9.996   1.00 49.49 ? 359 CYS A N   1 
ATOM   510 C CA  . CYS A 1 68  ? 8.016   -4.450  11.443  1.00 49.15 ? 359 CYS A CA  1 
ATOM   511 C C   . CYS A 1 68  ? 9.492   -4.341  11.778  1.00 51.60 ? 359 CYS A C   1 
ATOM   512 O O   . CYS A 1 68  ? 9.825   -3.871  12.858  1.00 56.84 ? 359 CYS A O   1 
ATOM   513 C CB  . CYS A 1 68  ? 7.347   -5.540  12.305  1.00 48.08 ? 359 CYS A CB  1 
ATOM   514 S SG  . CYS A 1 68  ? 7.711   -7.273  11.947  1.00 48.69 ? 359 CYS A SG  1 
ATOM   515 N N   . GLN A 1 69  ? 10.374  -4.759  10.870  1.00 52.76 ? 360 GLN A N   1 
ATOM   516 C CA  . GLN A 1 69  ? 11.801  -4.511  11.032  1.00 51.36 ? 360 GLN A CA  1 
ATOM   517 C C   . GLN A 1 69  ? 12.518  -4.211  9.716   1.00 46.34 ? 360 GLN A C   1 
ATOM   518 O O   . GLN A 1 69  ? 12.500  -5.058  8.823   1.00 46.76 ? 360 GLN A O   1 
ATOM   519 C CB  . GLN A 1 69  ? 12.454  -5.723  11.670  1.00 57.60 ? 360 GLN A CB  1 
ATOM   520 C CG  . GLN A 1 69  ? 13.909  -5.448  12.051  1.00 63.61 ? 360 GLN A CG  1 
ATOM   521 C CD  . GLN A 1 69  ? 14.571  -6.624  12.718  1.00 66.22 ? 360 GLN A CD  1 
ATOM   522 O OE1 . GLN A 1 69  ? 13.902  -7.555  13.177  1.00 64.46 ? 360 GLN A OE1 1 
ATOM   523 N NE2 . GLN A 1 69  ? 15.904  -6.593  12.771  1.00 74.47 ? 360 GLN A NE2 1 
ATOM   524 N N   . PRO A 1 70  ? 13.211  -3.052  9.608   1.00 40.69 ? 361 PRO A N   1 
ATOM   525 C CA  . PRO A 1 70  ? 13.896  -2.749  8.330   1.00 41.17 ? 361 PRO A CA  1 
ATOM   526 C C   . PRO A 1 70  ? 14.720  -3.920  7.774   1.00 43.37 ? 361 PRO A C   1 
ATOM   527 O O   . PRO A 1 70  ? 15.346  -4.663  8.536   1.00 49.33 ? 361 PRO A O   1 
ATOM   528 C CB  . PRO A 1 70  ? 14.830  -1.568  8.661   1.00 38.37 ? 361 PRO A CB  1 
ATOM   529 C CG  . PRO A 1 70  ? 14.535  -1.161  10.059  1.00 38.26 ? 361 PRO A CG  1 
ATOM   530 C CD  . PRO A 1 70  ? 13.398  -1.986  10.607  1.00 38.06 ? 361 PRO A CD  1 
ATOM   531 N N   . PHE A 1 71  ? 14.682  -4.082  6.461   1.00 44.21 ? 362 PHE A N   1 
ATOM   532 C CA  . PHE A 1 71  ? 15.435  -5.103  5.771   1.00 44.16 ? 362 PHE A CA  1 
ATOM   533 C C   . PHE A 1 71  ? 15.893  -4.547  4.443   1.00 46.46 ? 362 PHE A C   1 
ATOM   534 O O   . PHE A 1 71  ? 15.082  -4.197  3.604   1.00 50.50 ? 362 PHE A O   1 
ATOM   535 C CB  . PHE A 1 71  ? 14.604  -6.366  5.523   1.00 44.63 ? 362 PHE A CB  1 
ATOM   536 C CG  . PHE A 1 71  ? 15.330  -7.401  4.697   1.00 46.17 ? 362 PHE A CG  1 
ATOM   537 C CD1 . PHE A 1 71  ? 16.187  -8.337  5.307   1.00 46.18 ? 362 PHE A CD1 1 
ATOM   538 C CD2 . PHE A 1 71  ? 15.206  -7.414  3.306   1.00 44.21 ? 362 PHE A CD2 1 
ATOM   539 C CE1 . PHE A 1 71  ? 16.881  -9.267  4.542   1.00 44.83 ? 362 PHE A CE1 1 
ATOM   540 C CE2 . PHE A 1 71  ? 15.897  -8.342  2.538   1.00 44.30 ? 362 PHE A CE2 1 
ATOM   541 C CZ  . PHE A 1 71  ? 16.736  -9.269  3.155   1.00 44.82 ? 362 PHE A CZ  1 
ATOM   542 N N   . SER A 1 72  ? 17.201  -4.497  4.260   1.00 50.63 ? 363 SER A N   1 
ATOM   543 C CA  . SER A 1 72  ? 17.821  -4.120  3.012   1.00 52.94 ? 363 SER A CA  1 
ATOM   544 C C   . SER A 1 72  ? 18.635  -5.328  2.490   1.00 52.74 ? 363 SER A C   1 
ATOM   545 O O   . SER A 1 72  ? 19.267  -6.039  3.263   1.00 51.38 ? 363 SER A O   1 
ATOM   546 C CB  . SER A 1 72  ? 18.687  -2.895  3.303   1.00 55.24 ? 363 SER A CB  1 
ATOM   547 O OG  . SER A 1 72  ? 19.486  -2.562  2.200   1.00 59.17 ? 363 SER A OG  1 
ATOM   548 N N   . GLY A 1 73  ? 18.595  -5.583  1.188   1.00 56.97 ? 364 GLY A N   1 
ATOM   549 C CA  . GLY A 1 73  ? 19.420  -6.655  0.580   1.00 62.48 ? 364 GLY A CA  1 
ATOM   550 C C   . GLY A 1 73  ? 19.771  -6.391  -0.882  1.00 67.69 ? 364 GLY A C   1 
ATOM   551 O O   . GLY A 1 73  ? 19.139  -5.544  -1.520  1.00 70.61 ? 364 GLY A O   1 
ATOM   552 N N   . ASN A 1 74  ? 20.753  -7.125  -1.419  1.00 74.38 ? 365 ASN A N   1 
ATOM   553 C CA  . ASN A 1 74  ? 21.269  -6.884  -2.796  1.00 80.05 ? 365 ASN A CA  1 
ATOM   554 C C   . ASN A 1 74  ? 20.228  -7.227  -3.874  1.00 81.21 ? 365 ASN A C   1 
ATOM   555 O O   . ASN A 1 74  ? 19.914  -8.409  -4.081  1.00 78.16 ? 365 ASN A O   1 
ATOM   556 C CB  . ASN A 1 74  ? 22.586  -7.656  -3.071  1.00 75.66 ? 365 ASN A CB  1 
ATOM   557 N N   . LYS A 1 75  ? 19.695  -6.190  -4.539  1.00 81.22 ? 366 LYS A N   1 
ATOM   558 C CA  . LYS A 1 75  ? 18.815  -6.350  -5.712  1.00 79.54 ? 366 LYS A CA  1 
ATOM   559 C C   . LYS A 1 75  ? 19.364  -7.420  -6.676  1.00 78.97 ? 366 LYS A C   1 
ATOM   560 O O   . LYS A 1 75  ? 18.618  -8.310  -7.081  1.00 76.51 ? 366 LYS A O   1 
ATOM   561 C CB  . LYS A 1 75  ? 18.614  -5.008  -6.436  1.00 74.78 ? 366 LYS A CB  1 
ATOM   562 N N   . GLU A 1 76  ? 20.672  -7.354  -6.971  1.00 78.13 ? 367 GLU A N   1 
ATOM   563 C CA  . GLU A 1 76  ? 21.395  -8.348  -7.802  1.00 76.10 ? 367 GLU A CA  1 
ATOM   564 C C   . GLU A 1 76  ? 21.148  -9.828  -7.445  1.00 74.24 ? 367 GLU A C   1 
ATOM   565 O O   . GLU A 1 76  ? 21.117  -10.665 -8.341  1.00 76.16 ? 367 GLU A O   1 
ATOM   566 C CB  . GLU A 1 76  ? 22.912  -8.073  -7.783  1.00 70.75 ? 367 GLU A CB  1 
ATOM   567 N N   . GLN A 1 77  ? 20.985  -10.140 -6.157  1.00 73.84 ? 368 GLN A N   1 
ATOM   568 C CA  . GLN A 1 77  ? 20.733  -11.525 -5.691  1.00 74.16 ? 368 GLN A CA  1 
ATOM   569 C C   . GLN A 1 77  ? 19.245  -11.859 -5.604  1.00 64.46 ? 368 GLN A C   1 
ATOM   570 O O   . GLN A 1 77  ? 18.420  -10.979 -5.399  1.00 60.81 ? 368 GLN A O   1 
ATOM   571 C CB  . GLN A 1 77  ? 21.399  -11.780 -4.325  1.00 80.10 ? 368 GLN A CB  1 
ATOM   572 C CG  . GLN A 1 77  ? 22.833  -12.293 -4.418  1.00 83.55 ? 368 GLN A CG  1 
ATOM   573 C CD  . GLN A 1 77  ? 23.596  -12.176 -3.106  1.00 86.92 ? 368 GLN A CD  1 
ATOM   574 O OE1 . GLN A 1 77  ? 23.023  -12.303 -2.025  1.00 89.82 ? 368 GLN A OE1 1 
ATOM   575 N NE2 . GLN A 1 77  ? 24.901  -11.944 -3.200  1.00 87.02 ? 368 GLN A NE2 1 
ATOM   576 N N   . TYR A 1 79  ? 16.237  -9.809  -3.798  1.00 40.69 ? 370 TYR A N   1 
ATOM   577 C CA  . TYR A 1 79  ? 16.079  -9.135  -2.487  1.00 44.68 ? 370 TYR A CA  1 
ATOM   578 C C   . TYR A 1 79  ? 15.590  -7.720  -2.640  1.00 45.97 ? 370 TYR A C   1 
ATOM   579 O O   . TYR A 1 79  ? 16.078  -6.981  -3.498  1.00 46.50 ? 370 TYR A O   1 
ATOM   580 C CB  . TYR A 1 79  ? 17.372  -9.083  -1.616  1.00 43.35 ? 370 TYR A CB  1 
ATOM   581 C CG  . TYR A 1 79  ? 17.879  -10.432 -1.154  1.00 42.40 ? 370 TYR A CG  1 
ATOM   582 C CD1 . TYR A 1 79  ? 17.051  -11.295 -0.462  1.00 42.62 ? 370 TYR A CD1 1 
ATOM   583 C CD2 . TYR A 1 79  ? 19.178  -10.852 -1.419  1.00 42.04 ? 370 TYR A CD2 1 
ATOM   584 C CE1 . TYR A 1 79  ? 17.481  -12.550 -0.057  1.00 42.48 ? 370 TYR A CE1 1 
ATOM   585 C CE2 . TYR A 1 79  ? 19.625  -12.108 -1.010  1.00 42.83 ? 370 TYR A CE2 1 
ATOM   586 C CZ  . TYR A 1 79  ? 18.763  -12.959 -0.322  1.00 41.72 ? 370 TYR A CZ  1 
ATOM   587 O OH  . TYR A 1 79  ? 19.142  -14.216 0.091   1.00 37.62 ? 370 TYR A OH  1 
ATOM   588 N N   . MET A 1 80  ? 14.678  -7.343  -1.741  1.00 49.74 ? 371 MET A N   1 
ATOM   589 C CA  . MET A 1 80  ? 14.019  -6.041  -1.742  1.00 49.46 ? 371 MET A CA  1 
ATOM   590 C C   . MET A 1 80  ? 14.320  -5.264  -0.464  1.00 46.67 ? 371 MET A C   1 
ATOM   591 O O   . MET A 1 80  ? 14.638  -5.855  0.553   1.00 49.19 ? 371 MET A O   1 
ATOM   592 C CB  . MET A 1 80  ? 12.509  -6.256  -1.858  1.00 51.28 ? 371 MET A CB  1 
ATOM   593 C CG  . MET A 1 80  ? 11.829  -5.243  -2.751  1.00 52.62 ? 371 MET A CG  1 
ATOM   594 S SD  . MET A 1 80  ? 10.266  -4.739  -2.045  1.00 57.16 ? 371 MET A SD  1 
ATOM   595 C CE  . MET A 1 80  ? 10.457  -2.963  -2.155  1.00 57.93 ? 371 MET A CE  1 
ATOM   596 N N   . SER A 1 81  ? 14.199  -3.943  -0.526  1.00 46.01 ? 372 SER A N   1 
ATOM   597 C CA  . SER A 1 81  ? 14.339  -3.075  0.648   1.00 45.87 ? 372 SER A CA  1 
ATOM   598 C C   . SER A 1 81  ? 13.000  -2.694  1.214   1.00 43.50 ? 372 SER A C   1 
ATOM   599 O O   . SER A 1 81  ? 12.047  -2.530  0.460   1.00 47.73 ? 372 SER A O   1 
ATOM   600 C CB  . SER A 1 81  ? 15.079  -1.797  0.289   1.00 47.24 ? 372 SER A CB  1 
ATOM   601 O OG  . SER A 1 81  ? 16.449  -2.078  0.145   1.00 52.44 ? 372 SER A OG  1 
ATOM   602 N N   . LEU A 1 82  ? 12.948  -2.530  2.536   1.00 40.55 ? 373 LEU A N   1 
ATOM   603 C CA  . LEU A 1 82  ? 11.765  -2.036  3.250   1.00 38.89 ? 373 LEU A CA  1 
ATOM   604 C C   . LEU A 1 82  ? 12.217  -1.205  4.449   1.00 40.88 ? 373 LEU A C   1 
ATOM   605 O O   . LEU A 1 82  ? 12.989  -1.695  5.290   1.00 39.38 ? 373 LEU A O   1 
ATOM   606 C CB  . LEU A 1 82  ? 10.872  -3.180  3.748   1.00 37.46 ? 373 LEU A CB  1 
ATOM   607 C CG  . LEU A 1 82  ? 10.175  -4.105  2.746   1.00 37.88 ? 373 LEU A CG  1 
ATOM   608 C CD1 . LEU A 1 82  ? 9.382   -5.183  3.466   1.00 38.36 ? 373 LEU A CD1 1 
ATOM   609 C CD2 . LEU A 1 82  ? 9.229   -3.380  1.810   1.00 40.37 ? 373 LEU A CD2 1 
ATOM   610 N N   . LYS A 1 83  ? 11.751  0.048   4.520   1.00 41.11 ? 374 LYS A N   1 
ATOM   611 C CA  . LYS A 1 83  ? 11.988  0.889   5.691   1.00 40.82 ? 374 LYS A CA  1 
ATOM   612 C C   . LYS A 1 83  ? 10.956  0.458   6.748   1.00 40.55 ? 374 LYS A C   1 
ATOM   613 O O   . LYS A 1 83  ? 10.073  -0.347  6.463   1.00 39.03 ? 374 LYS A O   1 
ATOM   614 C CB  . LYS A 1 83  ? 11.906  2.382   5.330   1.00 39.12 ? 374 LYS A CB  1 
ATOM   615 N N   . GLU A 1 84  ? 11.089  0.959   7.971   1.00 42.31 ? 375 GLU A N   1 
ATOM   616 C CA  . GLU A 1 84  ? 10.184  0.587   9.074   1.00 42.78 ? 375 GLU A CA  1 
ATOM   617 C C   . GLU A 1 84  ? 8.766   1.069   8.776   1.00 41.29 ? 375 GLU A C   1 
ATOM   618 O O   . GLU A 1 84  ? 8.579   2.188   8.328   1.00 38.19 ? 375 GLU A O   1 
ATOM   619 C CB  . GLU A 1 84  ? 10.674  1.182   10.410  1.00 44.02 ? 375 GLU A CB  1 
ATOM   620 C CG  . GLU A 1 84  ? 9.716   1.068   11.608  1.00 46.27 ? 375 GLU A CG  1 
ATOM   621 C CD  . GLU A 1 84  ? 10.007  -0.100  12.521  1.00 49.11 ? 375 GLU A CD  1 
ATOM   622 O OE1 . GLU A 1 84  ? 9.095   -0.935  12.736  1.00 50.41 ? 375 GLU A OE1 1 
ATOM   623 O OE2 . GLU A 1 84  ? 11.152  -0.167  13.042  1.00 56.91 ? 375 GLU A OE2 1 
ATOM   624 N N   . ASN A 1 85  ? 7.789   0.204   9.043   1.00 41.34 ? 376 ASN A N   1 
ATOM   625 C CA  . ASN A 1 85  ? 6.347   0.455   8.798   1.00 43.36 ? 376 ASN A CA  1 
ATOM   626 C C   . ASN A 1 85  ? 5.873   0.547   7.331   1.00 41.09 ? 376 ASN A C   1 
ATOM   627 O O   . ASN A 1 85  ? 4.675   0.706   7.079   1.00 42.15 ? 376 ASN A O   1 
ATOM   628 C CB  . ASN A 1 85  ? 5.832   1.661   9.601   1.00 43.09 ? 376 ASN A CB  1 
ATOM   629 C CG  . ASN A 1 85  ? 5.954   1.450   11.087  1.00 41.75 ? 376 ASN A CG  1 
ATOM   630 O OD1 . ASN A 1 85  ? 5.548   0.424   11.616  1.00 42.04 ? 376 ASN A OD1 1 
ATOM   631 N ND2 . ASN A 1 85  ? 6.526   2.415   11.764  1.00 43.92 ? 376 ASN A ND2 1 
ATOM   632 N N   . GLN A 1 86  ? 6.793   0.388   6.382   1.00 38.46 ? 377 GLN A N   1 
ATOM   633 C CA  . GLN A 1 86  ? 6.471   0.460   4.978   1.00 36.48 ? 377 GLN A CA  1 
ATOM   634 C C   . GLN A 1 86  ? 5.512   -0.659  4.634   1.00 35.09 ? 377 GLN A C   1 
ATOM   635 O O   . GLN A 1 86  ? 5.687   -1.793  5.087   1.00 35.95 ? 377 GLN A O   1 
ATOM   636 C CB  . GLN A 1 86  ? 7.748   0.358   4.146   1.00 37.68 ? 377 GLN A CB  1 
ATOM   637 C CG  . GLN A 1 86  ? 7.535   0.364   2.645   1.00 39.86 ? 377 GLN A CG  1 
ATOM   638 C CD  . GLN A 1 86  ? 8.827   0.443   1.877   1.00 40.64 ? 377 GLN A CD  1 
ATOM   639 O OE1 . GLN A 1 86  ? 9.873   0.791   2.428   1.00 46.25 ? 377 GLN A OE1 1 
ATOM   640 N NE2 . GLN A 1 86  ? 8.766   0.122   0.586   1.00 40.96 ? 377 GLN A NE2 1 
ATOM   641 N N   . ILE A 1 87  ? 4.498   -0.317  3.843   1.00 34.87 ? 378 ILE A N   1 
ATOM   642 C CA  . ILE A 1 87  ? 3.451   -1.253  3.410   1.00 34.40 ? 378 ILE A CA  1 
ATOM   643 C C   . ILE A 1 87  ? 3.877   -2.000  2.136   1.00 32.78 ? 378 ILE A C   1 
ATOM   644 O O   . ILE A 1 87  ? 4.524   -1.432  1.244   1.00 31.67 ? 378 ILE A O   1 
ATOM   645 C CB  . ILE A 1 87  ? 2.113   -0.517  3.151   1.00 35.08 ? 378 ILE A CB  1 
ATOM   646 C CG1 . ILE A 1 87  ? 1.653   0.270   4.395   1.00 37.00 ? 378 ILE A CG1 1 
ATOM   647 C CG2 . ILE A 1 87  ? 1.032   -1.488  2.689   1.00 35.49 ? 378 ILE A CG2 1 
ATOM   648 C CD1 . ILE A 1 87  ? 1.407   -0.578  5.633   1.00 36.86 ? 378 ILE A CD1 1 
ATOM   649 N N   . CYS A 1 88  ? 3.523   -3.273  2.054   1.00 30.83 ? 379 CYS A N   1 
ATOM   650 C CA  . CYS A 1 88  ? 3.768   -4.021  0.840   1.00 33.25 ? 379 CYS A CA  1 
ATOM   651 C C   . CYS A 1 88  ? 2.730   -5.120  0.658   1.00 33.14 ? 379 CYS A C   1 
ATOM   652 O O   . CYS A 1 88  ? 1.845   -5.302  1.490   1.00 31.36 ? 379 CYS A O   1 
ATOM   653 C CB  . CYS A 1 88  ? 5.209   -4.555  0.842   1.00 34.03 ? 379 CYS A CB  1 
ATOM   654 S SG  . CYS A 1 88  ? 5.602   -5.612  2.245   1.00 36.56 ? 379 CYS A SG  1 
ATOM   655 N N   . VAL A 1 89  ? 2.878   -5.854  -0.437  1.00 35.95 ? 380 VAL A N   1 
ATOM   656 C CA  . VAL A 1 89  ? 1.873   -6.760  -0.970  1.00 38.27 ? 380 VAL A CA  1 
ATOM   657 C C   . VAL A 1 89  ? 2.562   -8.017  -1.567  1.00 37.30 ? 380 VAL A C   1 
ATOM   658 O O   . VAL A 1 89  ? 3.689   -7.905  -1.990  1.00 35.54 ? 380 VAL A O   1 
ATOM   659 C CB  . VAL A 1 89  ? 1.098   -5.920  -2.016  1.00 40.53 ? 380 VAL A CB  1 
ATOM   660 C CG1 . VAL A 1 89  ? 0.800   -6.674  -3.311  1.00 42.43 ? 380 VAL A CG1 1 
ATOM   661 C CG2 . VAL A 1 89  ? -0.143  -5.312  -1.381  1.00 41.43 ? 380 VAL A CG2 1 
ATOM   662 N N   . GLY A 1 90  ? 1.904   -9.184  -1.615  1.00 41.27 ? 381 GLY A N   1 
ATOM   663 C CA  . GLY A 1 90  ? 2.447   -10.389 -2.323  1.00 43.05 ? 381 GLY A CA  1 
ATOM   664 C C   . GLY A 1 90  ? 3.037   -10.137 -3.736  1.00 46.90 ? 381 GLY A C   1 
ATOM   665 O O   . GLY A 1 90  ? 3.450   -11.057 -4.502  1.00 46.34 ? 381 GLY A O   1 
ATOM   666 N N   . ASP A 1 98  ? 10.017  -20.537 1.734   1.00 63.04 ? 389 ASP A N   1 
ATOM   667 C CA  . ASP A 1 98  ? 10.127  -20.569 3.192   1.00 62.65 ? 389 ASP A CA  1 
ATOM   668 C C   . ASP A 1 98  ? 11.183  -19.609 3.713   1.00 61.10 ? 389 ASP A C   1 
ATOM   669 O O   . ASP A 1 98  ? 12.323  -19.589 3.224   1.00 66.18 ? 389 ASP A O   1 
ATOM   670 C CB  . ASP A 1 98  ? 10.474  -21.978 3.687   1.00 63.52 ? 389 ASP A CB  1 
ATOM   671 C CG  . ASP A 1 98  ? 9.249   -22.790 4.057   1.00 68.24 ? 389 ASP A CG  1 
ATOM   672 O OD1 . ASP A 1 98  ? 8.146   -22.217 4.242   1.00 66.74 ? 389 ASP A OD1 1 
ATOM   673 O OD2 . ASP A 1 98  ? 9.408   -24.020 4.178   1.00 64.80 ? 389 ASP A OD2 1 
ATOM   674 N N   . GLY A 1 99  ? 10.800  -18.820 4.713   1.00 51.66 ? 390 GLY A N   1 
ATOM   675 C CA  . GLY A 1 99  ? 11.697  -17.857 5.323   1.00 46.77 ? 390 GLY A CA  1 
ATOM   676 C C   . GLY A 1 99  ? 11.655  -16.522 4.618   1.00 40.87 ? 390 GLY A C   1 
ATOM   677 O O   . GLY A 1 99  ? 11.549  -15.490 5.273   1.00 37.66 ? 390 GLY A O   1 
ATOM   678 N N   . PHE A 1 100 ? 11.778  -16.554 3.288   1.00 39.37 ? 391 PHE A N   1 
ATOM   679 C CA  . PHE A 1 100 ? 11.549  -15.394 2.414   1.00 38.26 ? 391 PHE A CA  1 
ATOM   680 C C   . PHE A 1 100 ? 10.140  -15.379 1.835   1.00 38.25 ? 391 PHE A C   1 
ATOM   681 O O   . PHE A 1 100 ? 9.521   -16.415 1.735   1.00 41.29 ? 391 PHE A O   1 
ATOM   682 C CB  . PHE A 1 100 ? 12.568  -15.371 1.273   1.00 36.79 ? 391 PHE A CB  1 
ATOM   683 C CG  . PHE A 1 100 ? 13.977  -15.152 1.744   1.00 36.39 ? 391 PHE A CG  1 
ATOM   684 C CD1 . PHE A 1 100 ? 14.334  -13.962 2.353   1.00 36.26 ? 391 PHE A CD1 1 
ATOM   685 C CD2 . PHE A 1 100 ? 14.943  -16.135 1.596   1.00 37.20 ? 391 PHE A CD2 1 
ATOM   686 C CE1 . PHE A 1 100 ? 15.617  -13.744 2.808   1.00 35.75 ? 391 PHE A CE1 1 
ATOM   687 C CE2 . PHE A 1 100 ? 16.236  -15.921 2.047   1.00 37.19 ? 391 PHE A CE2 1 
ATOM   688 C CZ  . PHE A 1 100 ? 16.568  -14.725 2.660   1.00 36.33 ? 391 PHE A CZ  1 
ATOM   689 N N   . ILE A 1 101 ? 9.628   -14.185 1.513   1.00 40.09 ? 392 ILE A N   1 
ATOM   690 C CA  . ILE A 1 101 ? 8.424   -14.014 0.669   1.00 39.00 ? 392 ILE A CA  1 
ATOM   691 C C   . ILE A 1 101 ? 8.695   -12.945 -0.404  1.00 36.00 ? 392 ILE A C   1 
ATOM   692 O O   . ILE A 1 101 ? 9.325   -11.926 -0.121  1.00 33.35 ? 392 ILE A O   1 
ATOM   693 C CB  . ILE A 1 101 ? 7.156   -13.672 1.488   1.00 42.30 ? 392 ILE A CB  1 
ATOM   694 C CG1 . ILE A 1 101 ? 5.936   -13.509 0.555   1.00 46.85 ? 392 ILE A CG1 1 
ATOM   695 C CG2 . ILE A 1 101 ? 7.351   -12.417 2.341   1.00 43.01 ? 392 ILE A CG2 1 
ATOM   696 C CD1 . ILE A 1 101 ? 4.591   -13.456 1.260   1.00 48.93 ? 392 ILE A CD1 1 
ATOM   697 N N   . ARG A 1 102 ? 8.244   -13.204 -1.634  1.00 34.89 ? 393 ARG A N   1 
ATOM   698 C CA  . ARG A 1 102 ? 8.300   -12.217 -2.708  1.00 35.73 ? 393 ARG A CA  1 
ATOM   699 C C   . ARG A 1 102 ? 7.199   -11.162 -2.456  1.00 35.95 ? 393 ARG A C   1 
ATOM   700 O O   . ARG A 1 102 ? 6.024   -11.500 -2.486  1.00 35.32 ? 393 ARG A O   1 
ATOM   701 C CB  . ARG A 1 102 ? 8.130   -12.906 -4.068  1.00 34.17 ? 393 ARG A CB  1 
ATOM   702 N N   . VAL A 1 103 ? 7.579   -9.915  -2.152  1.00 36.99 ? 394 VAL A N   1 
ATOM   703 C CA  . VAL A 1 103 ? 6.599   -8.791  -2.015  1.00 39.65 ? 394 VAL A CA  1 
ATOM   704 C C   . VAL A 1 103 ? 6.883   -7.619  -2.965  1.00 40.64 ? 394 VAL A C   1 
ATOM   705 O O   . VAL A 1 103 ? 7.967   -7.527  -3.545  1.00 40.40 ? 394 VAL A O   1 
ATOM   706 C CB  . VAL A 1 103 ? 6.501   -8.191  -0.580  1.00 39.74 ? 394 VAL A CB  1 
ATOM   707 C CG1 . VAL A 1 103 ? 6.007   -9.232  0.419   1.00 40.33 ? 394 VAL A CG1 1 
ATOM   708 C CG2 . VAL A 1 103 ? 7.818   -7.543  -0.147  1.00 40.90 ? 394 VAL A CG2 1 
ATOM   709 N N   . SER A 1 104 ? 5.900   -6.730  -3.103  1.00 40.64 ? 395 SER A N   1 
ATOM   710 C CA  . SER A 1 104 ? 6.025   -5.524  -3.916  1.00 42.21 ? 395 SER A CA  1 
ATOM   711 C C   . SER A 1 104 ? 5.699   -4.252  -3.127  1.00 42.58 ? 395 SER A C   1 
ATOM   712 O O   . SER A 1 104 ? 4.793   -4.243  -2.281  1.00 37.83 ? 395 SER A O   1 
ATOM   713 C CB  . SER A 1 104 ? 5.113   -5.620  -5.139  1.00 43.56 ? 395 SER A CB  1 
ATOM   714 O OG  . SER A 1 104 ? 5.101   -4.399  -5.857  1.00 44.29 ? 395 SER A OG  1 
ATOM   715 N N   . SER A 1 105 ? 6.454   -3.193  -3.436  1.00 46.02 ? 396 SER A N   1 
ATOM   716 C CA  . SER A 1 105 ? 6.246   -1.839  -2.907  1.00 50.12 ? 396 SER A CA  1 
ATOM   717 C C   . SER A 1 105 ? 5.421   -0.932  -3.838  1.00 53.28 ? 396 SER A C   1 
ATOM   718 O O   . SER A 1 105 ? 5.059   0.181   -3.434  1.00 53.21 ? 396 SER A O   1 
ATOM   719 C CB  . SER A 1 105 ? 7.611   -1.155  -2.664  1.00 51.37 ? 396 SER A CB  1 
ATOM   720 O OG  . SER A 1 105 ? 8.350   -0.911  -3.871  1.00 47.77 ? 396 SER A OG  1 
ATOM   721 N N   . GLY A 1 106 ? 5.140   -1.398  -5.067  1.00 55.43 ? 397 GLY A N   1 
ATOM   722 C CA  . GLY A 1 106 ? 4.615   -0.558  -6.154  1.00 57.84 ? 397 GLY A CA  1 
ATOM   723 C C   . GLY A 1 106 ? 5.738   -0.197  -7.114  1.00 62.40 ? 397 GLY A C   1 
ATOM   724 O O   . GLY A 1 106 ? 5.712   -0.578  -8.288  1.00 59.50 ? 397 GLY A O   1 
ATOM   725 N N   . LYS A 1 107 ? 6.726   0.532   -6.593  1.00 68.09 ? 398 LYS A N   1 
ATOM   726 C CA  . LYS A 1 107 ? 7.947   0.887   -7.325  1.00 71.51 ? 398 LYS A CA  1 
ATOM   727 C C   . LYS A 1 107 ? 8.801   -0.351  -7.669  1.00 73.54 ? 398 LYS A C   1 
ATOM   728 O O   . LYS A 1 107 ? 9.026   -0.642  -8.852  1.00 74.79 ? 398 LYS A O   1 
ATOM   729 C CB  . LYS A 1 107 ? 8.777   1.906   -6.524  1.00 68.54 ? 398 LYS A CB  1 
ATOM   730 N N   . LYS A 1 108 ? 9.256   -1.077  -6.645  1.00 72.14 ? 399 LYS A N   1 
ATOM   731 C CA  . LYS A 1 108 ? 10.075  -2.296  -6.840  1.00 68.11 ? 399 LYS A CA  1 
ATOM   732 C C   . LYS A 1 108 ? 9.460   -3.568  -6.185  1.00 62.41 ? 399 LYS A C   1 
ATOM   733 O O   . LYS A 1 108 ? 8.689   -3.476  -5.227  1.00 57.95 ? 399 LYS A O   1 
ATOM   734 C CB  . LYS A 1 108 ? 11.501  -2.044  -6.337  1.00 67.56 ? 399 LYS A CB  1 
ATOM   735 N N   . ARG A 1 109 ? 9.779   -4.735  -6.753  1.00 56.67 ? 400 ARG A N   1 
ATOM   736 C CA  . ARG A 1 109 ? 9.385   -6.050  -6.213  1.00 55.31 ? 400 ARG A CA  1 
ATOM   737 C C   . ARG A 1 109 ? 10.645  -6.888  -5.826  1.00 55.42 ? 400 ARG A C   1 
ATOM   738 O O   . ARG A 1 109 ? 11.763  -6.602  -6.275  1.00 52.81 ? 400 ARG A O   1 
ATOM   739 C CB  . ARG A 1 109 ? 8.498   -6.809  -7.217  1.00 50.74 ? 400 ARG A CB  1 
ATOM   740 N N   . GLY A 1 110 ? 10.469  -7.892  -4.966  1.00 51.09 ? 401 GLY A N   1 
ATOM   741 C CA  . GLY A 1 110 ? 11.585  -8.720  -4.510  1.00 48.03 ? 401 GLY A CA  1 
ATOM   742 C C   . GLY A 1 110 ? 11.341  -9.461  -3.207  1.00 48.40 ? 401 GLY A C   1 
ATOM   743 O O   . GLY A 1 110 ? 10.277  -9.335  -2.586  1.00 51.20 ? 401 GLY A O   1 
ATOM   744 N N   . LEU A 1 111 ? 12.357  -10.207 -2.779  1.00 46.49 ? 402 LEU A N   1 
ATOM   745 C CA  . LEU A 1 111 ? 12.263  -11.073 -1.601  1.00 45.39 ? 402 LEU A CA  1 
ATOM   746 C C   . LEU A 1 111 ? 12.588  -10.330 -0.316  1.00 42.59 ? 402 LEU A C   1 
ATOM   747 O O   . LEU A 1 111 ? 13.542  -9.561  -0.274  1.00 43.38 ? 402 LEU A O   1 
ATOM   748 C CB  . LEU A 1 111 ? 13.225  -12.254 -1.734  1.00 46.44 ? 402 LEU A CB  1 
ATOM   749 C CG  . LEU A 1 111 ? 12.889  -13.319 -2.782  1.00 46.02 ? 402 LEU A CG  1 
ATOM   750 C CD1 . LEU A 1 111 ? 14.025  -14.334 -2.854  1.00 47.01 ? 402 LEU A CD1 1 
ATOM   751 C CD2 . LEU A 1 111 ? 11.567  -14.016 -2.480  1.00 44.58 ? 402 LEU A CD2 1 
ATOM   752 N N   . VAL A 1 112 ? 11.784  -10.539 0.721   1.00 39.22 ? 403 VAL A N   1 
ATOM   753 C CA  . VAL A 1 112 ? 12.158  -10.113 2.068   1.00 39.29 ? 403 VAL A CA  1 
ATOM   754 C C   . VAL A 1 112 ? 11.848  -11.257 3.058   1.00 38.38 ? 403 VAL A C   1 
ATOM   755 O O   . VAL A 1 112 ? 11.054  -12.167 2.738   1.00 37.11 ? 403 VAL A O   1 
ATOM   756 C CB  . VAL A 1 112 ? 11.481  -8.782  2.516   1.00 39.95 ? 403 VAL A CB  1 
ATOM   757 C CG1 . VAL A 1 112 ? 11.565  -7.721  1.439   1.00 40.75 ? 403 VAL A CG1 1 
ATOM   758 C CG2 . VAL A 1 112 ? 10.033  -8.996  2.909   1.00 42.85 ? 403 VAL A CG2 1 
ATOM   759 N N   . PRO A 1 113 ? 12.465  -11.221 4.261   1.00 34.87 ? 404 PRO A N   1 
ATOM   760 C CA  . PRO A 1 113 ? 12.140  -12.238 5.257   1.00 33.63 ? 404 PRO A CA  1 
ATOM   761 C C   . PRO A 1 113 ? 10.716  -12.066 5.771   1.00 33.34 ? 404 PRO A C   1 
ATOM   762 O O   . PRO A 1 113 ? 10.309  -10.935 6.041   1.00 34.07 ? 404 PRO A O   1 
ATOM   763 C CB  . PRO A 1 113 ? 13.152  -11.966 6.381   1.00 34.64 ? 404 PRO A CB  1 
ATOM   764 C CG  . PRO A 1 113 ? 14.168  -11.016 5.807   1.00 34.47 ? 404 PRO A CG  1 
ATOM   765 C CD  . PRO A 1 113 ? 13.426  -10.231 4.782   1.00 34.30 ? 404 PRO A CD  1 
ATOM   766 N N   . VAL A 1 114 ? 9.972   -13.161 5.899   1.00 34.30 ? 405 VAL A N   1 
ATOM   767 C CA  . VAL A 1 114 ? 8.586   -13.109 6.411   1.00 37.12 ? 405 VAL A CA  1 
ATOM   768 C C   . VAL A 1 114 ? 8.507   -12.595 7.858   1.00 39.04 ? 405 VAL A C   1 
ATOM   769 O O   . VAL A 1 114 ? 7.497   -11.995 8.264   1.00 38.08 ? 405 VAL A O   1 
ATOM   770 C CB  . VAL A 1 114 ? 7.839   -14.477 6.336   1.00 39.38 ? 405 VAL A CB  1 
ATOM   771 C CG1 . VAL A 1 114 ? 7.638   -14.914 4.895   1.00 40.76 ? 405 VAL A CG1 1 
ATOM   772 C CG2 . VAL A 1 114 ? 8.546   -15.586 7.116   1.00 40.40 ? 405 VAL A CG2 1 
ATOM   773 N N   . ASP A 1 115 ? 9.567   -12.837 8.633   1.00 39.18 ? 406 ASP A N   1 
ATOM   774 C CA  . ASP A 1 115 ? 9.618   -12.381 10.028  1.00 38.52 ? 406 ASP A CA  1 
ATOM   775 C C   . ASP A 1 115 ? 9.875   -10.876 10.171  1.00 35.50 ? 406 ASP A C   1 
ATOM   776 O O   . ASP A 1 115 ? 9.709   -10.333 11.251  1.00 35.06 ? 406 ASP A O   1 
ATOM   777 C CB  . ASP A 1 115 ? 10.637  -13.216 10.818  1.00 39.85 ? 406 ASP A CB  1 
ATOM   778 C CG  . ASP A 1 115 ? 10.191  -14.650 10.978  1.00 40.14 ? 406 ASP A CG  1 
ATOM   779 O OD1 . ASP A 1 115 ? 9.065   -14.852 11.453  1.00 41.21 ? 406 ASP A OD1 1 
ATOM   780 O OD2 . ASP A 1 115 ? 10.932  -15.577 10.608  1.00 40.56 ? 406 ASP A OD2 1 
ATOM   781 N N   . ALA A 1 116 ? 10.261  -10.219 9.082   1.00 33.52 ? 407 ALA A N   1 
ATOM   782 C CA  . ALA A 1 116 ? 10.308  -8.767  9.009   1.00 34.98 ? 407 ALA A CA  1 
ATOM   783 C C   . ALA A 1 116 ? 8.963   -8.103  8.656   1.00 36.30 ? 407 ALA A C   1 
ATOM   784 O O   . ALA A 1 116 ? 8.929   -6.895  8.458   1.00 38.40 ? 407 ALA A O   1 
ATOM   785 C CB  . ALA A 1 116 ? 11.357  -8.355  7.993   1.00 36.47 ? 407 ALA A CB  1 
ATOM   786 N N   . LEU A 1 117 ? 7.872   -8.873  8.577   1.00 37.29 ? 408 LEU A N   1 
ATOM   787 C CA  . LEU A 1 117 ? 6.541   -8.361  8.246   1.00 36.86 ? 408 LEU A CA  1 
ATOM   788 C C   . LEU A 1 117 ? 5.473   -8.790  9.277   1.00 38.65 ? 408 LEU A C   1 
ATOM   789 O O   . LEU A 1 117 ? 5.481   -9.925  9.750   1.00 39.09 ? 408 LEU A O   1 
ATOM   790 C CB  . LEU A 1 117 ? 6.109   -8.894  6.874   1.00 36.12 ? 408 LEU A CB  1 
ATOM   791 C CG  . LEU A 1 117 ? 7.030   -8.772  5.653   1.00 34.13 ? 408 LEU A CG  1 
ATOM   792 C CD1 . LEU A 1 117 ? 6.394   -9.458  4.443   1.00 32.27 ? 408 LEU A CD1 1 
ATOM   793 C CD2 . LEU A 1 117 ? 7.361   -7.312  5.344   1.00 34.28 ? 408 LEU A CD2 1 
ATOM   794 N N   . THR A 1 118 ? 4.571   -7.865  9.608   1.00 42.13 ? 409 THR A N   1 
ATOM   795 C CA  . THR A 1 118 ? 3.273   -8.175  10.223  1.00 44.31 ? 409 THR A CA  1 
ATOM   796 C C   . THR A 1 118 ? 2.226   -8.220  9.107   1.00 45.11 ? 409 THR A C   1 
ATOM   797 O O   . THR A 1 118 ? 2.351   -7.516  8.109   1.00 46.77 ? 409 THR A O   1 
ATOM   798 C CB  . THR A 1 118 ? 2.848   -7.094  11.248  1.00 45.07 ? 409 THR A CB  1 
ATOM   799 O OG1 . THR A 1 118 ? 3.983   -6.668  12.024  1.00 45.32 ? 409 THR A OG1 1 
ATOM   800 C CG2 . THR A 1 118 ? 1.748   -7.629  12.173  1.00 45.38 ? 409 THR A CG2 1 
ATOM   801 N N   . GLU A 1 119 ? 1.203   -9.047  9.266   1.00 46.51 ? 410 GLU A N   1 
ATOM   802 C CA  . GLU A 1 119 ? 0.063   -9.044  8.341   1.00 47.89 ? 410 GLU A CA  1 
ATOM   803 C C   . GLU A 1 119 ? -1.018  -8.078  8.830   1.00 45.73 ? 410 GLU A C   1 
ATOM   804 O O   . GLU A 1 119 ? -1.256  -7.984  10.038  1.00 45.48 ? 410 GLU A O   1 
ATOM   805 C CB  . GLU A 1 119 ? -0.509  -10.444 8.213   1.00 49.54 ? 410 GLU A CB  1 
ATOM   806 C CG  . GLU A 1 119 ? -1.423  -10.633 7.015   1.00 51.32 ? 410 GLU A CG  1 
ATOM   807 C CD  . GLU A 1 119 ? -1.877  -12.067 6.856   1.00 53.35 ? 410 GLU A CD  1 
ATOM   808 O OE1 . GLU A 1 119 ? -2.651  -12.360 5.926   1.00 56.47 ? 410 GLU A OE1 1 
ATOM   809 O OE2 . GLU A 1 119 ? -1.463  -12.917 7.662   1.00 58.09 ? 410 GLU A OE2 1 
ATOM   810 N N   . ILE A 1 120 ? -1.670  -7.384  7.885   1.00 43.83 ? 411 ILE A N   1 
ATOM   811 C CA  . ILE A 1 120 ? -2.686  -6.353  8.182   1.00 40.97 ? 411 ILE A CA  1 
ATOM   812 C C   . ILE A 1 120 ? -3.844  -6.402  7.208   1.00 36.57 ? 411 ILE A C   1 
ATOM   813 O O   . ILE A 1 120 ? -3.844  -7.242  6.311   1.00 34.38 ? 411 ILE A O   1 
ATOM   814 C CB  . ILE A 1 120 ? -2.075  -4.942  8.153   1.00 41.73 ? 411 ILE A CB  1 
ATOM   815 C CG1 . ILE A 1 120 ? -1.412  -4.669  6.804   1.00 42.34 ? 411 ILE A CG1 1 
ATOM   816 C CG2 . ILE A 1 120 ? -1.068  -4.766  9.296   1.00 41.02 ? 411 ILE A CG2 1 
ATOM   817 C CD1 . ILE A 1 120 ? -0.810  -3.286  6.732   1.00 44.64 ? 411 ILE A CD1 1 
HETATM 818 O O   . HOH B 2 .   ? 1.939   4.463   -5.713  1.00 51.78 ? 501 HOH A O   1 
HETATM 819 O O   . HOH B 2 .   ? -17.346 3.659   7.990   1.00 40.92 ? 502 HOH A O   1 
HETATM 820 O O   . HOH B 2 .   ? -9.353  5.813   6.594   1.00 38.73 ? 503 HOH A O   1 
HETATM 821 O O   . HOH B 2 .   ? -6.468  7.181   -13.625 1.00 36.24 ? 504 HOH A O   1 
HETATM 822 O O   . HOH B 2 .   ? -2.521  15.642  3.903   1.00 30.48 ? 505 HOH A O   1 
HETATM 823 O O   . HOH B 2 .   ? 5.791   -21.790 3.028   1.00 42.78 ? 506 HOH A O   1 
HETATM 824 O O   . HOH B 2 .   ? 9.732   -20.401 -0.940  1.00 46.56 ? 507 HOH A O   1 
HETATM 825 O O   . HOH B 2 .   ? -1.137  10.956  -7.107  1.00 27.72 ? 508 HOH A O   1 
HETATM 826 O O   . HOH B 2 .   ? 17.862  -16.335 -1.044  1.00 42.60 ? 509 HOH A O   1 
HETATM 827 O O   . HOH B 2 .   ? 5.804   0.166   -0.553  1.00 35.87 ? 510 HOH A O   1 
HETATM 828 O O   . HOH B 2 .   ? -10.762 10.798  -10.511 1.00 23.42 ? 511 HOH A O   1 
HETATM 829 O O   . HOH B 2 .   ? -21.300 6.291   1.241   1.00 35.43 ? 512 HOH A O   1 
HETATM 830 O O   . HOH B 2 .   ? -9.704  -1.046  5.047   1.00 28.12 ? 513 HOH A O   1 
HETATM 831 O O   . HOH B 2 .   ? -15.414 1.317   -9.832  1.00 23.78 ? 514 HOH A O   1 
HETATM 832 O O   . HOH B 2 .   ? -5.810  21.395  5.933   1.00 41.23 ? 515 HOH A O   1 
HETATM 833 O O   . HOH B 2 .   ? -9.161  0.372   -12.468 1.00 37.38 ? 516 HOH A O   1 
HETATM 834 O O   . HOH B 2 .   ? -18.663 6.835   -9.565  1.00 26.12 ? 517 HOH A O   1 
HETATM 835 O O   . HOH B 2 .   ? 4.333   2.356   2.825   1.00 29.06 ? 518 HOH A O   1 
HETATM 836 O O   . HOH B 2 .   ? -8.413  22.968  1.156   1.00 42.96 ? 519 HOH A O   1 
HETATM 837 O O   . HOH B 2 .   ? -0.798  -5.457  12.608  1.00 50.35 ? 520 HOH A O   1 
HETATM 838 O O   . HOH B 2 .   ? -1.630  13.569  5.925   1.00 36.10 ? 521 HOH A O   1 
HETATM 839 O O   . HOH B 2 .   ? -13.171 15.268  4.191   1.00 21.96 ? 522 HOH A O   1 
HETATM 840 O O   . HOH B 2 .   ? -14.653 -0.474  2.881   1.00 30.79 ? 523 HOH A O   1 
HETATM 841 O O   . HOH B 2 .   ? 3.136   4.648   5.793   1.00 30.62 ? 524 HOH A O   1 
HETATM 842 O O   . HOH B 2 .   ? -4.365  11.743  12.956  1.00 26.19 ? 525 HOH A O   1 
HETATM 843 O O   . HOH B 2 .   ? 2.166   7.234   6.295   1.00 32.64 ? 526 HOH A O   1 
HETATM 844 O O   . HOH B 2 .   ? -12.071 -1.220  -6.789  1.00 33.32 ? 527 HOH A O   1 
HETATM 845 O O   . HOH B 2 .   ? -17.817 10.429  3.053   1.00 37.60 ? 528 HOH A O   1 
HETATM 846 O O   . HOH B 2 .   ? -7.302  1.870   -12.579 1.00 43.52 ? 529 HOH A O   1 
HETATM 847 O O   . HOH B 2 .   ? -12.136 12.740  -11.220 1.00 41.15 ? 530 HOH A O   1 
HETATM 848 O O   . HOH B 2 .   ? -7.004  -6.478  -0.456  1.00 49.20 ? 531 HOH A O   1 
HETATM 849 O O   . HOH B 2 .   ? -14.947 11.050  3.713   1.00 34.42 ? 532 HOH A O   1 
HETATM 850 O O   . HOH B 2 .   ? -21.994 2.771   2.212   1.00 39.50 ? 533 HOH A O   1 
# 
